data_1PAE
# 
_entry.id   1PAE 
# 
_audit_conform.dict_name       mmcif_pdbx.dic 
_audit_conform.dict_version    5.397 
_audit_conform.dict_location   http://mmcif.pdb.org/dictionaries/ascii/mmcif_pdbx.dic 
# 
loop_
_database_2.database_id 
_database_2.database_code 
_database_2.pdbx_database_accession 
_database_2.pdbx_DOI 
PDB   1PAE         pdb_00001pae 10.2210/pdb1pae/pdb 
RCSB  RCSB019203   ?            ?                   
WWPDB D_1000019203 ?            ?                   
# 
loop_
_pdbx_audit_revision_history.ordinal 
_pdbx_audit_revision_history.data_content_type 
_pdbx_audit_revision_history.major_revision 
_pdbx_audit_revision_history.minor_revision 
_pdbx_audit_revision_history.revision_date 
1 'Structure model' 1 0 2003-11-11 
2 'Structure model' 1 1 2008-04-29 
3 'Structure model' 1 2 2011-07-13 
4 'Structure model' 1 3 2014-02-19 
5 'Structure model' 1 4 2014-08-06 
6 'Structure model' 1 5 2021-10-27 
7 'Structure model' 1 6 2024-10-30 
# 
_pdbx_audit_revision_details.ordinal             1 
_pdbx_audit_revision_details.revision_ordinal    1 
_pdbx_audit_revision_details.data_content_type   'Structure model' 
_pdbx_audit_revision_details.provider            repository 
_pdbx_audit_revision_details.type                'Initial release' 
_pdbx_audit_revision_details.description         ? 
_pdbx_audit_revision_details.details             ? 
# 
loop_
_pdbx_audit_revision_group.ordinal 
_pdbx_audit_revision_group.revision_ordinal 
_pdbx_audit_revision_group.data_content_type 
_pdbx_audit_revision_group.group 
1  2 'Structure model' 'Version format compliance' 
2  3 'Structure model' 'Derived calculations'      
3  3 'Structure model' 'Version format compliance' 
4  4 'Structure model' 'Atomic model'              
5  4 'Structure model' 'Structure summary'         
6  5 'Structure model' 'Derived calculations'      
7  5 'Structure model' 'Structure summary'         
8  6 'Structure model' 'Database references'       
9  6 'Structure model' 'Derived calculations'      
10 7 'Structure model' 'Data collection'           
11 7 'Structure model' 'Structure summary'         
# 
loop_
_pdbx_audit_revision_category.ordinal 
_pdbx_audit_revision_category.revision_ordinal 
_pdbx_audit_revision_category.data_content_type 
_pdbx_audit_revision_category.category 
1 6 'Structure model' database_2                
2 6 'Structure model' struct_conn               
3 6 'Structure model' struct_ref_seq_dif        
4 6 'Structure model' struct_site               
5 7 'Structure model' chem_comp_atom            
6 7 'Structure model' chem_comp_bond            
7 7 'Structure model' pdbx_entry_details        
8 7 'Structure model' pdbx_modification_feature 
# 
loop_
_pdbx_audit_revision_item.ordinal 
_pdbx_audit_revision_item.revision_ordinal 
_pdbx_audit_revision_item.data_content_type 
_pdbx_audit_revision_item.item 
1 6 'Structure model' '_database_2.pdbx_DOI'                
2 6 'Structure model' '_database_2.pdbx_database_accession' 
3 6 'Structure model' '_struct_conn.pdbx_leaving_atom_flag' 
4 6 'Structure model' '_struct_ref_seq_dif.details'         
5 6 'Structure model' '_struct_site.pdbx_auth_asym_id'      
6 6 'Structure model' '_struct_site.pdbx_auth_comp_id'      
7 6 'Structure model' '_struct_site.pdbx_auth_seq_id'       
# 
_pdbx_database_status.status_code                     REL 
_pdbx_database_status.entry_id                        1PAE 
_pdbx_database_status.recvd_initial_deposition_date   2003-05-14 
_pdbx_database_status.deposit_site                    RCSB 
_pdbx_database_status.process_site                    RCSB 
_pdbx_database_status.status_code_sf                  REL 
_pdbx_database_status.SG_entry                        . 
_pdbx_database_status.status_code_mr                  ? 
_pdbx_database_status.status_code_cs                  ? 
_pdbx_database_status.pdb_format_compatible           Y 
_pdbx_database_status.status_code_nmr_data            ? 
_pdbx_database_status.methods_development_category    ? 
# 
loop_
_audit_author.name 
_audit_author.pdbx_ordinal 
'Strub, M.-P.'   1 
'Hoh, F.'        2 
'Sanchez, J.-F.' 3 
'Strub, J.M.'    4 
'Bock, A.'       5 
'Aumelas, A.'    6 
'Dumas, C.'      7 
# 
loop_
_citation.id 
_citation.title 
_citation.journal_abbrev 
_citation.journal_volume 
_citation.page_first 
_citation.page_last 
_citation.year 
_citation.journal_id_ASTM 
_citation.country 
_citation.journal_id_ISSN 
_citation.journal_id_CSD 
_citation.book_publisher 
_citation.pdbx_database_id_PubMed 
_citation.pdbx_database_id_DOI 
primary 'Selenomethionine and Selenocysteine Double Labeling Strategy for Crystallographic Phasing' Structure 11 1359 1367 2003 
STRUE6 UK 0969-2126 2005 ? 14604526 10.1016/j.str.2003.09.014       
1       
;Structure of the cathelicidin motif of protegrin-3 precursor: structural insights into the activation mechanism of an antimicrobial protein.
;
Structure 10 1363 1370 2002 STRUE6 UK 0969-2126 2005 ? ?        '10.1016/S0969-2126(02)00859-6' 
# 
loop_
_citation_author.citation_id 
_citation_author.name 
_citation_author.ordinal 
_citation_author.identifier_ORCID 
primary 'Strub, M.-P.'   1  ? 
primary 'Hoh, F.'        2  ? 
primary 'Sanchez, J.-F.' 3  ? 
primary 'Strub, J.M.'    4  ? 
primary 'Bock, A.'       5  ? 
primary 'Aumelas, A.'    6  ? 
primary 'Dumas, C.'      7  ? 
1       'Sanchez, J.-F.' 8  ? 
1       'Hoh, F.'        9  ? 
1       'Strub, M.-P.'   10 ? 
1       'Aumelas, A.'    11 ? 
1       'Dumas, C.'      12 ? 
# 
loop_
_entity.id 
_entity.type 
_entity.src_method 
_entity.pdbx_description 
_entity.formula_weight 
_entity.pdbx_number_of_molecules 
_entity.pdbx_ec 
_entity.pdbx_mutation 
_entity.pdbx_fragment 
_entity.details 
1 polymer     man 'Nucleoside diphosphate kinase, cytosolic' 16968.912 1  2.7.4.6 H122C ? ? 
2 non-polymer syn 'SELENIUM ATOM'                            78.960    2  ?       ?     ? ? 
3 water       nat water                                      18.015    15 ?       ?     ? ? 
# 
_entity_name_com.entity_id   1 
_entity_name_com.name        'NDK, NDP kinase' 
# 
_entity_poly.entity_id                      1 
_entity_poly.type                           'polypeptide(L)' 
_entity_poly.nstd_linkage                   no 
_entity_poly.nstd_monomer                   yes 
_entity_poly.pdbx_seq_one_letter_code       
;(MSE)STNKVNKERTFLAVKPDGVARGLVGEIIARYEKKGFVLVGLKQLVPTKDLAESHYAEHKERPFFGGLVSFITSGP
VVA(MSE)VFEGKGVVASARL(MSE)IGVTNPLASAPGSIRGDFGVDVGRNIIUGSDSVESANREIALWFKPEELLTEVK
PNPNLYE
;
_entity_poly.pdbx_seq_one_letter_code_can   
;MSTNKVNKERTFLAVKPDGVARGLVGEIIARYEKKGFVLVGLKQLVPTKDLAESHYAEHKERPFFGGLVSFITSGPVVAM
VFEGKGVVASARLMIGVTNPLASAPGSIRGDFGVDVGRNIIUGSDSVESANREIALWFKPEELLTEVKPNPNLYE
;
_entity_poly.pdbx_strand_id                 X 
_entity_poly.pdbx_target_identifier         ? 
# 
loop_
_pdbx_entity_nonpoly.entity_id 
_pdbx_entity_nonpoly.name 
_pdbx_entity_nonpoly.comp_id 
2 'SELENIUM ATOM' SE  
3 water           HOH 
# 
loop_
_entity_poly_seq.entity_id 
_entity_poly_seq.num 
_entity_poly_seq.mon_id 
_entity_poly_seq.hetero 
1 1   MSE n 
1 2   SER n 
1 3   THR n 
1 4   ASN n 
1 5   LYS n 
1 6   VAL n 
1 7   ASN n 
1 8   LYS n 
1 9   GLU n 
1 10  ARG n 
1 11  THR n 
1 12  PHE n 
1 13  LEU n 
1 14  ALA n 
1 15  VAL n 
1 16  LYS n 
1 17  PRO n 
1 18  ASP n 
1 19  GLY n 
1 20  VAL n 
1 21  ALA n 
1 22  ARG n 
1 23  GLY n 
1 24  LEU n 
1 25  VAL n 
1 26  GLY n 
1 27  GLU n 
1 28  ILE n 
1 29  ILE n 
1 30  ALA n 
1 31  ARG n 
1 32  TYR n 
1 33  GLU n 
1 34  LYS n 
1 35  LYS n 
1 36  GLY n 
1 37  PHE n 
1 38  VAL n 
1 39  LEU n 
1 40  VAL n 
1 41  GLY n 
1 42  LEU n 
1 43  LYS n 
1 44  GLN n 
1 45  LEU n 
1 46  VAL n 
1 47  PRO n 
1 48  THR n 
1 49  LYS n 
1 50  ASP n 
1 51  LEU n 
1 52  ALA n 
1 53  GLU n 
1 54  SER n 
1 55  HIS n 
1 56  TYR n 
1 57  ALA n 
1 58  GLU n 
1 59  HIS n 
1 60  LYS n 
1 61  GLU n 
1 62  ARG n 
1 63  PRO n 
1 64  PHE n 
1 65  PHE n 
1 66  GLY n 
1 67  GLY n 
1 68  LEU n 
1 69  VAL n 
1 70  SER n 
1 71  PHE n 
1 72  ILE n 
1 73  THR n 
1 74  SER n 
1 75  GLY n 
1 76  PRO n 
1 77  VAL n 
1 78  VAL n 
1 79  ALA n 
1 80  MSE n 
1 81  VAL n 
1 82  PHE n 
1 83  GLU n 
1 84  GLY n 
1 85  LYS n 
1 86  GLY n 
1 87  VAL n 
1 88  VAL n 
1 89  ALA n 
1 90  SER n 
1 91  ALA n 
1 92  ARG n 
1 93  LEU n 
1 94  MSE n 
1 95  ILE n 
1 96  GLY n 
1 97  VAL n 
1 98  THR n 
1 99  ASN n 
1 100 PRO n 
1 101 LEU n 
1 102 ALA n 
1 103 SER n 
1 104 ALA n 
1 105 PRO n 
1 106 GLY n 
1 107 SER n 
1 108 ILE n 
1 109 ARG n 
1 110 GLY n 
1 111 ASP n 
1 112 PHE n 
1 113 GLY n 
1 114 VAL n 
1 115 ASP n 
1 116 VAL n 
1 117 GLY n 
1 118 ARG n 
1 119 ASN n 
1 120 ILE n 
1 121 ILE n 
1 122 SEC n 
1 123 GLY n 
1 124 SER n 
1 125 ASP n 
1 126 SER n 
1 127 VAL n 
1 128 GLU n 
1 129 SER n 
1 130 ALA n 
1 131 ASN n 
1 132 ARG n 
1 133 GLU n 
1 134 ILE n 
1 135 ALA n 
1 136 LEU n 
1 137 TRP n 
1 138 PHE n 
1 139 LYS n 
1 140 PRO n 
1 141 GLU n 
1 142 GLU n 
1 143 LEU n 
1 144 LEU n 
1 145 THR n 
1 146 GLU n 
1 147 VAL n 
1 148 LYS n 
1 149 PRO n 
1 150 ASN n 
1 151 PRO n 
1 152 ASN n 
1 153 LEU n 
1 154 TYR n 
1 155 GLU n 
# 
_entity_src_gen.entity_id                          1 
_entity_src_gen.pdbx_src_id                        1 
_entity_src_gen.pdbx_alt_source_flag               sample 
_entity_src_gen.pdbx_seq_type                      ? 
_entity_src_gen.pdbx_beg_seq_num                   ? 
_entity_src_gen.pdbx_end_seq_num                   ? 
_entity_src_gen.gene_src_common_name               ? 
_entity_src_gen.gene_src_genus                     Dictyostelium 
_entity_src_gen.pdbx_gene_src_gene                 ndk 
_entity_src_gen.gene_src_species                   ? 
_entity_src_gen.gene_src_strain                    ? 
_entity_src_gen.gene_src_tissue                    ? 
_entity_src_gen.gene_src_tissue_fraction           ? 
_entity_src_gen.gene_src_details                   ? 
_entity_src_gen.pdbx_gene_src_fragment             ? 
_entity_src_gen.pdbx_gene_src_scientific_name      'Dictyostelium discoideum' 
_entity_src_gen.pdbx_gene_src_ncbi_taxonomy_id     44689 
_entity_src_gen.pdbx_gene_src_variant              ? 
_entity_src_gen.pdbx_gene_src_cell_line            ? 
_entity_src_gen.pdbx_gene_src_atcc                 ? 
_entity_src_gen.pdbx_gene_src_organ                ? 
_entity_src_gen.pdbx_gene_src_organelle            ? 
_entity_src_gen.pdbx_gene_src_cell                 ? 
_entity_src_gen.pdbx_gene_src_cellular_location    ? 
_entity_src_gen.host_org_common_name               ? 
_entity_src_gen.pdbx_host_org_scientific_name      'Escherichia coli' 
_entity_src_gen.pdbx_host_org_ncbi_taxonomy_id     562 
_entity_src_gen.host_org_genus                     Escherichia 
_entity_src_gen.pdbx_host_org_gene                 ? 
_entity_src_gen.pdbx_host_org_organ                ? 
_entity_src_gen.host_org_species                   ? 
_entity_src_gen.pdbx_host_org_tissue               ? 
_entity_src_gen.pdbx_host_org_tissue_fraction      ? 
_entity_src_gen.pdbx_host_org_strain               'BL21(DE3) selB::kan Cys51E' 
_entity_src_gen.pdbx_host_org_variant              ? 
_entity_src_gen.pdbx_host_org_cell_line            ? 
_entity_src_gen.pdbx_host_org_atcc                 ? 
_entity_src_gen.pdbx_host_org_culture_collection   ? 
_entity_src_gen.pdbx_host_org_cell                 ? 
_entity_src_gen.pdbx_host_org_organelle            ? 
_entity_src_gen.pdbx_host_org_cellular_location    ? 
_entity_src_gen.pdbx_host_org_vector_type          plasmid 
_entity_src_gen.pdbx_host_org_vector               ? 
_entity_src_gen.host_org_details                   ? 
_entity_src_gen.expression_system_id               ? 
_entity_src_gen.plasmid_name                       pET 
_entity_src_gen.plasmid_details                    ? 
_entity_src_gen.pdbx_description                   ? 
# 
loop_
_chem_comp.id 
_chem_comp.type 
_chem_comp.mon_nstd_flag 
_chem_comp.name 
_chem_comp.pdbx_synonyms 
_chem_comp.formula 
_chem_comp.formula_weight 
ALA 'L-peptide linking' y ALANINE          ? 'C3 H7 N O2'     89.093  
ARG 'L-peptide linking' y ARGININE         ? 'C6 H15 N4 O2 1' 175.209 
ASN 'L-peptide linking' y ASPARAGINE       ? 'C4 H8 N2 O3'    132.118 
ASP 'L-peptide linking' y 'ASPARTIC ACID'  ? 'C4 H7 N O4'     133.103 
GLN 'L-peptide linking' y GLUTAMINE        ? 'C5 H10 N2 O3'   146.144 
GLU 'L-peptide linking' y 'GLUTAMIC ACID'  ? 'C5 H9 N O4'     147.129 
GLY 'peptide linking'   y GLYCINE          ? 'C2 H5 N O2'     75.067  
HIS 'L-peptide linking' y HISTIDINE        ? 'C6 H10 N3 O2 1' 156.162 
HOH non-polymer         . WATER            ? 'H2 O'           18.015  
ILE 'L-peptide linking' y ISOLEUCINE       ? 'C6 H13 N O2'    131.173 
LEU 'L-peptide linking' y LEUCINE          ? 'C6 H13 N O2'    131.173 
LYS 'L-peptide linking' y LYSINE           ? 'C6 H15 N2 O2 1' 147.195 
MET 'L-peptide linking' y METHIONINE       ? 'C5 H11 N O2 S'  149.211 
MSE 'L-peptide linking' n SELENOMETHIONINE ? 'C5 H11 N O2 Se' 196.106 
PHE 'L-peptide linking' y PHENYLALANINE    ? 'C9 H11 N O2'    165.189 
PRO 'L-peptide linking' y PROLINE          ? 'C5 H9 N O2'     115.130 
SE  non-polymer         . 'SELENIUM ATOM'  ? Se               78.960  
SEC 'L-peptide linking' y SELENOCYSTEINE   ? 'C3 H7 N O2 Se'  168.053 
SER 'L-peptide linking' y SERINE           ? 'C3 H7 N O3'     105.093 
THR 'L-peptide linking' y THREONINE        ? 'C4 H9 N O3'     119.119 
TRP 'L-peptide linking' y TRYPTOPHAN       ? 'C11 H12 N2 O2'  204.225 
TYR 'L-peptide linking' y TYROSINE         ? 'C9 H11 N O3'    181.189 
VAL 'L-peptide linking' y VALINE           ? 'C5 H11 N O2'    117.146 
# 
loop_
_pdbx_poly_seq_scheme.asym_id 
_pdbx_poly_seq_scheme.entity_id 
_pdbx_poly_seq_scheme.seq_id 
_pdbx_poly_seq_scheme.mon_id 
_pdbx_poly_seq_scheme.ndb_seq_num 
_pdbx_poly_seq_scheme.pdb_seq_num 
_pdbx_poly_seq_scheme.auth_seq_num 
_pdbx_poly_seq_scheme.pdb_mon_id 
_pdbx_poly_seq_scheme.auth_mon_id 
_pdbx_poly_seq_scheme.pdb_strand_id 
_pdbx_poly_seq_scheme.pdb_ins_code 
_pdbx_poly_seq_scheme.hetero 
A 1 1   MSE 1   1   ?   ?   ?   X . n 
A 1 2   SER 2   2   ?   ?   ?   X . n 
A 1 3   THR 3   3   ?   ?   ?   X . n 
A 1 4   ASN 4   4   ?   ?   ?   X . n 
A 1 5   LYS 5   5   ?   ?   ?   X . n 
A 1 6   VAL 6   6   ?   ?   ?   X . n 
A 1 7   ASN 7   7   ?   ?   ?   X . n 
A 1 8   LYS 8   8   8   LYS LYS X . n 
A 1 9   GLU 9   9   9   GLU GLU X . n 
A 1 10  ARG 10  10  10  ARG ARG X . n 
A 1 11  THR 11  11  11  THR THR X . n 
A 1 12  PHE 12  12  12  PHE PHE X . n 
A 1 13  LEU 13  13  13  LEU LEU X . n 
A 1 14  ALA 14  14  14  ALA ALA X . n 
A 1 15  VAL 15  15  15  VAL VAL X . n 
A 1 16  LYS 16  16  16  LYS LYS X . n 
A 1 17  PRO 17  17  17  PRO PRO X . n 
A 1 18  ASP 18  18  18  ASP ASP X . n 
A 1 19  GLY 19  19  19  GLY GLY X . n 
A 1 20  VAL 20  20  20  VAL VAL X . n 
A 1 21  ALA 21  21  21  ALA ALA X . n 
A 1 22  ARG 22  22  22  ARG ARG X . n 
A 1 23  GLY 23  23  23  GLY GLY X . n 
A 1 24  LEU 24  24  24  LEU LEU X . n 
A 1 25  VAL 25  25  25  VAL VAL X . n 
A 1 26  GLY 26  26  26  GLY GLY X . n 
A 1 27  GLU 27  27  27  GLU GLU X . n 
A 1 28  ILE 28  28  28  ILE ILE X . n 
A 1 29  ILE 29  29  29  ILE ILE X . n 
A 1 30  ALA 30  30  30  ALA ALA X . n 
A 1 31  ARG 31  31  31  ARG ARG X . n 
A 1 32  TYR 32  32  32  TYR TYR X . n 
A 1 33  GLU 33  33  33  GLU GLU X . n 
A 1 34  LYS 34  34  34  LYS LYS X . n 
A 1 35  LYS 35  35  35  LYS LYS X . n 
A 1 36  GLY 36  36  36  GLY GLY X . n 
A 1 37  PHE 37  37  37  PHE PHE X . n 
A 1 38  VAL 38  38  38  VAL VAL X . n 
A 1 39  LEU 39  39  39  LEU LEU X . n 
A 1 40  VAL 40  40  40  VAL VAL X . n 
A 1 41  GLY 41  41  41  GLY GLY X . n 
A 1 42  LEU 42  42  42  LEU LEU X . n 
A 1 43  LYS 43  43  43  LYS LYS X . n 
A 1 44  GLN 44  44  44  GLN GLN X . n 
A 1 45  LEU 45  45  45  LEU LEU X . n 
A 1 46  VAL 46  46  46  VAL VAL X . n 
A 1 47  PRO 47  47  47  PRO PRO X . n 
A 1 48  THR 48  48  48  THR THR X . n 
A 1 49  LYS 49  49  49  LYS LYS X . n 
A 1 50  ASP 50  50  50  ASP ASP X . n 
A 1 51  LEU 51  51  51  LEU LEU X . n 
A 1 52  ALA 52  52  52  ALA ALA X . n 
A 1 53  GLU 53  53  53  GLU GLU X . n 
A 1 54  SER 54  54  54  SER SER X . n 
A 1 55  HIS 55  55  55  HIS HIS X . n 
A 1 56  TYR 56  56  56  TYR TYR X . n 
A 1 57  ALA 57  57  57  ALA ALA X . n 
A 1 58  GLU 58  58  58  GLU GLU X . n 
A 1 59  HIS 59  59  59  HIS HIS X . n 
A 1 60  LYS 60  60  60  LYS LYS X . n 
A 1 61  GLU 61  61  61  GLU GLU X . n 
A 1 62  ARG 62  62  62  ARG ARG X . n 
A 1 63  PRO 63  63  63  PRO PRO X . n 
A 1 64  PHE 64  64  64  PHE PHE X . n 
A 1 65  PHE 65  65  65  PHE PHE X . n 
A 1 66  GLY 66  66  66  GLY GLY X . n 
A 1 67  GLY 67  67  67  GLY GLY X . n 
A 1 68  LEU 68  68  68  LEU LEU X . n 
A 1 69  VAL 69  69  69  VAL VAL X . n 
A 1 70  SER 70  70  70  SER SER X . n 
A 1 71  PHE 71  71  71  PHE PHE X . n 
A 1 72  ILE 72  72  72  ILE ILE X . n 
A 1 73  THR 73  73  73  THR THR X . n 
A 1 74  SER 74  74  74  SER SER X . n 
A 1 75  GLY 75  75  75  GLY GLY X . n 
A 1 76  PRO 76  76  76  PRO PRO X . n 
A 1 77  VAL 77  77  77  VAL VAL X . n 
A 1 78  VAL 78  78  78  VAL VAL X . n 
A 1 79  ALA 79  79  79  ALA ALA X . n 
A 1 80  MSE 80  80  80  MSE MSE X . n 
A 1 81  VAL 81  81  81  VAL VAL X . n 
A 1 82  PHE 82  82  82  PHE PHE X . n 
A 1 83  GLU 83  83  83  GLU GLU X . n 
A 1 84  GLY 84  84  84  GLY GLY X . n 
A 1 85  LYS 85  85  85  LYS LYS X . n 
A 1 86  GLY 86  86  86  GLY GLY X . n 
A 1 87  VAL 87  87  87  VAL VAL X . n 
A 1 88  VAL 88  88  88  VAL VAL X . n 
A 1 89  ALA 89  89  89  ALA ALA X . n 
A 1 90  SER 90  90  90  SER SER X . n 
A 1 91  ALA 91  91  91  ALA ALA X . n 
A 1 92  ARG 92  92  92  ARG ARG X . n 
A 1 93  LEU 93  93  93  LEU LEU X . n 
A 1 94  MSE 94  94  94  MSE MSE X . n 
A 1 95  ILE 95  95  95  ILE ILE X . n 
A 1 96  GLY 96  96  96  GLY GLY X . n 
A 1 97  VAL 97  97  97  VAL VAL X . n 
A 1 98  THR 98  98  98  THR THR X . n 
A 1 99  ASN 99  99  99  ASN ASN X . n 
A 1 100 PRO 100 100 100 PRO PRO X . n 
A 1 101 LEU 101 101 101 LEU LEU X . n 
A 1 102 ALA 102 102 102 ALA ALA X . n 
A 1 103 SER 103 103 103 SER SER X . n 
A 1 104 ALA 104 104 104 ALA ALA X . n 
A 1 105 PRO 105 105 105 PRO PRO X . n 
A 1 106 GLY 106 106 106 GLY GLY X . n 
A 1 107 SER 107 107 107 SER SER X . n 
A 1 108 ILE 108 108 108 ILE ILE X . n 
A 1 109 ARG 109 109 109 ARG ARG X . n 
A 1 110 GLY 110 110 110 GLY GLY X . n 
A 1 111 ASP 111 111 111 ASP ASP X . n 
A 1 112 PHE 112 112 112 PHE PHE X . n 
A 1 113 GLY 113 113 113 GLY GLY X . n 
A 1 114 VAL 114 114 114 VAL VAL X . n 
A 1 115 ASP 115 115 115 ASP ASP X . n 
A 1 116 VAL 116 116 116 VAL VAL X . n 
A 1 117 GLY 117 117 117 GLY GLY X . n 
A 1 118 ARG 118 118 118 ARG ARG X . n 
A 1 119 ASN 119 119 119 ASN ASN X . n 
A 1 120 ILE 120 120 120 ILE ILE X . n 
A 1 121 ILE 121 121 121 ILE ILE X . n 
A 1 122 SEC 122 122 122 SEC SEC X . n 
A 1 123 GLY 123 123 123 GLY GLY X . n 
A 1 124 SER 124 124 124 SER SER X . n 
A 1 125 ASP 125 125 125 ASP ASP X . n 
A 1 126 SER 126 126 126 SER SER X . n 
A 1 127 VAL 127 127 127 VAL VAL X . n 
A 1 128 GLU 128 128 128 GLU GLU X . n 
A 1 129 SER 129 129 129 SER SER X . n 
A 1 130 ALA 130 130 130 ALA ALA X . n 
A 1 131 ASN 131 131 131 ASN ASN X . n 
A 1 132 ARG 132 132 132 ARG ARG X . n 
A 1 133 GLU 133 133 133 GLU GLU X . n 
A 1 134 ILE 134 134 134 ILE ILE X . n 
A 1 135 ALA 135 135 135 ALA ALA X . n 
A 1 136 LEU 136 136 136 LEU LEU X . n 
A 1 137 TRP 137 137 137 TRP TRP X . n 
A 1 138 PHE 138 138 138 PHE PHE X . n 
A 1 139 LYS 139 139 139 LYS LYS X . n 
A 1 140 PRO 140 140 140 PRO PRO X . n 
A 1 141 GLU 141 141 141 GLU GLU X . n 
A 1 142 GLU 142 142 142 GLU GLU X . n 
A 1 143 LEU 143 143 143 LEU LEU X . n 
A 1 144 LEU 144 144 144 LEU LEU X . n 
A 1 145 THR 145 145 145 THR THR X . n 
A 1 146 GLU 146 146 146 GLU GLU X . n 
A 1 147 VAL 147 147 147 VAL VAL X . n 
A 1 148 LYS 148 148 148 LYS LYS X . n 
A 1 149 PRO 149 149 149 PRO PRO X . n 
A 1 150 ASN 150 150 150 ASN ASN X . n 
A 1 151 PRO 151 151 151 PRO PRO X . n 
A 1 152 ASN 152 152 152 ASN ASN X . n 
A 1 153 LEU 153 153 153 LEU LEU X . n 
A 1 154 TYR 154 154 154 TYR TYR X . n 
A 1 155 GLU 155 155 155 GLU GLU X . n 
# 
loop_
_pdbx_nonpoly_scheme.asym_id 
_pdbx_nonpoly_scheme.entity_id 
_pdbx_nonpoly_scheme.mon_id 
_pdbx_nonpoly_scheme.ndb_seq_num 
_pdbx_nonpoly_scheme.pdb_seq_num 
_pdbx_nonpoly_scheme.auth_seq_num 
_pdbx_nonpoly_scheme.pdb_mon_id 
_pdbx_nonpoly_scheme.auth_mon_id 
_pdbx_nonpoly_scheme.pdb_strand_id 
_pdbx_nonpoly_scheme.pdb_ins_code 
B 2 SE  1  156 121 SE  SE  X . 
C 2 SE  1  157 123 SE  SE  X . 
D 3 HOH 1  158 1   HOH HOH X . 
D 3 HOH 2  159 2   HOH HOH X . 
D 3 HOH 3  160 3   HOH HOH X . 
D 3 HOH 4  161 4   HOH HOH X . 
D 3 HOH 5  162 5   HOH HOH X . 
D 3 HOH 6  163 6   HOH HOH X . 
D 3 HOH 7  164 7   HOH HOH X . 
D 3 HOH 8  165 8   HOH HOH X . 
D 3 HOH 9  166 9   HOH HOH X . 
D 3 HOH 10 167 10  HOH HOH X . 
D 3 HOH 11 168 11  HOH HOH X . 
D 3 HOH 12 169 12  HOH HOH X . 
D 3 HOH 13 170 13  HOH HOH X . 
D 3 HOH 14 171 14  HOH HOH X . 
D 3 HOH 15 172 15  HOH HOH X . 
# 
loop_
_software.name 
_software.classification 
_software.version 
_software.citation_id 
_software.pdbx_ordinal 
REFMAC    refinement       5.1.24 ? 1 
DENZO     'data reduction' .      ? 2 
SCALEPACK 'data scaling'   .      ? 3 
SHARP     phasing          .      ? 4 
# 
_cell.entry_id           1PAE 
_cell.length_a           76.633 
_cell.length_b           76.633 
_cell.length_c           106.510 
_cell.angle_alpha        90.00 
_cell.angle_beta         90.00 
_cell.angle_gamma        120.00 
_cell.Z_PDB              12 
_cell.pdbx_unique_axis   ? 
# 
_symmetry.entry_id                         1PAE 
_symmetry.space_group_name_H-M             'P 63 2 2' 
_symmetry.pdbx_full_space_group_name_H-M   ? 
_symmetry.cell_setting                     ? 
_symmetry.Int_Tables_number                182 
# 
_exptl.entry_id          1PAE 
_exptl.method            'X-RAY DIFFRACTION' 
_exptl.crystals_number   1 
# 
_exptl_crystal.id                    1 
_exptl_crystal.density_meas          ? 
_exptl_crystal.density_Matthews      2.66 
_exptl_crystal.density_percent_sol   53.74 
_exptl_crystal.description           ? 
# 
_exptl_crystal_grow.crystal_id      1 
_exptl_crystal_grow.method          'VAPOR DIFFUSION, HANGING DROP' 
_exptl_crystal_grow.temp            291 
_exptl_crystal_grow.temp_details    ? 
_exptl_crystal_grow.pH              7.5 
_exptl_crystal_grow.pdbx_details    'PEG 6000, magnesium chloride,Tris, pH 7.5, VAPOR DIFFUSION, HANGING DROP, temperature 291K' 
_exptl_crystal_grow.pdbx_pH_range   . 
# 
_diffrn.id                     1 
_diffrn.ambient_temp           293.0 
_diffrn.ambient_temp_details   ? 
_diffrn.crystal_id             1 
# 
_diffrn_detector.diffrn_id              1 
_diffrn_detector.detector               'IMAGE PLATE' 
_diffrn_detector.type                   MARRESEARCH 
_diffrn_detector.pdbx_collection_date   2003-03-15 
_diffrn_detector.details                mirrors 
# 
_diffrn_radiation.diffrn_id                        1 
_diffrn_radiation.wavelength_id                    1 
_diffrn_radiation.pdbx_monochromatic_or_laue_m_l   M 
_diffrn_radiation.monochromator                    mirrors 
_diffrn_radiation.pdbx_diffrn_protocol             SAD 
_diffrn_radiation.pdbx_scattering_type             x-ray 
# 
_diffrn_radiation_wavelength.id           1 
_diffrn_radiation_wavelength.wavelength   0.9754 
_diffrn_radiation_wavelength.wt           1.0 
# 
_diffrn_source.diffrn_id                   1 
_diffrn_source.source                      SYNCHROTRON 
_diffrn_source.type                        'LURE BEAMLINE DW32' 
_diffrn_source.pdbx_synchrotron_site       LURE 
_diffrn_source.pdbx_synchrotron_beamline   DW32 
_diffrn_source.pdbx_wavelength             ? 
_diffrn_source.pdbx_wavelength_list        0.9754 
# 
_reflns.entry_id                     1PAE 
_reflns.observed_criterion_sigma_F   0.0 
_reflns.observed_criterion_sigma_I   0.0 
_reflns.d_resolution_high            2.70 
_reflns.d_resolution_low             24.71 
_reflns.number_all                   5418 
_reflns.number_obs                   5418 
_reflns.percent_possible_obs         98.4 
_reflns.pdbx_Rmerge_I_obs            0.074 
_reflns.pdbx_Rsym_value              0.074 
_reflns.pdbx_netI_over_sigmaI        18.7 
_reflns.B_iso_Wilson_estimate        40. 
_reflns.pdbx_redundancy              23.0 
_reflns.R_free_details               ? 
_reflns.limit_h_max                  ? 
_reflns.limit_h_min                  ? 
_reflns.limit_k_max                  ? 
_reflns.limit_k_min                  ? 
_reflns.limit_l_max                  ? 
_reflns.limit_l_min                  ? 
_reflns.observed_criterion_F_max     ? 
_reflns.observed_criterion_F_min     ? 
_reflns.pdbx_ordinal                 1 
_reflns.pdbx_diffrn_id               1 
# 
_reflns_shell.d_res_high             2.70 
_reflns_shell.d_res_low              2.77 
_reflns_shell.percent_possible_all   97.4 
_reflns_shell.Rmerge_I_obs           ? 
_reflns_shell.pdbx_Rsym_value        ? 
_reflns_shell.meanI_over_sigI_obs    ? 
_reflns_shell.pdbx_redundancy        ? 
_reflns_shell.percent_possible_obs   ? 
_reflns_shell.number_unique_all      ? 
_reflns_shell.pdbx_ordinal           1 
_reflns_shell.pdbx_diffrn_id         1 
# 
_refine.entry_id                                 1PAE 
_refine.ls_number_reflns_obs                     4823 
_refine.ls_number_reflns_all                     4823 
_refine.pdbx_ls_sigma_I                          0.0 
_refine.pdbx_ls_sigma_F                          0.0 
_refine.pdbx_data_cutoff_high_absF               ? 
_refine.pdbx_data_cutoff_low_absF                ? 
_refine.pdbx_data_cutoff_high_rms_absF           ? 
_refine.ls_d_res_low                             24.71 
_refine.ls_d_res_high                            2.70 
_refine.ls_percent_reflns_obs                    98.42 
_refine.ls_R_factor_obs                          0.18787 
_refine.ls_R_factor_all                          0.1878 
_refine.ls_R_factor_R_work                       0.18215 
_refine.ls_R_factor_R_free                       0.23216 
_refine.ls_R_factor_R_free_error                 ? 
_refine.ls_R_factor_R_free_error_details         ? 
_refine.ls_percent_reflns_R_free                 11.0 
_refine.ls_number_reflns_R_free                  595 
_refine.ls_number_parameters                     ? 
_refine.ls_number_restraints                     ? 
_refine.occupancy_min                            ? 
_refine.occupancy_max                            ? 
_refine.correlation_coeff_Fo_to_Fc               0.952 
_refine.correlation_coeff_Fo_to_Fc_free          0.927 
_refine.B_iso_mean                               37.258 
_refine.aniso_B[1][1]                            1.14 
_refine.aniso_B[2][2]                            1.14 
_refine.aniso_B[3][3]                            -1.72 
_refine.aniso_B[1][2]                            0.57 
_refine.aniso_B[1][3]                            0.00 
_refine.aniso_B[2][3]                            0.00 
_refine.solvent_model_details                    'BABINET MODEL WITH MASK' 
_refine.solvent_model_param_ksol                 ? 
_refine.solvent_model_param_bsol                 ? 
_refine.pdbx_solvent_vdw_probe_radii             1.40 
_refine.pdbx_solvent_ion_probe_radii             0.80 
_refine.pdbx_solvent_shrinkage_radii             0.80 
_refine.pdbx_ls_cross_valid_method               THROUGHOUT 
_refine.details                                  ? 
_refine.pdbx_starting_model                      ? 
_refine.pdbx_method_to_determine_struct          SAD 
_refine.pdbx_isotropic_thermal_model             ? 
_refine.pdbx_stereochemistry_target_values       'MAXIMUM LIKELIHOOD' 
_refine.pdbx_stereochem_target_val_spec_case     ? 
_refine.pdbx_R_Free_selection_details            RANDOM 
_refine.pdbx_overall_ESU_R                       0.486 
_refine.pdbx_overall_ESU_R_Free                  0.320 
_refine.overall_SU_ML                            0.220 
_refine.overall_SU_B                             10.980 
_refine.ls_redundancy_reflns_obs                 ? 
_refine.B_iso_min                                ? 
_refine.B_iso_max                                ? 
_refine.overall_SU_R_Cruickshank_DPI             ? 
_refine.overall_SU_R_free                        ? 
_refine.pdbx_refine_id                           'X-RAY DIFFRACTION' 
_refine.pdbx_diffrn_id                           1 
_refine.pdbx_TLS_residual_ADP_flag               ? 
_refine.pdbx_overall_phase_error                 ? 
_refine.pdbx_overall_SU_R_free_Cruickshank_DPI   ? 
_refine.pdbx_overall_SU_R_Blow_DPI               ? 
_refine.pdbx_overall_SU_R_free_Blow_DPI          ? 
# 
_refine_hist.pdbx_refine_id                   'X-RAY DIFFRACTION' 
_refine_hist.cycle_id                         LAST 
_refine_hist.pdbx_number_atoms_protein        1127 
_refine_hist.pdbx_number_atoms_nucleic_acid   0 
_refine_hist.pdbx_number_atoms_ligand         2 
_refine_hist.number_atoms_solvent             15 
_refine_hist.number_atoms_total               1144 
_refine_hist.d_res_high                       2.70 
_refine_hist.d_res_low                        24.71 
# 
loop_
_refine_ls_restr.type 
_refine_ls_restr.dev_ideal 
_refine_ls_restr.dev_ideal_target 
_refine_ls_restr.weight 
_refine_ls_restr.number 
_refine_ls_restr.pdbx_refine_id 
_refine_ls_restr.pdbx_restraint_function 
r_bond_refined_d         0.015 0.022 ? 1151 'X-RAY DIFFRACTION' ? 
r_bond_other_d           0.002 0.020 ? 1089 'X-RAY DIFFRACTION' ? 
r_angle_refined_deg      1.544 1.979 ? 1555 'X-RAY DIFFRACTION' ? 
r_angle_other_deg        0.958 3.000 ? 2530 'X-RAY DIFFRACTION' ? 
r_dihedral_angle_1_deg   6.445 5.000 ? 147  'X-RAY DIFFRACTION' ? 
r_chiral_restr           0.105 0.200 ? 175  'X-RAY DIFFRACTION' ? 
r_gen_planes_refined     0.005 0.020 ? 1275 'X-RAY DIFFRACTION' ? 
r_gen_planes_other       0.002 0.020 ? 232  'X-RAY DIFFRACTION' ? 
r_nbd_refined            0.196 0.200 ? 205  'X-RAY DIFFRACTION' ? 
r_nbd_other              0.226 0.200 ? 1141 'X-RAY DIFFRACTION' ? 
r_nbtor_other            0.094 0.200 ? 687  'X-RAY DIFFRACTION' ? 
r_xyhbond_nbd_refined    0.141 0.200 ? 22   'X-RAY DIFFRACTION' ? 
r_symmetry_vdw_refined   0.065 0.200 ? 7    'X-RAY DIFFRACTION' ? 
r_symmetry_vdw_other     0.256 0.200 ? 32   'X-RAY DIFFRACTION' ? 
r_symmetry_hbond_refined 0.076 0.200 ? 5    'X-RAY DIFFRACTION' ? 
# 
_refine_ls_shell.pdbx_total_number_of_bins_used   20 
_refine_ls_shell.d_res_high                       2.700 
_refine_ls_shell.d_res_low                        2.769 
_refine_ls_shell.number_reflns_R_work             336 
_refine_ls_shell.R_factor_R_work                  0.277 
_refine_ls_shell.percent_reflns_obs               ? 
_refine_ls_shell.R_factor_R_free                  0.375 
_refine_ls_shell.R_factor_R_free_error            ? 
_refine_ls_shell.percent_reflns_R_free            ? 
_refine_ls_shell.number_reflns_R_free             39 
_refine_ls_shell.number_reflns_obs                ? 
_refine_ls_shell.redundancy_reflns_obs            ? 
_refine_ls_shell.number_reflns_all                ? 
_refine_ls_shell.pdbx_refine_id                   'X-RAY DIFFRACTION' 
_refine_ls_shell.R_factor_all                     ? 
# 
_struct.entry_id                  1PAE 
_struct.title                     'nucleoside diphosphate kinase' 
_struct.pdbx_model_details        ? 
_struct.pdbx_CASP_flag            ? 
_struct.pdbx_model_type_details   ? 
# 
_struct_keywords.entry_id        1PAE 
_struct_keywords.pdbx_keywords   TRANSFERASE 
_struct_keywords.text            'selenocysteine selenomethionine, TRANSFERASE' 
# 
loop_
_struct_asym.id 
_struct_asym.pdbx_blank_PDB_chainid_flag 
_struct_asym.pdbx_modified 
_struct_asym.entity_id 
_struct_asym.details 
A N N 1 ? 
B N N 2 ? 
C N N 2 ? 
D N N 3 ? 
# 
_struct_ref.id                         1 
_struct_ref.db_name                    UNP 
_struct_ref.db_code                    NDKC_DICDI 
_struct_ref.pdbx_db_accession          P22887 
_struct_ref.entity_id                  1 
_struct_ref.pdbx_seq_one_letter_code   
;MSTNKVNKERTFLAVKPDGVARGLVGEIIARYEKKGFVLVGLKQLVPTKDLAESHYAEHKERPFFGGLVSFITSGPVVAM
VFEGKGVVASARLMIGVTNPLASAPGSIRGDFGVDVGRNIIHGSDSVESANREIALWFKPEELLTEVKPNPNLYE
;
_struct_ref.pdbx_align_begin           1 
_struct_ref.pdbx_db_isoform            ? 
# 
_struct_ref_seq.align_id                      1 
_struct_ref_seq.ref_id                        1 
_struct_ref_seq.pdbx_PDB_id_code              1PAE 
_struct_ref_seq.pdbx_strand_id                X 
_struct_ref_seq.seq_align_beg                 1 
_struct_ref_seq.pdbx_seq_align_beg_ins_code   ? 
_struct_ref_seq.seq_align_end                 155 
_struct_ref_seq.pdbx_seq_align_end_ins_code   ? 
_struct_ref_seq.pdbx_db_accession             P22887 
_struct_ref_seq.db_align_beg                  1 
_struct_ref_seq.pdbx_db_align_beg_ins_code    ? 
_struct_ref_seq.db_align_end                  155 
_struct_ref_seq.pdbx_db_align_end_ins_code    ? 
_struct_ref_seq.pdbx_auth_seq_align_beg       1 
_struct_ref_seq.pdbx_auth_seq_align_end       155 
# 
loop_
_struct_ref_seq_dif.align_id 
_struct_ref_seq_dif.pdbx_pdb_id_code 
_struct_ref_seq_dif.mon_id 
_struct_ref_seq_dif.pdbx_pdb_strand_id 
_struct_ref_seq_dif.seq_num 
_struct_ref_seq_dif.pdbx_pdb_ins_code 
_struct_ref_seq_dif.pdbx_seq_db_name 
_struct_ref_seq_dif.pdbx_seq_db_accession_code 
_struct_ref_seq_dif.db_mon_id 
_struct_ref_seq_dif.pdbx_seq_db_seq_num 
_struct_ref_seq_dif.details 
_struct_ref_seq_dif.pdbx_auth_seq_num 
_struct_ref_seq_dif.pdbx_ordinal 
1 1PAE MSE X 1   ? UNP P22887 MET 1   'modified residue'    1   1 
1 1PAE MSE X 80  ? UNP P22887 MET 80  'modified residue'    80  2 
1 1PAE MSE X 94  ? UNP P22887 MET 94  'modified residue'    94  3 
1 1PAE SEC X 122 ? UNP P22887 HIS 122 'engineered mutation' 122 4 
# 
_pdbx_struct_assembly.id                   1 
_pdbx_struct_assembly.details              author_and_software_defined_assembly 
_pdbx_struct_assembly.method_details       PISA,PQS 
_pdbx_struct_assembly.oligomeric_details   hexameric 
_pdbx_struct_assembly.oligomeric_count     6 
# 
loop_
_pdbx_struct_assembly_prop.biol_id 
_pdbx_struct_assembly_prop.type 
_pdbx_struct_assembly_prop.value 
_pdbx_struct_assembly_prop.details 
1 'ABSA (A^2)' 14810 ? 
1 MORE         -115  ? 
1 'SSA (A^2)'  36410 ? 
# 
_pdbx_struct_assembly_gen.assembly_id       1 
_pdbx_struct_assembly_gen.oper_expression   1,2,3,4,5,6 
_pdbx_struct_assembly_gen.asym_id_list      A,B,C,D 
# 
loop_
_pdbx_struct_oper_list.id 
_pdbx_struct_oper_list.type 
_pdbx_struct_oper_list.name 
_pdbx_struct_oper_list.symmetry_operation 
_pdbx_struct_oper_list.matrix[1][1] 
_pdbx_struct_oper_list.matrix[1][2] 
_pdbx_struct_oper_list.matrix[1][3] 
_pdbx_struct_oper_list.vector[1] 
_pdbx_struct_oper_list.matrix[2][1] 
_pdbx_struct_oper_list.matrix[2][2] 
_pdbx_struct_oper_list.matrix[2][3] 
_pdbx_struct_oper_list.vector[2] 
_pdbx_struct_oper_list.matrix[3][1] 
_pdbx_struct_oper_list.matrix[3][2] 
_pdbx_struct_oper_list.matrix[3][3] 
_pdbx_struct_oper_list.vector[3] 
1 'identity operation'         1_555  x,y,z            1.0000000000  0.0000000000  0.0000000000  0.0000000000   0.0000000000  1.0000000000  0.0000000000  0.0000000000   0.0000000000  0.0000000000  1.0000000000  0.0000000000   
2 'crystal symmetry operation' 2_665  -y+1,x-y+1,z     0.7244443950  -0.6884648245 0.0345905171  -4.0686129928  -0.3206162684 -0.2921006752 0.9010451731  8.7406153035   -0.6102339936 -0.6638474079 -0.4323437199 -32.6305624231 
3 'crystal symmetry operation' 3_565  -x+y,-x+1,z      0.7244443950  -0.3206162684 -0.6102339936 -14.1624110813 -0.6884648245 -0.2921006752 -0.6638474079 -21.9096715816 0.0345905171  0.9010451731  -0.4323437199 -21.8425725399 
4 'crystal symmetry operation' 10_665 -y+1,-x+1,-z+1/2 -0.6849314194 0.7253471142  0.0688513949  15.9371825014  0.7253471142  0.6698854425  0.1585088571  -3.1220594901  0.0688513949  0.1585088571  -0.9849540231 -40.0388202861 
5 'crystal symmetry operation' 11_555 -x+y,y,-z+1/2    -0.7707682745 0.2139699877  0.6001109159  22.8172237206  0.2139699877  -0.8002756577 0.5601568674  -5.3902383892  0.6001109159  0.5601568674  0.5710439322  -6.7938812891  
6 'crystal symmetry operation' 12_565 x,x-y+1,-z+1/2   -0.9931890962 0.0697639910  -0.0933188344 8.2414541825   0.0697639910  -0.2854084345 -0.9558634898 -31.5339347511 -0.0933188344 -0.9558634898 0.2785975307  -22.9728693454 
# 
_struct_biol.id   1 
# 
loop_
_struct_conf.conf_type_id 
_struct_conf.id 
_struct_conf.pdbx_PDB_helix_id 
_struct_conf.beg_label_comp_id 
_struct_conf.beg_label_asym_id 
_struct_conf.beg_label_seq_id 
_struct_conf.pdbx_beg_PDB_ins_code 
_struct_conf.end_label_comp_id 
_struct_conf.end_label_asym_id 
_struct_conf.end_label_seq_id 
_struct_conf.pdbx_end_PDB_ins_code 
_struct_conf.beg_auth_comp_id 
_struct_conf.beg_auth_asym_id 
_struct_conf.beg_auth_seq_id 
_struct_conf.end_auth_comp_id 
_struct_conf.end_auth_asym_id 
_struct_conf.end_auth_seq_id 
_struct_conf.pdbx_PDB_helix_class 
_struct_conf.details 
_struct_conf.pdbx_PDB_helix_length 
HELX_P HELX_P1  1  LYS A 16  ? ARG A 22  ? LYS X 16  ARG X 22  1 ? 7  
HELX_P HELX_P2  2  LEU A 24  ? GLY A 36  ? LEU X 24  GLY X 36  1 ? 13 
HELX_P HELX_P3  3  THR A 48  ? TYR A 56  ? THR X 48  TYR X 56  1 ? 9  
HELX_P HELX_P4  4  ALA A 57  ? LYS A 60  ? ALA X 57  LYS X 60  5 ? 4  
HELX_P HELX_P5  5  PHE A 64  ? THR A 73  ? PHE X 64  THR X 73  1 ? 10 
HELX_P HELX_P6  6  GLY A 86  ? GLY A 96  ? GLY X 86  GLY X 96  1 ? 11 
HELX_P HELX_P7  7  ASN A 99  ? SER A 103 ? ASN X 99  SER X 103 5 ? 5  
HELX_P HELX_P8  8  SER A 107 ? GLY A 113 ? SER X 107 GLY X 113 1 ? 7  
HELX_P HELX_P9  9  ASP A 115 ? ASN A 119 ? ASP X 115 ASN X 119 5 ? 5  
HELX_P HELX_P10 10 SER A 126 ? PHE A 138 ? SER X 126 PHE X 138 1 ? 13 
HELX_P HELX_P11 11 LYS A 139 ? LEU A 143 ? LYS X 139 LEU X 143 5 ? 5  
# 
_struct_conf_type.id          HELX_P 
_struct_conf_type.criteria    ? 
_struct_conf_type.reference   ? 
# 
loop_
_struct_conn.id 
_struct_conn.conn_type_id 
_struct_conn.pdbx_leaving_atom_flag 
_struct_conn.pdbx_PDB_id 
_struct_conn.ptnr1_label_asym_id 
_struct_conn.ptnr1_label_comp_id 
_struct_conn.ptnr1_label_seq_id 
_struct_conn.ptnr1_label_atom_id 
_struct_conn.pdbx_ptnr1_label_alt_id 
_struct_conn.pdbx_ptnr1_PDB_ins_code 
_struct_conn.pdbx_ptnr1_standard_comp_id 
_struct_conn.ptnr1_symmetry 
_struct_conn.ptnr2_label_asym_id 
_struct_conn.ptnr2_label_comp_id 
_struct_conn.ptnr2_label_seq_id 
_struct_conn.ptnr2_label_atom_id 
_struct_conn.pdbx_ptnr2_label_alt_id 
_struct_conn.pdbx_ptnr2_PDB_ins_code 
_struct_conn.ptnr1_auth_asym_id 
_struct_conn.ptnr1_auth_comp_id 
_struct_conn.ptnr1_auth_seq_id 
_struct_conn.ptnr2_auth_asym_id 
_struct_conn.ptnr2_auth_comp_id 
_struct_conn.ptnr2_auth_seq_id 
_struct_conn.ptnr2_symmetry 
_struct_conn.pdbx_ptnr3_label_atom_id 
_struct_conn.pdbx_ptnr3_label_seq_id 
_struct_conn.pdbx_ptnr3_label_comp_id 
_struct_conn.pdbx_ptnr3_label_asym_id 
_struct_conn.pdbx_ptnr3_label_alt_id 
_struct_conn.pdbx_ptnr3_PDB_ins_code 
_struct_conn.details 
_struct_conn.pdbx_dist_value 
_struct_conn.pdbx_value_order 
_struct_conn.pdbx_role 
covale1 covale both ? A ALA 79 C ? ? ? 1_555 A MSE 80 N ? ? X ALA 79 X MSE 80 1_555 ? ? ? ? ? ? ? 1.312 ? ? 
covale2 covale both ? A MSE 80 C ? ? ? 1_555 A VAL 81 N ? ? X MSE 80 X VAL 81 1_555 ? ? ? ? ? ? ? 1.332 ? ? 
covale3 covale both ? A LEU 93 C ? ? ? 1_555 A MSE 94 N ? ? X LEU 93 X MSE 94 1_555 ? ? ? ? ? ? ? 1.335 ? ? 
covale4 covale both ? A MSE 94 C ? ? ? 1_555 A ILE 95 N ? ? X MSE 94 X ILE 95 1_555 ? ? ? ? ? ? ? 1.333 ? ? 
# 
_struct_conn_type.id          covale 
_struct_conn_type.criteria    ? 
_struct_conn_type.reference   ? 
# 
loop_
_pdbx_modification_feature.ordinal 
_pdbx_modification_feature.label_comp_id 
_pdbx_modification_feature.label_asym_id 
_pdbx_modification_feature.label_seq_id 
_pdbx_modification_feature.label_alt_id 
_pdbx_modification_feature.modified_residue_label_comp_id 
_pdbx_modification_feature.modified_residue_label_asym_id 
_pdbx_modification_feature.modified_residue_label_seq_id 
_pdbx_modification_feature.modified_residue_label_alt_id 
_pdbx_modification_feature.auth_comp_id 
_pdbx_modification_feature.auth_asym_id 
_pdbx_modification_feature.auth_seq_id 
_pdbx_modification_feature.PDB_ins_code 
_pdbx_modification_feature.symmetry 
_pdbx_modification_feature.modified_residue_auth_comp_id 
_pdbx_modification_feature.modified_residue_auth_asym_id 
_pdbx_modification_feature.modified_residue_auth_seq_id 
_pdbx_modification_feature.modified_residue_PDB_ins_code 
_pdbx_modification_feature.modified_residue_symmetry 
_pdbx_modification_feature.comp_id_linking_atom 
_pdbx_modification_feature.modified_residue_id_linking_atom 
_pdbx_modification_feature.modified_residue_id 
_pdbx_modification_feature.ref_pcm_id 
_pdbx_modification_feature.ref_comp_id 
_pdbx_modification_feature.type 
_pdbx_modification_feature.category 
1 MSE A 80 ? . . . . MSE X 80 ? 1_555 . . . . . . . MET 1 MSE Selenomethionine 'Named protein modification' 
2 MSE A 94 ? . . . . MSE X 94 ? 1_555 . . . . . . . MET 1 MSE Selenomethionine 'Named protein modification' 
# 
_struct_sheet.id               A 
_struct_sheet.type             ? 
_struct_sheet.number_strands   4 
_struct_sheet.details          ? 
# 
loop_
_struct_sheet_order.sheet_id 
_struct_sheet_order.range_id_1 
_struct_sheet_order.range_id_2 
_struct_sheet_order.offset 
_struct_sheet_order.sense 
A 1 2 ? anti-parallel 
A 2 3 ? anti-parallel 
A 3 4 ? anti-parallel 
# 
loop_
_struct_sheet_range.sheet_id 
_struct_sheet_range.id 
_struct_sheet_range.beg_label_comp_id 
_struct_sheet_range.beg_label_asym_id 
_struct_sheet_range.beg_label_seq_id 
_struct_sheet_range.pdbx_beg_PDB_ins_code 
_struct_sheet_range.end_label_comp_id 
_struct_sheet_range.end_label_asym_id 
_struct_sheet_range.end_label_seq_id 
_struct_sheet_range.pdbx_end_PDB_ins_code 
_struct_sheet_range.beg_auth_comp_id 
_struct_sheet_range.beg_auth_asym_id 
_struct_sheet_range.beg_auth_seq_id 
_struct_sheet_range.end_auth_comp_id 
_struct_sheet_range.end_auth_asym_id 
_struct_sheet_range.end_auth_seq_id 
A 1 VAL A 38  ? LEU A 45  ? VAL X 38  LEU X 45  
A 2 VAL A 77  ? GLU A 83  ? VAL X 77  GLU X 83  
A 3 ARG A 10  ? VAL A 15  ? ARG X 10  VAL X 15  
A 4 ILE A 121 ? GLY A 123 ? ILE X 121 GLY X 123 
# 
loop_
_pdbx_struct_sheet_hbond.sheet_id 
_pdbx_struct_sheet_hbond.range_id_1 
_pdbx_struct_sheet_hbond.range_id_2 
_pdbx_struct_sheet_hbond.range_1_label_atom_id 
_pdbx_struct_sheet_hbond.range_1_label_comp_id 
_pdbx_struct_sheet_hbond.range_1_label_asym_id 
_pdbx_struct_sheet_hbond.range_1_label_seq_id 
_pdbx_struct_sheet_hbond.range_1_PDB_ins_code 
_pdbx_struct_sheet_hbond.range_1_auth_atom_id 
_pdbx_struct_sheet_hbond.range_1_auth_comp_id 
_pdbx_struct_sheet_hbond.range_1_auth_asym_id 
_pdbx_struct_sheet_hbond.range_1_auth_seq_id 
_pdbx_struct_sheet_hbond.range_2_label_atom_id 
_pdbx_struct_sheet_hbond.range_2_label_comp_id 
_pdbx_struct_sheet_hbond.range_2_label_asym_id 
_pdbx_struct_sheet_hbond.range_2_label_seq_id 
_pdbx_struct_sheet_hbond.range_2_PDB_ins_code 
_pdbx_struct_sheet_hbond.range_2_auth_atom_id 
_pdbx_struct_sheet_hbond.range_2_auth_comp_id 
_pdbx_struct_sheet_hbond.range_2_auth_asym_id 
_pdbx_struct_sheet_hbond.range_2_auth_seq_id 
A 1 2 N LYS A 43 ? N LYS X 43 O ALA A 79  ? O ALA X 79  
A 2 3 O MSE A 80 ? O MSE X 80 N LEU A 13  ? N LEU X 13  
A 3 4 N ALA A 14 ? N ALA X 14 O SEC A 122 ? O SEC X 122 
# 
loop_
_struct_site.id 
_struct_site.pdbx_evidence_code 
_struct_site.pdbx_auth_asym_id 
_struct_site.pdbx_auth_comp_id 
_struct_site.pdbx_auth_seq_id 
_struct_site.pdbx_auth_ins_code 
_struct_site.pdbx_num_residues 
_struct_site.details 
AC1 Software X SE 156 ? 2 'BINDING SITE FOR RESIDUE SE X 156' 
AC2 Software X SE 157 ? 1 'BINDING SITE FOR RESIDUE SE X 157' 
# 
loop_
_struct_site_gen.id 
_struct_site_gen.site_id 
_struct_site_gen.pdbx_num_res 
_struct_site_gen.label_comp_id 
_struct_site_gen.label_asym_id 
_struct_site_gen.label_seq_id 
_struct_site_gen.pdbx_auth_ins_code 
_struct_site_gen.auth_comp_id 
_struct_site_gen.auth_asym_id 
_struct_site_gen.auth_seq_id 
_struct_site_gen.label_atom_id 
_struct_site_gen.label_alt_id 
_struct_site_gen.symmetry 
_struct_site_gen.details 
1 AC1 2 SEC A 122 ? SEC X 122 . ? 1_555 ? 
2 AC1 2 GLY A 123 ? GLY X 123 . ? 1_555 ? 
3 AC2 1 SEC A 122 ? SEC X 122 . ? 1_555 ? 
# 
_pdbx_entry_details.entry_id                   1PAE 
_pdbx_entry_details.compound_details           ? 
_pdbx_entry_details.source_details             ? 
_pdbx_entry_details.nonpolymer_details         ? 
_pdbx_entry_details.sequence_details           ? 
_pdbx_entry_details.has_ligand_of_interest     ? 
_pdbx_entry_details.has_protein_modification   Y 
# 
loop_
_pdbx_validate_rmsd_angle.id 
_pdbx_validate_rmsd_angle.PDB_model_num 
_pdbx_validate_rmsd_angle.auth_atom_id_1 
_pdbx_validate_rmsd_angle.auth_asym_id_1 
_pdbx_validate_rmsd_angle.auth_comp_id_1 
_pdbx_validate_rmsd_angle.auth_seq_id_1 
_pdbx_validate_rmsd_angle.PDB_ins_code_1 
_pdbx_validate_rmsd_angle.label_alt_id_1 
_pdbx_validate_rmsd_angle.auth_atom_id_2 
_pdbx_validate_rmsd_angle.auth_asym_id_2 
_pdbx_validate_rmsd_angle.auth_comp_id_2 
_pdbx_validate_rmsd_angle.auth_seq_id_2 
_pdbx_validate_rmsd_angle.PDB_ins_code_2 
_pdbx_validate_rmsd_angle.label_alt_id_2 
_pdbx_validate_rmsd_angle.auth_atom_id_3 
_pdbx_validate_rmsd_angle.auth_asym_id_3 
_pdbx_validate_rmsd_angle.auth_comp_id_3 
_pdbx_validate_rmsd_angle.auth_seq_id_3 
_pdbx_validate_rmsd_angle.PDB_ins_code_3 
_pdbx_validate_rmsd_angle.label_alt_id_3 
_pdbx_validate_rmsd_angle.angle_value 
_pdbx_validate_rmsd_angle.angle_target_value 
_pdbx_validate_rmsd_angle.angle_deviation 
_pdbx_validate_rmsd_angle.angle_standard_deviation 
_pdbx_validate_rmsd_angle.linker_flag 
1 1 NE X ARG 31  ? ? CZ X ARG 31  ? ? NH1 X ARG 31  ? ? 123.71 120.30 3.41 0.50 N 
2 1 NE X ARG 109 ? ? CZ X ARG 109 ? ? NH1 X ARG 109 ? ? 123.57 120.30 3.27 0.50 N 
# 
loop_
_pdbx_validate_torsion.id 
_pdbx_validate_torsion.PDB_model_num 
_pdbx_validate_torsion.auth_comp_id 
_pdbx_validate_torsion.auth_asym_id 
_pdbx_validate_torsion.auth_seq_id 
_pdbx_validate_torsion.PDB_ins_code 
_pdbx_validate_torsion.label_alt_id 
_pdbx_validate_torsion.phi 
_pdbx_validate_torsion.psi 
1 1 TYR X 56  ? ? -103.52 42.02  
2 1 ILE X 120 ? ? 78.86   -55.67 
3 1 ASN X 150 ? ? -28.42  125.24 
# 
loop_
_pdbx_struct_mod_residue.id 
_pdbx_struct_mod_residue.label_asym_id 
_pdbx_struct_mod_residue.label_comp_id 
_pdbx_struct_mod_residue.label_seq_id 
_pdbx_struct_mod_residue.auth_asym_id 
_pdbx_struct_mod_residue.auth_comp_id 
_pdbx_struct_mod_residue.auth_seq_id 
_pdbx_struct_mod_residue.PDB_ins_code 
_pdbx_struct_mod_residue.parent_comp_id 
_pdbx_struct_mod_residue.details 
1 A MSE 80 X MSE 80 ? MET SELENOMETHIONINE 
2 A MSE 94 X MSE 94 ? MET SELENOMETHIONINE 
# 
_pdbx_database_remark.id     600 
_pdbx_database_remark.text   
;HETEROGEN
THE HETATM  ENTRY SE 121  CORRESPONDS  TO  A 
SELENOCYSTEINE ADDUCT TO SEC 122  (NOT VISIBLE  IN 
THE ELECTRON DENSITY MAP EXCEPT SELENIUM ATOM) 
WITH A DISELENIDE BRIDGE BETWEEN SE 121 AND  
SE  SEC X 122 
;
# 
loop_
_pdbx_unobs_or_zero_occ_residues.id 
_pdbx_unobs_or_zero_occ_residues.PDB_model_num 
_pdbx_unobs_or_zero_occ_residues.polymer_flag 
_pdbx_unobs_or_zero_occ_residues.occupancy_flag 
_pdbx_unobs_or_zero_occ_residues.auth_asym_id 
_pdbx_unobs_or_zero_occ_residues.auth_comp_id 
_pdbx_unobs_or_zero_occ_residues.auth_seq_id 
_pdbx_unobs_or_zero_occ_residues.PDB_ins_code 
_pdbx_unobs_or_zero_occ_residues.label_asym_id 
_pdbx_unobs_or_zero_occ_residues.label_comp_id 
_pdbx_unobs_or_zero_occ_residues.label_seq_id 
1 1 Y 1 X MSE 1 ? A MSE 1 
2 1 Y 1 X SER 2 ? A SER 2 
3 1 Y 1 X THR 3 ? A THR 3 
4 1 Y 1 X ASN 4 ? A ASN 4 
5 1 Y 1 X LYS 5 ? A LYS 5 
6 1 Y 1 X VAL 6 ? A VAL 6 
7 1 Y 1 X ASN 7 ? A ASN 7 
# 
loop_
_chem_comp_atom.comp_id 
_chem_comp_atom.atom_id 
_chem_comp_atom.type_symbol 
_chem_comp_atom.pdbx_aromatic_flag 
_chem_comp_atom.pdbx_stereo_config 
_chem_comp_atom.pdbx_ordinal 
ALA N    N  N N 1   
ALA CA   C  N S 2   
ALA C    C  N N 3   
ALA O    O  N N 4   
ALA CB   C  N N 5   
ALA OXT  O  N N 6   
ALA H    H  N N 7   
ALA H2   H  N N 8   
ALA HA   H  N N 9   
ALA HB1  H  N N 10  
ALA HB2  H  N N 11  
ALA HB3  H  N N 12  
ALA HXT  H  N N 13  
ARG N    N  N N 14  
ARG CA   C  N S 15  
ARG C    C  N N 16  
ARG O    O  N N 17  
ARG CB   C  N N 18  
ARG CG   C  N N 19  
ARG CD   C  N N 20  
ARG NE   N  N N 21  
ARG CZ   C  N N 22  
ARG NH1  N  N N 23  
ARG NH2  N  N N 24  
ARG OXT  O  N N 25  
ARG H    H  N N 26  
ARG H2   H  N N 27  
ARG HA   H  N N 28  
ARG HB2  H  N N 29  
ARG HB3  H  N N 30  
ARG HG2  H  N N 31  
ARG HG3  H  N N 32  
ARG HD2  H  N N 33  
ARG HD3  H  N N 34  
ARG HE   H  N N 35  
ARG HH11 H  N N 36  
ARG HH12 H  N N 37  
ARG HH21 H  N N 38  
ARG HH22 H  N N 39  
ARG HXT  H  N N 40  
ASN N    N  N N 41  
ASN CA   C  N S 42  
ASN C    C  N N 43  
ASN O    O  N N 44  
ASN CB   C  N N 45  
ASN CG   C  N N 46  
ASN OD1  O  N N 47  
ASN ND2  N  N N 48  
ASN OXT  O  N N 49  
ASN H    H  N N 50  
ASN H2   H  N N 51  
ASN HA   H  N N 52  
ASN HB2  H  N N 53  
ASN HB3  H  N N 54  
ASN HD21 H  N N 55  
ASN HD22 H  N N 56  
ASN HXT  H  N N 57  
ASP N    N  N N 58  
ASP CA   C  N S 59  
ASP C    C  N N 60  
ASP O    O  N N 61  
ASP CB   C  N N 62  
ASP CG   C  N N 63  
ASP OD1  O  N N 64  
ASP OD2  O  N N 65  
ASP OXT  O  N N 66  
ASP H    H  N N 67  
ASP H2   H  N N 68  
ASP HA   H  N N 69  
ASP HB2  H  N N 70  
ASP HB3  H  N N 71  
ASP HD2  H  N N 72  
ASP HXT  H  N N 73  
GLN N    N  N N 74  
GLN CA   C  N S 75  
GLN C    C  N N 76  
GLN O    O  N N 77  
GLN CB   C  N N 78  
GLN CG   C  N N 79  
GLN CD   C  N N 80  
GLN OE1  O  N N 81  
GLN NE2  N  N N 82  
GLN OXT  O  N N 83  
GLN H    H  N N 84  
GLN H2   H  N N 85  
GLN HA   H  N N 86  
GLN HB2  H  N N 87  
GLN HB3  H  N N 88  
GLN HG2  H  N N 89  
GLN HG3  H  N N 90  
GLN HE21 H  N N 91  
GLN HE22 H  N N 92  
GLN HXT  H  N N 93  
GLU N    N  N N 94  
GLU CA   C  N S 95  
GLU C    C  N N 96  
GLU O    O  N N 97  
GLU CB   C  N N 98  
GLU CG   C  N N 99  
GLU CD   C  N N 100 
GLU OE1  O  N N 101 
GLU OE2  O  N N 102 
GLU OXT  O  N N 103 
GLU H    H  N N 104 
GLU H2   H  N N 105 
GLU HA   H  N N 106 
GLU HB2  H  N N 107 
GLU HB3  H  N N 108 
GLU HG2  H  N N 109 
GLU HG3  H  N N 110 
GLU HE2  H  N N 111 
GLU HXT  H  N N 112 
GLY N    N  N N 113 
GLY CA   C  N N 114 
GLY C    C  N N 115 
GLY O    O  N N 116 
GLY OXT  O  N N 117 
GLY H    H  N N 118 
GLY H2   H  N N 119 
GLY HA2  H  N N 120 
GLY HA3  H  N N 121 
GLY HXT  H  N N 122 
HIS N    N  N N 123 
HIS CA   C  N S 124 
HIS C    C  N N 125 
HIS O    O  N N 126 
HIS CB   C  N N 127 
HIS CG   C  Y N 128 
HIS ND1  N  Y N 129 
HIS CD2  C  Y N 130 
HIS CE1  C  Y N 131 
HIS NE2  N  Y N 132 
HIS OXT  O  N N 133 
HIS H    H  N N 134 
HIS H2   H  N N 135 
HIS HA   H  N N 136 
HIS HB2  H  N N 137 
HIS HB3  H  N N 138 
HIS HD1  H  N N 139 
HIS HD2  H  N N 140 
HIS HE1  H  N N 141 
HIS HE2  H  N N 142 
HIS HXT  H  N N 143 
HOH O    O  N N 144 
HOH H1   H  N N 145 
HOH H2   H  N N 146 
ILE N    N  N N 147 
ILE CA   C  N S 148 
ILE C    C  N N 149 
ILE O    O  N N 150 
ILE CB   C  N S 151 
ILE CG1  C  N N 152 
ILE CG2  C  N N 153 
ILE CD1  C  N N 154 
ILE OXT  O  N N 155 
ILE H    H  N N 156 
ILE H2   H  N N 157 
ILE HA   H  N N 158 
ILE HB   H  N N 159 
ILE HG12 H  N N 160 
ILE HG13 H  N N 161 
ILE HG21 H  N N 162 
ILE HG22 H  N N 163 
ILE HG23 H  N N 164 
ILE HD11 H  N N 165 
ILE HD12 H  N N 166 
ILE HD13 H  N N 167 
ILE HXT  H  N N 168 
LEU N    N  N N 169 
LEU CA   C  N S 170 
LEU C    C  N N 171 
LEU O    O  N N 172 
LEU CB   C  N N 173 
LEU CG   C  N N 174 
LEU CD1  C  N N 175 
LEU CD2  C  N N 176 
LEU OXT  O  N N 177 
LEU H    H  N N 178 
LEU H2   H  N N 179 
LEU HA   H  N N 180 
LEU HB2  H  N N 181 
LEU HB3  H  N N 182 
LEU HG   H  N N 183 
LEU HD11 H  N N 184 
LEU HD12 H  N N 185 
LEU HD13 H  N N 186 
LEU HD21 H  N N 187 
LEU HD22 H  N N 188 
LEU HD23 H  N N 189 
LEU HXT  H  N N 190 
LYS N    N  N N 191 
LYS CA   C  N S 192 
LYS C    C  N N 193 
LYS O    O  N N 194 
LYS CB   C  N N 195 
LYS CG   C  N N 196 
LYS CD   C  N N 197 
LYS CE   C  N N 198 
LYS NZ   N  N N 199 
LYS OXT  O  N N 200 
LYS H    H  N N 201 
LYS H2   H  N N 202 
LYS HA   H  N N 203 
LYS HB2  H  N N 204 
LYS HB3  H  N N 205 
LYS HG2  H  N N 206 
LYS HG3  H  N N 207 
LYS HD2  H  N N 208 
LYS HD3  H  N N 209 
LYS HE2  H  N N 210 
LYS HE3  H  N N 211 
LYS HZ1  H  N N 212 
LYS HZ2  H  N N 213 
LYS HZ3  H  N N 214 
LYS HXT  H  N N 215 
MET N    N  N N 216 
MET CA   C  N S 217 
MET C    C  N N 218 
MET O    O  N N 219 
MET CB   C  N N 220 
MET CG   C  N N 221 
MET SD   S  N N 222 
MET CE   C  N N 223 
MET OXT  O  N N 224 
MET H    H  N N 225 
MET H2   H  N N 226 
MET HA   H  N N 227 
MET HB2  H  N N 228 
MET HB3  H  N N 229 
MET HG2  H  N N 230 
MET HG3  H  N N 231 
MET HE1  H  N N 232 
MET HE2  H  N N 233 
MET HE3  H  N N 234 
MET HXT  H  N N 235 
MSE N    N  N N 236 
MSE CA   C  N S 237 
MSE C    C  N N 238 
MSE O    O  N N 239 
MSE OXT  O  N N 240 
MSE CB   C  N N 241 
MSE CG   C  N N 242 
MSE SE   SE N N 243 
MSE CE   C  N N 244 
MSE H    H  N N 245 
MSE H2   H  N N 246 
MSE HA   H  N N 247 
MSE HXT  H  N N 248 
MSE HB2  H  N N 249 
MSE HB3  H  N N 250 
MSE HG2  H  N N 251 
MSE HG3  H  N N 252 
MSE HE1  H  N N 253 
MSE HE2  H  N N 254 
MSE HE3  H  N N 255 
PHE N    N  N N 256 
PHE CA   C  N S 257 
PHE C    C  N N 258 
PHE O    O  N N 259 
PHE CB   C  N N 260 
PHE CG   C  Y N 261 
PHE CD1  C  Y N 262 
PHE CD2  C  Y N 263 
PHE CE1  C  Y N 264 
PHE CE2  C  Y N 265 
PHE CZ   C  Y N 266 
PHE OXT  O  N N 267 
PHE H    H  N N 268 
PHE H2   H  N N 269 
PHE HA   H  N N 270 
PHE HB2  H  N N 271 
PHE HB3  H  N N 272 
PHE HD1  H  N N 273 
PHE HD2  H  N N 274 
PHE HE1  H  N N 275 
PHE HE2  H  N N 276 
PHE HZ   H  N N 277 
PHE HXT  H  N N 278 
PRO N    N  N N 279 
PRO CA   C  N S 280 
PRO C    C  N N 281 
PRO O    O  N N 282 
PRO CB   C  N N 283 
PRO CG   C  N N 284 
PRO CD   C  N N 285 
PRO OXT  O  N N 286 
PRO H    H  N N 287 
PRO HA   H  N N 288 
PRO HB2  H  N N 289 
PRO HB3  H  N N 290 
PRO HG2  H  N N 291 
PRO HG3  H  N N 292 
PRO HD2  H  N N 293 
PRO HD3  H  N N 294 
PRO HXT  H  N N 295 
SE  SE   SE N N 296 
SEC N    N  N N 297 
SEC CA   C  N R 298 
SEC CB   C  N N 299 
SEC SE   SE N N 300 
SEC C    C  N N 301 
SEC O    O  N N 302 
SEC OXT  O  N N 303 
SEC H    H  N N 304 
SEC H2   H  N N 305 
SEC HA   H  N N 306 
SEC HB2  H  N N 307 
SEC HB3  H  N N 308 
SEC HE   H  N N 309 
SEC HXT  H  N N 310 
SER N    N  N N 311 
SER CA   C  N S 312 
SER C    C  N N 313 
SER O    O  N N 314 
SER CB   C  N N 315 
SER OG   O  N N 316 
SER OXT  O  N N 317 
SER H    H  N N 318 
SER H2   H  N N 319 
SER HA   H  N N 320 
SER HB2  H  N N 321 
SER HB3  H  N N 322 
SER HG   H  N N 323 
SER HXT  H  N N 324 
THR N    N  N N 325 
THR CA   C  N S 326 
THR C    C  N N 327 
THR O    O  N N 328 
THR CB   C  N R 329 
THR OG1  O  N N 330 
THR CG2  C  N N 331 
THR OXT  O  N N 332 
THR H    H  N N 333 
THR H2   H  N N 334 
THR HA   H  N N 335 
THR HB   H  N N 336 
THR HG1  H  N N 337 
THR HG21 H  N N 338 
THR HG22 H  N N 339 
THR HG23 H  N N 340 
THR HXT  H  N N 341 
TRP N    N  N N 342 
TRP CA   C  N S 343 
TRP C    C  N N 344 
TRP O    O  N N 345 
TRP CB   C  N N 346 
TRP CG   C  Y N 347 
TRP CD1  C  Y N 348 
TRP CD2  C  Y N 349 
TRP NE1  N  Y N 350 
TRP CE2  C  Y N 351 
TRP CE3  C  Y N 352 
TRP CZ2  C  Y N 353 
TRP CZ3  C  Y N 354 
TRP CH2  C  Y N 355 
TRP OXT  O  N N 356 
TRP H    H  N N 357 
TRP H2   H  N N 358 
TRP HA   H  N N 359 
TRP HB2  H  N N 360 
TRP HB3  H  N N 361 
TRP HD1  H  N N 362 
TRP HE1  H  N N 363 
TRP HE3  H  N N 364 
TRP HZ2  H  N N 365 
TRP HZ3  H  N N 366 
TRP HH2  H  N N 367 
TRP HXT  H  N N 368 
TYR N    N  N N 369 
TYR CA   C  N S 370 
TYR C    C  N N 371 
TYR O    O  N N 372 
TYR CB   C  N N 373 
TYR CG   C  Y N 374 
TYR CD1  C  Y N 375 
TYR CD2  C  Y N 376 
TYR CE1  C  Y N 377 
TYR CE2  C  Y N 378 
TYR CZ   C  Y N 379 
TYR OH   O  N N 380 
TYR OXT  O  N N 381 
TYR H    H  N N 382 
TYR H2   H  N N 383 
TYR HA   H  N N 384 
TYR HB2  H  N N 385 
TYR HB3  H  N N 386 
TYR HD1  H  N N 387 
TYR HD2  H  N N 388 
TYR HE1  H  N N 389 
TYR HE2  H  N N 390 
TYR HH   H  N N 391 
TYR HXT  H  N N 392 
VAL N    N  N N 393 
VAL CA   C  N S 394 
VAL C    C  N N 395 
VAL O    O  N N 396 
VAL CB   C  N N 397 
VAL CG1  C  N N 398 
VAL CG2  C  N N 399 
VAL OXT  O  N N 400 
VAL H    H  N N 401 
VAL H2   H  N N 402 
VAL HA   H  N N 403 
VAL HB   H  N N 404 
VAL HG11 H  N N 405 
VAL HG12 H  N N 406 
VAL HG13 H  N N 407 
VAL HG21 H  N N 408 
VAL HG22 H  N N 409 
VAL HG23 H  N N 410 
VAL HXT  H  N N 411 
# 
loop_
_chem_comp_bond.comp_id 
_chem_comp_bond.atom_id_1 
_chem_comp_bond.atom_id_2 
_chem_comp_bond.value_order 
_chem_comp_bond.pdbx_aromatic_flag 
_chem_comp_bond.pdbx_stereo_config 
_chem_comp_bond.pdbx_ordinal 
ALA N   CA   sing N N 1   
ALA N   H    sing N N 2   
ALA N   H2   sing N N 3   
ALA CA  C    sing N N 4   
ALA CA  CB   sing N N 5   
ALA CA  HA   sing N N 6   
ALA C   O    doub N N 7   
ALA C   OXT  sing N N 8   
ALA CB  HB1  sing N N 9   
ALA CB  HB2  sing N N 10  
ALA CB  HB3  sing N N 11  
ALA OXT HXT  sing N N 12  
ARG N   CA   sing N N 13  
ARG N   H    sing N N 14  
ARG N   H2   sing N N 15  
ARG CA  C    sing N N 16  
ARG CA  CB   sing N N 17  
ARG CA  HA   sing N N 18  
ARG C   O    doub N N 19  
ARG C   OXT  sing N N 20  
ARG CB  CG   sing N N 21  
ARG CB  HB2  sing N N 22  
ARG CB  HB3  sing N N 23  
ARG CG  CD   sing N N 24  
ARG CG  HG2  sing N N 25  
ARG CG  HG3  sing N N 26  
ARG CD  NE   sing N N 27  
ARG CD  HD2  sing N N 28  
ARG CD  HD3  sing N N 29  
ARG NE  CZ   sing N N 30  
ARG NE  HE   sing N N 31  
ARG CZ  NH1  sing N N 32  
ARG CZ  NH2  doub N N 33  
ARG NH1 HH11 sing N N 34  
ARG NH1 HH12 sing N N 35  
ARG NH2 HH21 sing N N 36  
ARG NH2 HH22 sing N N 37  
ARG OXT HXT  sing N N 38  
ASN N   CA   sing N N 39  
ASN N   H    sing N N 40  
ASN N   H2   sing N N 41  
ASN CA  C    sing N N 42  
ASN CA  CB   sing N N 43  
ASN CA  HA   sing N N 44  
ASN C   O    doub N N 45  
ASN C   OXT  sing N N 46  
ASN CB  CG   sing N N 47  
ASN CB  HB2  sing N N 48  
ASN CB  HB3  sing N N 49  
ASN CG  OD1  doub N N 50  
ASN CG  ND2  sing N N 51  
ASN ND2 HD21 sing N N 52  
ASN ND2 HD22 sing N N 53  
ASN OXT HXT  sing N N 54  
ASP N   CA   sing N N 55  
ASP N   H    sing N N 56  
ASP N   H2   sing N N 57  
ASP CA  C    sing N N 58  
ASP CA  CB   sing N N 59  
ASP CA  HA   sing N N 60  
ASP C   O    doub N N 61  
ASP C   OXT  sing N N 62  
ASP CB  CG   sing N N 63  
ASP CB  HB2  sing N N 64  
ASP CB  HB3  sing N N 65  
ASP CG  OD1  doub N N 66  
ASP CG  OD2  sing N N 67  
ASP OD2 HD2  sing N N 68  
ASP OXT HXT  sing N N 69  
GLN N   CA   sing N N 70  
GLN N   H    sing N N 71  
GLN N   H2   sing N N 72  
GLN CA  C    sing N N 73  
GLN CA  CB   sing N N 74  
GLN CA  HA   sing N N 75  
GLN C   O    doub N N 76  
GLN C   OXT  sing N N 77  
GLN CB  CG   sing N N 78  
GLN CB  HB2  sing N N 79  
GLN CB  HB3  sing N N 80  
GLN CG  CD   sing N N 81  
GLN CG  HG2  sing N N 82  
GLN CG  HG3  sing N N 83  
GLN CD  OE1  doub N N 84  
GLN CD  NE2  sing N N 85  
GLN NE2 HE21 sing N N 86  
GLN NE2 HE22 sing N N 87  
GLN OXT HXT  sing N N 88  
GLU N   CA   sing N N 89  
GLU N   H    sing N N 90  
GLU N   H2   sing N N 91  
GLU CA  C    sing N N 92  
GLU CA  CB   sing N N 93  
GLU CA  HA   sing N N 94  
GLU C   O    doub N N 95  
GLU C   OXT  sing N N 96  
GLU CB  CG   sing N N 97  
GLU CB  HB2  sing N N 98  
GLU CB  HB3  sing N N 99  
GLU CG  CD   sing N N 100 
GLU CG  HG2  sing N N 101 
GLU CG  HG3  sing N N 102 
GLU CD  OE1  doub N N 103 
GLU CD  OE2  sing N N 104 
GLU OE2 HE2  sing N N 105 
GLU OXT HXT  sing N N 106 
GLY N   CA   sing N N 107 
GLY N   H    sing N N 108 
GLY N   H2   sing N N 109 
GLY CA  C    sing N N 110 
GLY CA  HA2  sing N N 111 
GLY CA  HA3  sing N N 112 
GLY C   O    doub N N 113 
GLY C   OXT  sing N N 114 
GLY OXT HXT  sing N N 115 
HIS N   CA   sing N N 116 
HIS N   H    sing N N 117 
HIS N   H2   sing N N 118 
HIS CA  C    sing N N 119 
HIS CA  CB   sing N N 120 
HIS CA  HA   sing N N 121 
HIS C   O    doub N N 122 
HIS C   OXT  sing N N 123 
HIS CB  CG   sing N N 124 
HIS CB  HB2  sing N N 125 
HIS CB  HB3  sing N N 126 
HIS CG  ND1  sing Y N 127 
HIS CG  CD2  doub Y N 128 
HIS ND1 CE1  doub Y N 129 
HIS ND1 HD1  sing N N 130 
HIS CD2 NE2  sing Y N 131 
HIS CD2 HD2  sing N N 132 
HIS CE1 NE2  sing Y N 133 
HIS CE1 HE1  sing N N 134 
HIS NE2 HE2  sing N N 135 
HIS OXT HXT  sing N N 136 
HOH O   H1   sing N N 137 
HOH O   H2   sing N N 138 
ILE N   CA   sing N N 139 
ILE N   H    sing N N 140 
ILE N   H2   sing N N 141 
ILE CA  C    sing N N 142 
ILE CA  CB   sing N N 143 
ILE CA  HA   sing N N 144 
ILE C   O    doub N N 145 
ILE C   OXT  sing N N 146 
ILE CB  CG1  sing N N 147 
ILE CB  CG2  sing N N 148 
ILE CB  HB   sing N N 149 
ILE CG1 CD1  sing N N 150 
ILE CG1 HG12 sing N N 151 
ILE CG1 HG13 sing N N 152 
ILE CG2 HG21 sing N N 153 
ILE CG2 HG22 sing N N 154 
ILE CG2 HG23 sing N N 155 
ILE CD1 HD11 sing N N 156 
ILE CD1 HD12 sing N N 157 
ILE CD1 HD13 sing N N 158 
ILE OXT HXT  sing N N 159 
LEU N   CA   sing N N 160 
LEU N   H    sing N N 161 
LEU N   H2   sing N N 162 
LEU CA  C    sing N N 163 
LEU CA  CB   sing N N 164 
LEU CA  HA   sing N N 165 
LEU C   O    doub N N 166 
LEU C   OXT  sing N N 167 
LEU CB  CG   sing N N 168 
LEU CB  HB2  sing N N 169 
LEU CB  HB3  sing N N 170 
LEU CG  CD1  sing N N 171 
LEU CG  CD2  sing N N 172 
LEU CG  HG   sing N N 173 
LEU CD1 HD11 sing N N 174 
LEU CD1 HD12 sing N N 175 
LEU CD1 HD13 sing N N 176 
LEU CD2 HD21 sing N N 177 
LEU CD2 HD22 sing N N 178 
LEU CD2 HD23 sing N N 179 
LEU OXT HXT  sing N N 180 
LYS N   CA   sing N N 181 
LYS N   H    sing N N 182 
LYS N   H2   sing N N 183 
LYS CA  C    sing N N 184 
LYS CA  CB   sing N N 185 
LYS CA  HA   sing N N 186 
LYS C   O    doub N N 187 
LYS C   OXT  sing N N 188 
LYS CB  CG   sing N N 189 
LYS CB  HB2  sing N N 190 
LYS CB  HB3  sing N N 191 
LYS CG  CD   sing N N 192 
LYS CG  HG2  sing N N 193 
LYS CG  HG3  sing N N 194 
LYS CD  CE   sing N N 195 
LYS CD  HD2  sing N N 196 
LYS CD  HD3  sing N N 197 
LYS CE  NZ   sing N N 198 
LYS CE  HE2  sing N N 199 
LYS CE  HE3  sing N N 200 
LYS NZ  HZ1  sing N N 201 
LYS NZ  HZ2  sing N N 202 
LYS NZ  HZ3  sing N N 203 
LYS OXT HXT  sing N N 204 
MET N   CA   sing N N 205 
MET N   H    sing N N 206 
MET N   H2   sing N N 207 
MET CA  C    sing N N 208 
MET CA  CB   sing N N 209 
MET CA  HA   sing N N 210 
MET C   O    doub N N 211 
MET C   OXT  sing N N 212 
MET CB  CG   sing N N 213 
MET CB  HB2  sing N N 214 
MET CB  HB3  sing N N 215 
MET CG  SD   sing N N 216 
MET CG  HG2  sing N N 217 
MET CG  HG3  sing N N 218 
MET SD  CE   sing N N 219 
MET CE  HE1  sing N N 220 
MET CE  HE2  sing N N 221 
MET CE  HE3  sing N N 222 
MET OXT HXT  sing N N 223 
MSE N   CA   sing N N 224 
MSE N   H    sing N N 225 
MSE N   H2   sing N N 226 
MSE CA  C    sing N N 227 
MSE CA  CB   sing N N 228 
MSE CA  HA   sing N N 229 
MSE C   O    doub N N 230 
MSE C   OXT  sing N N 231 
MSE OXT HXT  sing N N 232 
MSE CB  CG   sing N N 233 
MSE CB  HB2  sing N N 234 
MSE CB  HB3  sing N N 235 
MSE CG  SE   sing N N 236 
MSE CG  HG2  sing N N 237 
MSE CG  HG3  sing N N 238 
MSE SE  CE   sing N N 239 
MSE CE  HE1  sing N N 240 
MSE CE  HE2  sing N N 241 
MSE CE  HE3  sing N N 242 
PHE N   CA   sing N N 243 
PHE N   H    sing N N 244 
PHE N   H2   sing N N 245 
PHE CA  C    sing N N 246 
PHE CA  CB   sing N N 247 
PHE CA  HA   sing N N 248 
PHE C   O    doub N N 249 
PHE C   OXT  sing N N 250 
PHE CB  CG   sing N N 251 
PHE CB  HB2  sing N N 252 
PHE CB  HB3  sing N N 253 
PHE CG  CD1  doub Y N 254 
PHE CG  CD2  sing Y N 255 
PHE CD1 CE1  sing Y N 256 
PHE CD1 HD1  sing N N 257 
PHE CD2 CE2  doub Y N 258 
PHE CD2 HD2  sing N N 259 
PHE CE1 CZ   doub Y N 260 
PHE CE1 HE1  sing N N 261 
PHE CE2 CZ   sing Y N 262 
PHE CE2 HE2  sing N N 263 
PHE CZ  HZ   sing N N 264 
PHE OXT HXT  sing N N 265 
PRO N   CA   sing N N 266 
PRO N   CD   sing N N 267 
PRO N   H    sing N N 268 
PRO CA  C    sing N N 269 
PRO CA  CB   sing N N 270 
PRO CA  HA   sing N N 271 
PRO C   O    doub N N 272 
PRO C   OXT  sing N N 273 
PRO CB  CG   sing N N 274 
PRO CB  HB2  sing N N 275 
PRO CB  HB3  sing N N 276 
PRO CG  CD   sing N N 277 
PRO CG  HG2  sing N N 278 
PRO CG  HG3  sing N N 279 
PRO CD  HD2  sing N N 280 
PRO CD  HD3  sing N N 281 
PRO OXT HXT  sing N N 282 
SEC N   CA   sing N N 283 
SEC N   H    sing N N 284 
SEC N   H2   sing N N 285 
SEC CA  CB   sing N N 286 
SEC CA  C    sing N N 287 
SEC CA  HA   sing N N 288 
SEC CB  SE   sing N N 289 
SEC CB  HB2  sing N N 290 
SEC CB  HB3  sing N N 291 
SEC SE  HE   sing N N 292 
SEC C   O    doub N N 293 
SEC C   OXT  sing N N 294 
SEC OXT HXT  sing N N 295 
SER N   CA   sing N N 296 
SER N   H    sing N N 297 
SER N   H2   sing N N 298 
SER CA  C    sing N N 299 
SER CA  CB   sing N N 300 
SER CA  HA   sing N N 301 
SER C   O    doub N N 302 
SER C   OXT  sing N N 303 
SER CB  OG   sing N N 304 
SER CB  HB2  sing N N 305 
SER CB  HB3  sing N N 306 
SER OG  HG   sing N N 307 
SER OXT HXT  sing N N 308 
THR N   CA   sing N N 309 
THR N   H    sing N N 310 
THR N   H2   sing N N 311 
THR CA  C    sing N N 312 
THR CA  CB   sing N N 313 
THR CA  HA   sing N N 314 
THR C   O    doub N N 315 
THR C   OXT  sing N N 316 
THR CB  OG1  sing N N 317 
THR CB  CG2  sing N N 318 
THR CB  HB   sing N N 319 
THR OG1 HG1  sing N N 320 
THR CG2 HG21 sing N N 321 
THR CG2 HG22 sing N N 322 
THR CG2 HG23 sing N N 323 
THR OXT HXT  sing N N 324 
TRP N   CA   sing N N 325 
TRP N   H    sing N N 326 
TRP N   H2   sing N N 327 
TRP CA  C    sing N N 328 
TRP CA  CB   sing N N 329 
TRP CA  HA   sing N N 330 
TRP C   O    doub N N 331 
TRP C   OXT  sing N N 332 
TRP CB  CG   sing N N 333 
TRP CB  HB2  sing N N 334 
TRP CB  HB3  sing N N 335 
TRP CG  CD1  doub Y N 336 
TRP CG  CD2  sing Y N 337 
TRP CD1 NE1  sing Y N 338 
TRP CD1 HD1  sing N N 339 
TRP CD2 CE2  doub Y N 340 
TRP CD2 CE3  sing Y N 341 
TRP NE1 CE2  sing Y N 342 
TRP NE1 HE1  sing N N 343 
TRP CE2 CZ2  sing Y N 344 
TRP CE3 CZ3  doub Y N 345 
TRP CE3 HE3  sing N N 346 
TRP CZ2 CH2  doub Y N 347 
TRP CZ2 HZ2  sing N N 348 
TRP CZ3 CH2  sing Y N 349 
TRP CZ3 HZ3  sing N N 350 
TRP CH2 HH2  sing N N 351 
TRP OXT HXT  sing N N 352 
TYR N   CA   sing N N 353 
TYR N   H    sing N N 354 
TYR N   H2   sing N N 355 
TYR CA  C    sing N N 356 
TYR CA  CB   sing N N 357 
TYR CA  HA   sing N N 358 
TYR C   O    doub N N 359 
TYR C   OXT  sing N N 360 
TYR CB  CG   sing N N 361 
TYR CB  HB2  sing N N 362 
TYR CB  HB3  sing N N 363 
TYR CG  CD1  doub Y N 364 
TYR CG  CD2  sing Y N 365 
TYR CD1 CE1  sing Y N 366 
TYR CD1 HD1  sing N N 367 
TYR CD2 CE2  doub Y N 368 
TYR CD2 HD2  sing N N 369 
TYR CE1 CZ   doub Y N 370 
TYR CE1 HE1  sing N N 371 
TYR CE2 CZ   sing Y N 372 
TYR CE2 HE2  sing N N 373 
TYR CZ  OH   sing N N 374 
TYR OH  HH   sing N N 375 
TYR OXT HXT  sing N N 376 
VAL N   CA   sing N N 377 
VAL N   H    sing N N 378 
VAL N   H2   sing N N 379 
VAL CA  C    sing N N 380 
VAL CA  CB   sing N N 381 
VAL CA  HA   sing N N 382 
VAL C   O    doub N N 383 
VAL C   OXT  sing N N 384 
VAL CB  CG1  sing N N 385 
VAL CB  CG2  sing N N 386 
VAL CB  HB   sing N N 387 
VAL CG1 HG11 sing N N 388 
VAL CG1 HG12 sing N N 389 
VAL CG1 HG13 sing N N 390 
VAL CG2 HG21 sing N N 391 
VAL CG2 HG22 sing N N 392 
VAL CG2 HG23 sing N N 393 
VAL OXT HXT  sing N N 394 
# 
_atom_sites.entry_id                    1PAE 
_atom_sites.fract_transf_matrix[1][1]   -0.00087924 
_atom_sites.fract_transf_matrix[1][2]   -0.00900654 
_atom_sites.fract_transf_matrix[1][3]   0.01204768 
_atom_sites.fract_transf_matrix[2][1]   0.00510127 
_atom_sites.fract_transf_matrix[2][2]   0.00476164 
_atom_sites.fract_transf_matrix[2][3]   0.01335472 
_atom_sites.fract_transf_matrix[3][1]   -0.00848288 
_atom_sites.fract_transf_matrix[3][2]   0.00349543 
_atom_sites.fract_transf_matrix[3][3]   0.00199401 
_atom_sites.fract_transf_vector[1]      0.507214 
_atom_sites.fract_transf_vector[2]      0.961064 
_atom_sites.fract_transf_vector[3]      0.362978 
# 
loop_
_atom_type.symbol 
C  
N  
O  
SE 
# 
loop_
_atom_site.group_PDB 
_atom_site.id 
_atom_site.type_symbol 
_atom_site.label_atom_id 
_atom_site.label_alt_id 
_atom_site.label_comp_id 
_atom_site.label_asym_id 
_atom_site.label_entity_id 
_atom_site.label_seq_id 
_atom_site.pdbx_PDB_ins_code 
_atom_site.Cartn_x 
_atom_site.Cartn_y 
_atom_site.Cartn_z 
_atom_site.occupancy 
_atom_site.B_iso_or_equiv 
_atom_site.pdbx_formal_charge 
_atom_site.auth_seq_id 
_atom_site.auth_comp_id 
_atom_site.auth_asym_id 
_atom_site.auth_atom_id 
_atom_site.pdbx_PDB_model_num 
ATOM   1    N  N   . LYS A 1 8   ? 4.403   17.141  -4.300  1.00 35.45 ? 8   LYS X N   1 
ATOM   2    C  CA  . LYS A 1 8   ? 2.987   16.788  -4.567  1.00 35.26 ? 8   LYS X CA  1 
ATOM   3    C  C   . LYS A 1 8   ? 2.442   15.804  -3.474  1.00 34.81 ? 8   LYS X C   1 
ATOM   4    O  O   . LYS A 1 8   ? 3.114   15.498  -2.475  1.00 34.73 ? 8   LYS X O   1 
ATOM   5    C  CB  . LYS A 1 8   ? 2.849   16.192  -5.990  1.00 35.27 ? 8   LYS X CB  1 
ATOM   6    C  CG  . LYS A 1 8   ? 2.745   17.210  -7.156  1.00 37.09 ? 8   LYS X CG  1 
ATOM   7    C  CD  . LYS A 1 8   ? 1.291   17.682  -7.560  1.00 39.22 ? 8   LYS X CD  1 
ATOM   8    C  CE  . LYS A 1 8   ? 0.195   17.598  -6.431  1.00 40.02 ? 8   LYS X CE  1 
ATOM   9    N  NZ  . LYS A 1 8   ? -0.639  18.860  -6.328  1.00 41.97 ? 8   LYS X NZ  1 
ATOM   10   N  N   . GLU A 1 9   ? 1.217   15.329  -3.691  1.00 33.64 ? 9   GLU X N   1 
ATOM   11   C  CA  . GLU A 1 9   ? 0.533   14.370  -2.853  1.00 32.97 ? 9   GLU X CA  1 
ATOM   12   C  C   . GLU A 1 9   ? 1.285   13.032  -2.683  1.00 33.09 ? 9   GLU X C   1 
ATOM   13   O  O   . GLU A 1 9   ? 2.093   12.639  -3.523  1.00 33.35 ? 9   GLU X O   1 
ATOM   14   C  CB  . GLU A 1 9   ? -0.824  14.122  -3.506  1.00 32.78 ? 9   GLU X CB  1 
ATOM   15   C  CG  . GLU A 1 9   ? -1.900  13.498  -2.640  1.00 32.73 ? 9   GLU X CG  1 
ATOM   16   C  CD  . GLU A 1 9   ? -3.217  13.447  -3.389  1.00 33.89 ? 9   GLU X CD  1 
ATOM   17   O  OE1 . GLU A 1 9   ? -3.589  14.486  -3.970  1.00 35.17 ? 9   GLU X OE1 1 
ATOM   18   O  OE2 . GLU A 1 9   ? -3.868  12.377  -3.434  1.00 33.21 ? 9   GLU X OE2 1 
ATOM   19   N  N   . ARG A 1 10  ? 0.980   12.319  -1.605  1.00 32.65 ? 10  ARG X N   1 
ATOM   20   C  CA  . ARG A 1 10  ? 1.625   11.051  -1.293  1.00 32.45 ? 10  ARG X CA  1 
ATOM   21   C  C   . ARG A 1 10  ? 0.645   10.039  -0.704  1.00 31.89 ? 10  ARG X C   1 
ATOM   22   O  O   . ARG A 1 10  ? -0.247  10.397  0.049   1.00 32.19 ? 10  ARG X O   1 
ATOM   23   C  CB  . ARG A 1 10  ? 2.750   11.276  -0.286  1.00 32.80 ? 10  ARG X CB  1 
ATOM   24   C  CG  . ARG A 1 10  ? 3.937   12.057  -0.837  1.00 33.66 ? 10  ARG X CG  1 
ATOM   25   C  CD  . ARG A 1 10  ? 5.079   12.233  0.158   1.00 34.00 ? 10  ARG X CD  1 
ATOM   26   N  NE  . ARG A 1 10  ? 6.220   12.895  -0.474  1.00 35.00 ? 10  ARG X NE  1 
ATOM   27   C  CZ  . ARG A 1 10  ? 7.417   13.033  0.095   1.00 35.59 ? 10  ARG X CZ  1 
ATOM   28   N  NH1 . ARG A 1 10  ? 7.634   12.604  1.343   1.00 36.22 ? 10  ARG X NH1 1 
ATOM   29   N  NH2 . ARG A 1 10  ? 8.399   13.623  -0.578  1.00 34.90 ? 10  ARG X NH2 1 
ATOM   30   N  N   . THR A 1 11  ? 0.827   8.768   -1.036  1.00 31.09 ? 11  THR X N   1 
ATOM   31   C  CA  . THR A 1 11  ? 0.047   7.716   -0.424  1.00 30.53 ? 11  THR X CA  1 
ATOM   32   C  C   . THR A 1 11  ? 0.958   6.657   0.112   1.00 30.05 ? 11  THR X C   1 
ATOM   33   O  O   . THR A 1 11  ? 2.096   6.509   -0.327  1.00 29.32 ? 11  THR X O   1 
ATOM   34   C  CB  . THR A 1 11  ? -0.952  7.113   -1.416  1.00 30.89 ? 11  THR X CB  1 
ATOM   35   O  OG1 . THR A 1 11  ? -1.909  6.318   -0.710  1.00 31.55 ? 11  THR X OG1 1 
ATOM   36   C  CG2 . THR A 1 11  ? -0.274  6.110   -2.392  1.00 31.32 ? 11  THR X CG2 1 
ATOM   37   N  N   . PHE A 1 12  ? 0.438   5.938   1.097   1.00 30.25 ? 12  PHE X N   1 
ATOM   38   C  CA  . PHE A 1 12  ? 1.120   4.790   1.694   1.00 30.18 ? 12  PHE X CA  1 
ATOM   39   C  C   . PHE A 1 12  ? 0.520   3.507   1.101   1.00 30.19 ? 12  PHE X C   1 
ATOM   40   O  O   . PHE A 1 12  ? -0.710  3.373   1.022   1.00 29.97 ? 12  PHE X O   1 
ATOM   41   C  CB  . PHE A 1 12  ? 0.967   4.777   3.231   1.00 29.70 ? 12  PHE X CB  1 
ATOM   42   C  CG  . PHE A 1 12  ? 1.363   3.471   3.855   1.00 28.26 ? 12  PHE X CG  1 
ATOM   43   C  CD1 . PHE A 1 12  ? 2.678   3.251   4.239   1.00 27.97 ? 12  PHE X CD1 1 
ATOM   44   C  CD2 . PHE A 1 12  ? 0.443   2.448   3.995   1.00 27.30 ? 12  PHE X CD2 1 
ATOM   45   C  CE1 . PHE A 1 12  ? 3.071   2.046   4.789   1.00 27.45 ? 12  PHE X CE1 1 
ATOM   46   C  CE2 . PHE A 1 12  ? 0.809   1.230   4.548   1.00 27.71 ? 12  PHE X CE2 1 
ATOM   47   C  CZ  . PHE A 1 12  ? 2.139   1.026   4.952   1.00 27.89 ? 12  PHE X CZ  1 
ATOM   48   N  N   . LEU A 1 13  ? 1.394   2.581   0.704   1.00 29.84 ? 13  LEU X N   1 
ATOM   49   C  CA  . LEU A 1 13  ? 0.993   1.286   0.147   1.00 29.25 ? 13  LEU X CA  1 
ATOM   50   C  C   . LEU A 1 13  ? 1.721   0.175   0.921   1.00 28.99 ? 13  LEU X C   1 
ATOM   51   O  O   . LEU A 1 13  ? 2.877   0.329   1.314   1.00 28.50 ? 13  LEU X O   1 
ATOM   52   C  CB  . LEU A 1 13  ? 1.388   1.236   -1.326  1.00 29.14 ? 13  LEU X CB  1 
ATOM   53   C  CG  . LEU A 1 13  ? 0.441   1.465   -2.522  1.00 29.04 ? 13  LEU X CG  1 
ATOM   54   C  CD1 . LEU A 1 13  ? -0.972  1.749   -2.167  1.00 30.38 ? 13  LEU X CD1 1 
ATOM   55   C  CD2 . LEU A 1 13  ? 0.955   2.542   -3.386  1.00 28.68 ? 13  LEU X CD2 1 
ATOM   56   N  N   . ALA A 1 14  ? 1.048   -0.936  1.169   1.00 28.73 ? 14  ALA X N   1 
ATOM   57   C  CA  . ALA A 1 14  ? 1.707   -2.078  1.794   1.00 29.19 ? 14  ALA X CA  1 
ATOM   58   C  C   . ALA A 1 14  ? 1.356   -3.283  0.986   1.00 29.28 ? 14  ALA X C   1 
ATOM   59   O  O   . ALA A 1 14  ? 0.162   -3.549  0.793   1.00 29.45 ? 14  ALA X O   1 
ATOM   60   C  CB  . ALA A 1 14  ? 1.222   -2.289  3.235   1.00 29.29 ? 14  ALA X CB  1 
ATOM   61   N  N   . VAL A 1 15  ? 2.365   -4.013  0.515   1.00 28.98 ? 15  VAL X N   1 
ATOM   62   C  CA  . VAL A 1 15  ? 2.089   -5.328  -0.044  1.00 29.38 ? 15  VAL X CA  1 
ATOM   63   C  C   . VAL A 1 15  ? 2.177   -6.327  1.110   1.00 29.52 ? 15  VAL X C   1 
ATOM   64   O  O   . VAL A 1 15  ? 3.218   -6.501  1.754   1.00 29.72 ? 15  VAL X O   1 
ATOM   65   C  CB  . VAL A 1 15  ? 2.880   -5.705  -1.391  1.00 29.09 ? 15  VAL X CB  1 
ATOM   66   C  CG1 . VAL A 1 15  ? 4.037   -4.816  -1.661  1.00 29.67 ? 15  VAL X CG1 1 
ATOM   67   C  CG2 . VAL A 1 15  ? 3.281   -7.148  -1.433  1.00 28.40 ? 15  VAL X CG2 1 
ATOM   68   N  N   . LYS A 1 16  ? 1.030   -6.939  1.374   1.00 29.58 ? 16  LYS X N   1 
ATOM   69   C  CA  . LYS A 1 16  ? 0.817   -7.811  2.523   1.00 29.67 ? 16  LYS X CA  1 
ATOM   70   C  C   . LYS A 1 16  ? 1.524   -9.186  2.360   1.00 28.97 ? 16  LYS X C   1 
ATOM   71   O  O   . LYS A 1 16  ? 2.103   -9.472  1.324   1.00 28.61 ? 16  LYS X O   1 
ATOM   72   C  CB  . LYS A 1 16  ? -0.698  -7.909  2.767   1.00 29.84 ? 16  LYS X CB  1 
ATOM   73   C  CG  . LYS A 1 16  ? -1.326  -6.508  3.030   1.00 31.07 ? 16  LYS X CG  1 
ATOM   74   C  CD  . LYS A 1 16  ? -2.673  -6.569  3.789   1.00 33.34 ? 16  LYS X CD  1 
ATOM   75   C  CE  . LYS A 1 16  ? -3.871  -6.613  2.799   1.00 34.99 ? 16  LYS X CE  1 
ATOM   76   N  NZ  . LYS A 1 16  ? -5.117  -7.112  3.416   1.00 34.57 ? 16  LYS X NZ  1 
ATOM   77   N  N   . PRO A 1 17  ? 1.573   -9.993  3.408   1.00 28.67 ? 17  PRO X N   1 
ATOM   78   C  CA  . PRO A 1 17  ? 2.448   -11.191 3.387   1.00 28.30 ? 17  PRO X CA  1 
ATOM   79   C  C   . PRO A 1 17  ? 2.122   -12.222 2.317   1.00 27.39 ? 17  PRO X C   1 
ATOM   80   O  O   . PRO A 1 17  ? 3.036   -12.923 1.885   1.00 26.32 ? 17  PRO X O   1 
ATOM   81   C  CB  . PRO A 1 17  ? 2.280   -11.767 4.796   1.00 28.22 ? 17  PRO X CB  1 
ATOM   82   C  CG  . PRO A 1 17  ? 1.973   -10.533 5.609   1.00 28.79 ? 17  PRO X CG  1 
ATOM   83   C  CD  . PRO A 1 17  ? 0.940   -9.807  4.730   1.00 28.59 ? 17  PRO X CD  1 
ATOM   84   N  N   . ASP A 1 18  ? 0.846   -12.296 1.922   1.00 26.44 ? 18  ASP X N   1 
ATOM   85   C  CA  . ASP A 1 18  ? 0.414   -13.159 0.832   1.00 25.71 ? 18  ASP X CA  1 
ATOM   86   C  C   . ASP A 1 18  ? 0.923   -12.679 -0.536  1.00 26.12 ? 18  ASP X C   1 
ATOM   87   O  O   . ASP A 1 18  ? 1.313   -13.479 -1.357  1.00 26.31 ? 18  ASP X O   1 
ATOM   88   C  CB  . ASP A 1 18  ? -1.094  -13.317 0.834   1.00 25.42 ? 18  ASP X CB  1 
ATOM   89   C  CG  . ASP A 1 18  ? -1.838  -12.007 0.710   1.00 25.64 ? 18  ASP X CG  1 
ATOM   90   O  OD1 . ASP A 1 18  ? -1.514  -11.054 1.441   1.00 27.37 ? 18  ASP X OD1 1 
ATOM   91   O  OD2 . ASP A 1 18  ? -2.786  -11.843 -0.083  1.00 25.82 ? 18  ASP X OD2 1 
ATOM   92   N  N   . GLY A 1 19  ? 0.947   -11.371 -0.770  1.00 26.08 ? 19  GLY X N   1 
ATOM   93   C  CA  . GLY A 1 19  ? 1.600   -10.813 -1.937  1.00 26.03 ? 19  GLY X CA  1 
ATOM   94   C  C   . GLY A 1 19  ? 3.099   -11.052 -2.016  1.00 25.71 ? 19  GLY X C   1 
ATOM   95   O  O   . GLY A 1 19  ? 3.639   -11.404 -3.063  1.00 25.49 ? 19  GLY X O   1 
ATOM   96   N  N   . VAL A 1 20  ? 3.785   -10.869 -0.902  1.00 25.92 ? 20  VAL X N   1 
ATOM   97   C  CA  . VAL A 1 20  ? 5.233   -11.116 -0.865  1.00 25.76 ? 20  VAL X CA  1 
ATOM   98   C  C   . VAL A 1 20  ? 5.549   -12.588 -1.114  1.00 25.75 ? 20  VAL X C   1 
ATOM   99   O  O   . VAL A 1 20  ? 6.421   -12.915 -1.897  1.00 25.39 ? 20  VAL X O   1 
ATOM   100  C  CB  . VAL A 1 20  ? 5.846   -10.703 0.459   1.00 25.35 ? 20  VAL X CB  1 
ATOM   101  C  CG1 . VAL A 1 20  ? 7.324   -11.068 0.466   1.00 25.47 ? 20  VAL X CG1 1 
ATOM   102  C  CG2 . VAL A 1 20  ? 5.641   -9.191  0.699   1.00 24.53 ? 20  VAL X CG2 1 
ATOM   103  N  N   . ALA A 1 21  ? 4.800   -13.466 -0.461  1.00 26.20 ? 21  ALA X N   1 
ATOM   104  C  CA  . ALA A 1 21  ? 4.998   -14.916 -0.562  1.00 26.08 ? 21  ALA X CA  1 
ATOM   105  C  C   . ALA A 1 21  ? 4.758   -15.444 -1.971  1.00 26.15 ? 21  ALA X C   1 
ATOM   106  O  O   . ALA A 1 21  ? 5.382   -16.402 -2.377  1.00 26.53 ? 21  ALA X O   1 
ATOM   107  C  CB  . ALA A 1 21  ? 4.063   -15.604 0.388   1.00 25.90 ? 21  ALA X CB  1 
ATOM   108  N  N   . ARG A 1 22  ? 3.837   -14.812 -2.700  1.00 26.02 ? 22  ARG X N   1 
ATOM   109  C  CA  . ARG A 1 22  ? 3.441   -15.237 -4.043  1.00 25.46 ? 22  ARG X CA  1 
ATOM   110  C  C   . ARG A 1 22  ? 4.318   -14.612 -5.142  1.00 25.30 ? 22  ARG X C   1 
ATOM   111  O  O   . ARG A 1 22  ? 4.071   -14.846 -6.320  1.00 25.36 ? 22  ARG X O   1 
ATOM   112  C  CB  . ARG A 1 22  ? 1.975   -14.844 -4.295  1.00 25.63 ? 22  ARG X CB  1 
ATOM   113  C  CG  . ARG A 1 22  ? 0.927   -15.675 -3.552  1.00 25.64 ? 22  ARG X CG  1 
ATOM   114  C  CD  . ARG A 1 22  ? -0.188  -16.181 -4.441  1.00 27.50 ? 22  ARG X CD  1 
ATOM   115  N  NE  . ARG A 1 22  ? -1.243  -15.191 -4.626  1.00 27.99 ? 22  ARG X NE  1 
ATOM   116  C  CZ  . ARG A 1 22  ? -1.858  -14.888 -5.764  1.00 27.02 ? 22  ARG X CZ  1 
ATOM   117  N  NH1 . ARG A 1 22  ? -1.566  -15.452 -6.908  1.00 27.78 ? 22  ARG X NH1 1 
ATOM   118  N  NH2 . ARG A 1 22  ? -2.794  -13.968 -5.752  1.00 29.71 ? 22  ARG X NH2 1 
ATOM   119  N  N   . GLY A 1 23  ? 5.300   -13.788 -4.761  1.00 24.86 ? 23  GLY X N   1 
ATOM   120  C  CA  . GLY A 1 23  ? 6.259   -13.212 -5.694  1.00 24.31 ? 23  GLY X CA  1 
ATOM   121  C  C   . GLY A 1 23  ? 5.677   -12.116 -6.578  1.00 24.17 ? 23  GLY X C   1 
ATOM   122  O  O   . GLY A 1 23  ? 5.937   -12.054 -7.788  1.00 24.12 ? 23  GLY X O   1 
ATOM   123  N  N   . LEU A 1 24  ? 4.910   -11.221 -5.969  1.00 23.51 ? 24  LEU X N   1 
ATOM   124  C  CA  . LEU A 1 24  ? 4.170   -10.215 -6.707  1.00 22.95 ? 24  LEU X CA  1 
ATOM   125  C  C   . LEU A 1 24  ? 4.729   -8.801  -6.535  1.00 22.63 ? 24  LEU X C   1 
ATOM   126  O  O   . LEU A 1 24  ? 4.190   -7.841  -7.078  1.00 22.50 ? 24  LEU X O   1 
ATOM   127  C  CB  . LEU A 1 24  ? 2.718   -10.285 -6.262  1.00 22.79 ? 24  LEU X CB  1 
ATOM   128  C  CG  . LEU A 1 24  ? 1.767   -10.999 -7.212  1.00 24.50 ? 24  LEU X CG  1 
ATOM   129  C  CD1 . LEU A 1 24  ? 2.410   -12.117 -8.010  1.00 26.15 ? 24  LEU X CD1 1 
ATOM   130  C  CD2 . LEU A 1 24  ? 0.573   -11.517 -6.452  1.00 25.88 ? 24  LEU X CD2 1 
ATOM   131  N  N   . VAL A 1 25  ? 5.837   -8.685  -5.821  1.00 22.58 ? 25  VAL X N   1 
ATOM   132  C  CA  . VAL A 1 25  ? 6.337   -7.379  -5.384  1.00 22.74 ? 25  VAL X CA  1 
ATOM   133  C  C   . VAL A 1 25  ? 6.771   -6.481  -6.547  1.00 22.62 ? 25  VAL X C   1 
ATOM   134  O  O   . VAL A 1 25  ? 6.330   -5.336  -6.650  1.00 21.90 ? 25  VAL X O   1 
ATOM   135  C  CB  . VAL A 1 25  ? 7.506   -7.519  -4.347  1.00 22.30 ? 25  VAL X CB  1 
ATOM   136  C  CG1 . VAL A 1 25  ? 8.183   -6.165  -4.086  1.00 22.96 ? 25  VAL X CG1 1 
ATOM   137  C  CG2 . VAL A 1 25  ? 6.986   -8.045  -3.053  1.00 21.35 ? 25  VAL X CG2 1 
ATOM   138  N  N   . GLY A 1 26  ? 7.644   -7.016  -7.394  1.00 23.05 ? 26  GLY X N   1 
ATOM   139  C  CA  . GLY A 1 26  ? 8.218   -6.283  -8.517  1.00 23.23 ? 26  GLY X CA  1 
ATOM   140  C  C   . GLY A 1 26  ? 7.186   -5.943  -9.570  1.00 23.19 ? 26  GLY X C   1 
ATOM   141  O  O   . GLY A 1 26  ? 7.205   -4.861  -10.152 1.00 22.37 ? 26  GLY X O   1 
ATOM   142  N  N   . GLU A 1 27  ? 6.268   -6.876  -9.791  1.00 23.46 ? 27  GLU X N   1 
ATOM   143  C  CA  . GLU A 1 27  ? 5.124   -6.631  -10.660 1.00 24.01 ? 27  GLU X CA  1 
ATOM   144  C  C   . GLU A 1 27  ? 4.321   -5.376  -10.240 1.00 23.74 ? 27  GLU X C   1 
ATOM   145  O  O   . GLU A 1 27  ? 3.939   -4.563  -11.077 1.00 23.85 ? 27  GLU X O   1 
ATOM   146  C  CB  . GLU A 1 27  ? 4.230   -7.872  -10.668 1.00 24.41 ? 27  GLU X CB  1 
ATOM   147  C  CG  . GLU A 1 27  ? 2.882   -7.694  -11.368 1.00 27.06 ? 27  GLU X CG  1 
ATOM   148  C  CD  . GLU A 1 27  ? 2.958   -7.742  -12.874 1.00 29.52 ? 27  GLU X CD  1 
ATOM   149  O  OE1 . GLU A 1 27  ? 3.998   -8.169  -13.419 1.00 32.84 ? 27  GLU X OE1 1 
ATOM   150  O  OE2 . GLU A 1 27  ? 1.963   -7.355  -13.501 1.00 30.35 ? 27  GLU X OE2 1 
ATOM   151  N  N   . ILE A 1 28  ? 4.067   -5.244  -8.949  1.00 23.33 ? 28  ILE X N   1 
ATOM   152  C  CA  . ILE A 1 28  ? 3.216   -4.192  -8.417  1.00 23.28 ? 28  ILE X CA  1 
ATOM   153  C  C   . ILE A 1 28  ? 3.924   -2.845  -8.482  1.00 23.36 ? 28  ILE X C   1 
ATOM   154  O  O   . ILE A 1 28  ? 3.338   -1.847  -8.913  1.00 22.68 ? 28  ILE X O   1 
ATOM   155  C  CB  . ILE A 1 28  ? 2.834   -4.562  -6.945  1.00 23.84 ? 28  ILE X CB  1 
ATOM   156  C  CG1 . ILE A 1 28  ? 1.666   -5.556  -6.970  1.00 24.25 ? 28  ILE X CG1 1 
ATOM   157  C  CG2 . ILE A 1 28  ? 2.518   -3.337  -6.083  1.00 23.28 ? 28  ILE X CG2 1 
ATOM   158  C  CD1 . ILE A 1 28  ? 1.407   -6.217  -5.652  1.00 24.81 ? 28  ILE X CD1 1 
ATOM   159  N  N   . ILE A 1 29  ? 5.182   -2.823  -8.016  1.00 23.24 ? 29  ILE X N   1 
ATOM   160  C  CA  . ILE A 1 29  ? 6.044   -1.650  -8.105  1.00 22.76 ? 29  ILE X CA  1 
ATOM   161  C  C   . ILE A 1 29  ? 6.131   -1.177  -9.567  1.00 22.58 ? 29  ILE X C   1 
ATOM   162  O  O   . ILE A 1 29  ? 6.042   0.001   -9.835  1.00 22.95 ? 29  ILE X O   1 
ATOM   163  C  CB  . ILE A 1 29  ? 7.461   -1.979  -7.544  1.00 22.79 ? 29  ILE X CB  1 
ATOM   164  C  CG1 . ILE A 1 29  ? 7.434   -2.161  -6.035  1.00 22.47 ? 29  ILE X CG1 1 
ATOM   165  C  CG2 . ILE A 1 29  ? 8.470   -0.874  -7.849  1.00 23.59 ? 29  ILE X CG2 1 
ATOM   166  C  CD1 . ILE A 1 29  ? 8.791   -2.586  -5.438  1.00 22.78 ? 29  ILE X CD1 1 
ATOM   167  N  N   . ALA A 1 30  ? 6.292   -2.107  -10.503 1.00 22.42 ? 30  ALA X N   1 
ATOM   168  C  CA  . ALA A 1 30  ? 6.454   -1.775  -11.927 1.00 22.09 ? 30  ALA X CA  1 
ATOM   169  C  C   . ALA A 1 30  ? 5.225   -1.066  -12.479 1.00 22.11 ? 30  ALA X C   1 
ATOM   170  O  O   . ALA A 1 30  ? 5.367   -0.157  -13.289 1.00 22.16 ? 30  ALA X O   1 
ATOM   171  C  CB  . ALA A 1 30  ? 6.764   -3.027  -12.760 1.00 21.53 ? 30  ALA X CB  1 
ATOM   172  N  N   . ARG A 1 31  ? 4.035   -1.475  -12.025 1.00 21.82 ? 31  ARG X N   1 
ATOM   173  C  CA  . ARG A 1 31  ? 2.776   -0.843  -12.427 1.00 21.77 ? 31  ARG X CA  1 
ATOM   174  C  C   . ARG A 1 31  ? 2.702   0.644   -12.068 1.00 21.66 ? 31  ARG X C   1 
ATOM   175  O  O   . ARG A 1 31  ? 2.237   1.454   -12.865 1.00 20.68 ? 31  ARG X O   1 
ATOM   176  C  CB  . ARG A 1 31  ? 1.577   -1.603  -11.837 1.00 21.91 ? 31  ARG X CB  1 
ATOM   177  C  CG  . ARG A 1 31  ? 1.060   -2.708  -12.770 1.00 23.82 ? 31  ARG X CG  1 
ATOM   178  C  CD  . ARG A 1 31  ? 0.640   -4.025  -12.132 1.00 24.88 ? 31  ARG X CD  1 
ATOM   179  N  NE  . ARG A 1 31  ? -0.803  -4.202  -12.262 1.00 25.63 ? 31  ARG X NE  1 
ATOM   180  C  CZ  . ARG A 1 31  ? -1.447  -5.209  -12.861 1.00 23.76 ? 31  ARG X CZ  1 
ATOM   181  N  NH1 . ARG A 1 31  ? -0.838  -6.233  -13.426 1.00 20.00 ? 31  ARG X NH1 1 
ATOM   182  N  NH2 . ARG A 1 31  ? -2.761  -5.174  -12.856 1.00 26.01 ? 31  ARG X NH2 1 
ATOM   183  N  N   . TYR A 1 32  ? 3.197   0.985   -10.884 1.00 22.28 ? 32  TYR X N   1 
ATOM   184  C  CA  . TYR A 1 32  ? 3.174   2.353   -10.389 1.00 23.26 ? 32  TYR X CA  1 
ATOM   185  C  C   . TYR A 1 32  ? 4.265   3.208   -11.035 1.00 24.19 ? 32  TYR X C   1 
ATOM   186  O  O   . TYR A 1 32  ? 4.010   4.372   -11.381 1.00 23.79 ? 32  TYR X O   1 
ATOM   187  C  CB  . TYR A 1 32  ? 3.296   2.358   -8.861  1.00 23.65 ? 32  TYR X CB  1 
ATOM   188  C  CG  . TYR A 1 32  ? 2.013   1.887   -8.184  1.00 24.98 ? 32  TYR X CG  1 
ATOM   189  C  CD1 . TYR A 1 32  ? 0.857   2.641   -8.261  1.00 26.72 ? 32  TYR X CD1 1 
ATOM   190  C  CD2 . TYR A 1 32  ? 1.956   0.678   -7.509  1.00 24.84 ? 32  TYR X CD2 1 
ATOM   191  C  CE1 . TYR A 1 32  ? -0.326  2.217   -7.663  1.00 28.12 ? 32  TYR X CE1 1 
ATOM   192  C  CE2 . TYR A 1 32  ? 0.797   0.247   -6.923  1.00 26.78 ? 32  TYR X CE2 1 
ATOM   193  C  CZ  . TYR A 1 32  ? -0.354  1.021   -6.995  1.00 28.15 ? 32  TYR X CZ  1 
ATOM   194  O  OH  . TYR A 1 32  ? -1.542  0.597   -6.420  1.00 27.76 ? 32  TYR X OH  1 
ATOM   195  N  N   . GLU A 1 33  ? 5.465   2.634   -11.225 1.00 24.92 ? 33  GLU X N   1 
ATOM   196  C  CA  . GLU A 1 33  ? 6.533   3.311   -11.956 1.00 25.12 ? 33  GLU X CA  1 
ATOM   197  C  C   . GLU A 1 33  ? 6.071   3.631   -13.384 1.00 26.17 ? 33  GLU X C   1 
ATOM   198  O  O   . GLU A 1 33  ? 6.317   4.710   -13.878 1.00 26.42 ? 33  GLU X O   1 
ATOM   199  C  CB  . GLU A 1 33  ? 7.804   2.474   -12.007 1.00 24.75 ? 33  GLU X CB  1 
ATOM   200  C  CG  . GLU A 1 33  ? 8.554   2.307   -10.691 1.00 24.28 ? 33  GLU X CG  1 
ATOM   201  C  CD  . GLU A 1 33  ? 9.753   1.358   -10.840 1.00 24.42 ? 33  GLU X CD  1 
ATOM   202  O  OE1 . GLU A 1 33  ? 9.524   0.148   -11.094 1.00 23.40 ? 33  GLU X OE1 1 
ATOM   203  O  OE2 . GLU A 1 33  ? 10.921  1.808   -10.728 1.00 21.96 ? 33  GLU X OE2 1 
ATOM   204  N  N   . LYS A 1 34  ? 5.380   2.711   -14.038 1.00 27.42 ? 34  LYS X N   1 
ATOM   205  C  CA  . LYS A 1 34  ? 4.947   2.920   -15.428 1.00 28.88 ? 34  LYS X CA  1 
ATOM   206  C  C   . LYS A 1 34  ? 3.900   4.020   -15.584 1.00 28.69 ? 34  LYS X C   1 
ATOM   207  O  O   . LYS A 1 34  ? 3.768   4.613   -16.648 1.00 29.22 ? 34  LYS X O   1 
ATOM   208  C  CB  . LYS A 1 34  ? 4.348   1.632   -15.996 1.00 29.77 ? 34  LYS X CB  1 
ATOM   209  C  CG  . LYS A 1 34  ? 5.368   0.651   -16.554 1.00 33.20 ? 34  LYS X CG  1 
ATOM   210  C  CD  . LYS A 1 34  ? 4.657   -0.450  -17.389 1.00 38.56 ? 34  LYS X CD  1 
ATOM   211  C  CE  . LYS A 1 34  ? 4.784   -1.866  -16.782 1.00 41.15 ? 34  LYS X CE  1 
ATOM   212  N  NZ  . LYS A 1 34  ? 5.770   -2.670  -17.565 1.00 43.73 ? 34  LYS X NZ  1 
ATOM   213  N  N   . LYS A 1 35  ? 3.146   4.248   -14.517 1.00 28.79 ? 35  LYS X N   1 
ATOM   214  C  CA  . LYS A 1 35  ? 2.095   5.260   -14.447 1.00 28.60 ? 35  LYS X CA  1 
ATOM   215  C  C   . LYS A 1 35  ? 2.679   6.677   -14.295 1.00 28.95 ? 35  LYS X C   1 
ATOM   216  O  O   . LYS A 1 35  ? 2.002   7.665   -14.612 1.00 29.09 ? 35  LYS X O   1 
ATOM   217  C  CB  . LYS A 1 35  ? 1.150   4.896   -13.274 1.00 28.51 ? 35  LYS X CB  1 
ATOM   218  C  CG  . LYS A 1 35  ? -0.043  5.796   -13.038 1.00 26.86 ? 35  LYS X CG  1 
ATOM   219  C  CD  . LYS A 1 35  ? -1.072  5.647   -14.102 1.00 26.11 ? 35  LYS X CD  1 
ATOM   220  C  CE  . LYS A 1 35  ? -2.394  6.349   -13.694 1.00 25.78 ? 35  LYS X CE  1 
ATOM   221  N  NZ  . LYS A 1 35  ? -3.379  6.511   -14.795 1.00 21.59 ? 35  LYS X NZ  1 
ATOM   222  N  N   . GLY A 1 36  ? 3.923   6.766   -13.805 1.00 29.14 ? 36  GLY X N   1 
ATOM   223  C  CA  . GLY A 1 36  ? 4.633   8.025   -13.616 1.00 29.15 ? 36  GLY X CA  1 
ATOM   224  C  C   . GLY A 1 36  ? 4.730   8.501   -12.159 1.00 29.82 ? 36  GLY X C   1 
ATOM   225  O  O   . GLY A 1 36  ? 5.238   9.594   -11.889 1.00 30.67 ? 36  GLY X O   1 
ATOM   226  N  N   . PHE A 1 37  ? 4.243   7.713   -11.206 1.00 29.83 ? 37  PHE X N   1 
ATOM   227  C  CA  . PHE A 1 37  ? 4.405   8.056   -9.807  1.00 29.78 ? 37  PHE X CA  1 
ATOM   228  C  C   . PHE A 1 37  ? 5.846   7.779   -9.417  1.00 30.43 ? 37  PHE X C   1 
ATOM   229  O  O   . PHE A 1 37  ? 6.487   6.918   -9.996  1.00 30.08 ? 37  PHE X O   1 
ATOM   230  C  CB  . PHE A 1 37  ? 3.429   7.268   -8.944  1.00 29.56 ? 37  PHE X CB  1 
ATOM   231  C  CG  . PHE A 1 37  ? 1.966   7.575   -9.230  1.00 30.19 ? 37  PHE X CG  1 
ATOM   232  C  CD1 . PHE A 1 37  ? 1.526   8.879   -9.421  1.00 29.49 ? 37  PHE X CD1 1 
ATOM   233  C  CD2 . PHE A 1 37  ? 1.023   6.557   -9.265  1.00 31.23 ? 37  PHE X CD2 1 
ATOM   234  C  CE1 . PHE A 1 37  ? 0.202   9.160   -9.664  1.00 28.99 ? 37  PHE X CE1 1 
ATOM   235  C  CE2 . PHE A 1 37  ? -0.335  6.841   -9.490  1.00 31.66 ? 37  PHE X CE2 1 
ATOM   236  C  CZ  . PHE A 1 37  ? -0.738  8.145   -9.694  1.00 30.84 ? 37  PHE X CZ  1 
ATOM   237  N  N   . VAL A 1 38  ? 6.355   8.530   -8.442  1.00 31.49 ? 38  VAL X N   1 
ATOM   238  C  CA  . VAL A 1 38  ? 7.763   8.449   -8.036  1.00 32.04 ? 38  VAL X CA  1 
ATOM   239  C  C   . VAL A 1 38  ? 7.919   7.835   -6.639  1.00 32.04 ? 38  VAL X C   1 
ATOM   240  O  O   . VAL A 1 38  ? 7.249   8.220   -5.703  1.00 31.92 ? 38  VAL X O   1 
ATOM   241  C  CB  . VAL A 1 38  ? 8.426   9.849   -8.024  1.00 32.25 ? 38  VAL X CB  1 
ATOM   242  C  CG1 . VAL A 1 38  ? 9.892   9.757   -7.631  1.00 32.11 ? 38  VAL X CG1 1 
ATOM   243  C  CG2 . VAL A 1 38  ? 8.291   10.505  -9.366  1.00 32.74 ? 38  VAL X CG2 1 
ATOM   244  N  N   . LEU A 1 39  ? 8.853   6.905   -6.519  1.00 32.10 ? 39  LEU X N   1 
ATOM   245  C  CA  . LEU A 1 39  ? 9.092   6.168   -5.291  1.00 32.02 ? 39  LEU X CA  1 
ATOM   246  C  C   . LEU A 1 39  ? 9.916   7.003   -4.323  1.00 32.21 ? 39  LEU X C   1 
ATOM   247  O  O   . LEU A 1 39  ? 11.068  7.332   -4.623  1.00 31.77 ? 39  LEU X O   1 
ATOM   248  C  CB  . LEU A 1 39  ? 9.835   4.894   -5.654  1.00 32.00 ? 39  LEU X CB  1 
ATOM   249  C  CG  . LEU A 1 39  ? 10.008  3.754   -4.670  1.00 32.35 ? 39  LEU X CG  1 
ATOM   250  C  CD1 . LEU A 1 39  ? 8.682   3.274   -4.089  1.00 31.47 ? 39  LEU X CD1 1 
ATOM   251  C  CD2 . LEU A 1 39  ? 10.749  2.609   -5.422  1.00 33.01 ? 39  LEU X CD2 1 
ATOM   252  N  N   . VAL A 1 40  ? 9.306   7.371   -3.187  1.00 32.39 ? 40  VAL X N   1 
ATOM   253  C  CA  . VAL A 1 40  ? 9.984   8.144   -2.138  1.00 32.58 ? 40  VAL X CA  1 
ATOM   254  C  C   . VAL A 1 40  ? 10.193  7.392   -0.806  1.00 32.67 ? 40  VAL X C   1 
ATOM   255  O  O   . VAL A 1 40  ? 10.831  7.911   0.077   1.00 32.90 ? 40  VAL X O   1 
ATOM   256  C  CB  . VAL A 1 40  ? 9.338   9.569   -1.909  1.00 32.41 ? 40  VAL X CB  1 
ATOM   257  C  CG1 . VAL A 1 40  ? 9.141   10.286  -3.227  1.00 32.49 ? 40  VAL X CG1 1 
ATOM   258  C  CG2 . VAL A 1 40  ? 8.040   9.499   -1.203  1.00 32.96 ? 40  VAL X CG2 1 
ATOM   259  N  N   . GLY A 1 41  ? 9.684   6.172   -0.680  1.00 33.01 ? 41  GLY X N   1 
ATOM   260  C  CA  . GLY A 1 41  ? 9.995   5.289   0.445   1.00 32.71 ? 41  GLY X CA  1 
ATOM   261  C  C   . GLY A 1 41  ? 9.846   3.811   0.086   1.00 32.56 ? 41  GLY X C   1 
ATOM   262  O  O   . GLY A 1 41  ? 8.994   3.440   -0.701  1.00 32.15 ? 41  GLY X O   1 
ATOM   263  N  N   . LEU A 1 42  ? 10.686  2.957   0.652   1.00 33.10 ? 42  LEU X N   1 
ATOM   264  C  CA  . LEU A 1 42  ? 10.607  1.515   0.384   1.00 33.33 ? 42  LEU X CA  1 
ATOM   265  C  C   . LEU A 1 42  ? 11.419  0.701   1.401   1.00 33.74 ? 42  LEU X C   1 
ATOM   266  O  O   . LEU A 1 42  ? 12.636  0.900   1.541   1.00 33.72 ? 42  LEU X O   1 
ATOM   267  C  CB  . LEU A 1 42  ? 11.103  1.231   -1.035  1.00 33.18 ? 42  LEU X CB  1 
ATOM   268  C  CG  . LEU A 1 42  ? 11.136  -0.199  -1.548  1.00 33.24 ? 42  LEU X CG  1 
ATOM   269  C  CD1 . LEU A 1 42  ? 9.758   -0.654  -1.948  1.00 34.03 ? 42  LEU X CD1 1 
ATOM   270  C  CD2 . LEU A 1 42  ? 12.066  -0.274  -2.719  1.00 33.28 ? 42  LEU X CD2 1 
ATOM   271  N  N   . LYS A 1 43  ? 10.752  -0.197  2.125   1.00 34.10 ? 43  LYS X N   1 
ATOM   272  C  CA  . LYS A 1 43  ? 11.468  -1.196  2.915   1.00 34.68 ? 43  LYS X CA  1 
ATOM   273  C  C   . LYS A 1 43  ? 10.705  -2.514  3.077   1.00 34.55 ? 43  LYS X C   1 
ATOM   274  O  O   . LYS A 1 43  ? 9.490   -2.529  3.058   1.00 34.31 ? 43  LYS X O   1 
ATOM   275  C  CB  . LYS A 1 43  ? 11.833  -0.617  4.289   1.00 35.15 ? 43  LYS X CB  1 
ATOM   276  C  CG  . LYS A 1 43  ? 10.656  -0.379  5.237   1.00 36.57 ? 43  LYS X CG  1 
ATOM   277  C  CD  . LYS A 1 43  ? 10.736  1.011   5.871   1.00 39.63 ? 43  LYS X CD  1 
ATOM   278  C  CE  . LYS A 1 43  ? 10.488  1.012   7.379   1.00 40.81 ? 43  LYS X CE  1 
ATOM   279  N  NZ  . LYS A 1 43  ? 10.705  2.372   7.931   1.00 41.13 ? 43  LYS X NZ  1 
ATOM   280  N  N   . GLN A 1 44  ? 11.428  -3.614  3.233   1.00 34.73 ? 44  GLN X N   1 
ATOM   281  C  CA  . GLN A 1 44  ? 10.838  -4.853  3.723   1.00 35.14 ? 44  GLN X CA  1 
ATOM   282  C  C   . GLN A 1 44  ? 11.046  -4.967  5.242   1.00 35.79 ? 44  GLN X C   1 
ATOM   283  O  O   . GLN A 1 44  ? 12.127  -4.700  5.754   1.00 35.61 ? 44  GLN X O   1 
ATOM   284  C  CB  . GLN A 1 44  ? 11.448  -6.077  3.043   1.00 34.86 ? 44  GLN X CB  1 
ATOM   285  C  CG  . GLN A 1 44  ? 10.617  -7.342  3.260   1.00 34.59 ? 44  GLN X CG  1 
ATOM   286  C  CD  . GLN A 1 44  ? 11.283  -8.576  2.714   1.00 34.21 ? 44  GLN X CD  1 
ATOM   287  O  OE1 . GLN A 1 44  ? 10.678  -9.326  1.930   1.00 32.18 ? 44  GLN X OE1 1 
ATOM   288  N  NE2 . GLN A 1 44  ? 12.533  -8.802  3.126   1.00 34.88 ? 44  GLN X NE2 1 
ATOM   289  N  N   . LEU A 1 45  ? 9.998   -5.371  5.951   1.00 36.62 ? 45  LEU X N   1 
ATOM   290  C  CA  . LEU A 1 45  ? 10.065  -5.578  7.391   1.00 37.35 ? 45  LEU X CA  1 
ATOM   291  C  C   . LEU A 1 45  ? 8.960   -6.537  7.858   1.00 37.78 ? 45  LEU X C   1 
ATOM   292  O  O   . LEU A 1 45  ? 7.937   -6.691  7.201   1.00 36.45 ? 45  LEU X O   1 
ATOM   293  C  CB  . LEU A 1 45  ? 9.966   -4.232  8.130   1.00 37.48 ? 45  LEU X CB  1 
ATOM   294  C  CG  . LEU A 1 45  ? 8.567   -3.611  8.327   1.00 38.81 ? 45  LEU X CG  1 
ATOM   295  C  CD1 . LEU A 1 45  ? 8.614   -2.483  9.356   1.00 39.68 ? 45  LEU X CD1 1 
ATOM   296  C  CD2 . LEU A 1 45  ? 7.973   -3.093  7.007   1.00 40.07 ? 45  LEU X CD2 1 
ATOM   297  N  N   . VAL A 1 46  ? 9.194   -7.188  8.998   1.00 39.15 ? 46  VAL X N   1 
ATOM   298  C  CA  . VAL A 1 46  ? 8.160   -7.976  9.667   1.00 40.06 ? 46  VAL X CA  1 
ATOM   299  C  C   . VAL A 1 46  ? 7.511   -7.082  10.710  1.00 40.93 ? 46  VAL X C   1 
ATOM   300  O  O   . VAL A 1 46  ? 8.121   -6.763  11.721  1.00 41.36 ? 46  VAL X O   1 
ATOM   301  C  CB  . VAL A 1 46  ? 8.707   -9.243  10.350  1.00 39.99 ? 46  VAL X CB  1 
ATOM   302  C  CG1 . VAL A 1 46  ? 7.542   -10.113 10.880  1.00 40.24 ? 46  VAL X CG1 1 
ATOM   303  C  CG2 . VAL A 1 46  ? 9.591   -10.041 9.398   1.00 39.48 ? 46  VAL X CG2 1 
ATOM   304  N  N   . PRO A 1 47  ? 6.276   -6.666  10.474  1.00 42.19 ? 47  PRO X N   1 
ATOM   305  C  CA  . PRO A 1 47  ? 5.644   -5.723  11.375  1.00 43.12 ? 47  PRO X CA  1 
ATOM   306  C  C   . PRO A 1 47  ? 5.518   -6.264  12.784  1.00 43.96 ? 47  PRO X C   1 
ATOM   307  O  O   . PRO A 1 47  ? 5.262   -7.437  13.022  1.00 43.91 ? 47  PRO X O   1 
ATOM   308  C  CB  . PRO A 1 47  ? 4.260   -5.508  10.748  1.00 43.28 ? 47  PRO X CB  1 
ATOM   309  C  CG  . PRO A 1 47  ? 4.421   -5.879  9.346   1.00 42.54 ? 47  PRO X CG  1 
ATOM   310  C  CD  . PRO A 1 47  ? 5.369   -7.039  9.374   1.00 42.43 ? 47  PRO X CD  1 
ATOM   311  N  N   . THR A 1 48  ? 5.693   -5.336  13.710  1.00 45.51 ? 48  THR X N   1 
ATOM   312  C  CA  . THR A 1 48  ? 5.599   -5.547  15.154  1.00 46.18 ? 48  THR X CA  1 
ATOM   313  C  C   . THR A 1 48  ? 4.122   -5.512  15.597  1.00 46.71 ? 48  THR X C   1 
ATOM   314  O  O   . THR A 1 48  ? 3.326   -4.827  14.991  1.00 46.62 ? 48  THR X O   1 
ATOM   315  C  CB  . THR A 1 48  ? 6.488   -4.443  15.805  1.00 46.04 ? 48  THR X CB  1 
ATOM   316  O  OG1 . THR A 1 48  ? 7.560   -5.054  16.513  1.00 45.13 ? 48  THR X OG1 1 
ATOM   317  C  CG2 . THR A 1 48  ? 5.781   -3.631  16.822  1.00 47.18 ? 48  THR X CG2 1 
ATOM   318  N  N   . LYS A 1 49  ? 3.748   -6.282  16.611  1.00 47.86 ? 49  LYS X N   1 
ATOM   319  C  CA  . LYS A 1 49  ? 2.376   -6.220  17.155  1.00 48.98 ? 49  LYS X CA  1 
ATOM   320  C  C   . LYS A 1 49  ? 1.851   -4.786  17.357  1.00 49.00 ? 49  LYS X C   1 
ATOM   321  O  O   . LYS A 1 49  ? 0.755   -4.443  16.925  1.00 48.31 ? 49  LYS X O   1 
ATOM   322  C  CB  . LYS A 1 49  ? 2.281   -6.962  18.499  1.00 49.54 ? 49  LYS X CB  1 
ATOM   323  C  CG  . LYS A 1 49  ? 1.587   -8.336  18.460  1.00 52.67 ? 49  LYS X CG  1 
ATOM   324  C  CD  . LYS A 1 49  ? 0.134   -8.281  19.011  1.00 56.78 ? 49  LYS X CD  1 
ATOM   325  C  CE  . LYS A 1 49  ? 0.059   -8.215  20.567  1.00 58.98 ? 49  LYS X CE  1 
ATOM   326  N  NZ  . LYS A 1 49  ? -0.557  -9.442  21.191  1.00 59.88 ? 49  LYS X NZ  1 
ATOM   327  N  N   . ASP A 1 50  ? 2.613   -3.940  18.025  1.00 49.55 ? 50  ASP X N   1 
ATOM   328  C  CA  . ASP A 1 50  ? 2.045   -2.645  18.377  1.00 50.60 ? 50  ASP X CA  1 
ATOM   329  C  C   . ASP A 1 50  ? 2.030   -1.641  17.216  1.00 50.05 ? 50  ASP X C   1 
ATOM   330  O  O   . ASP A 1 50  ? 1.257   -0.685  17.244  1.00 50.01 ? 50  ASP X O   1 
ATOM   331  C  CB  . ASP A 1 50  ? 2.625   -2.081  19.709  1.00 51.33 ? 50  ASP X CB  1 
ATOM   332  C  CG  . ASP A 1 50  ? 4.121   -1.834  19.660  1.00 54.09 ? 50  ASP X CG  1 
ATOM   333  O  OD1 . ASP A 1 50  ? 4.559   -1.084  18.749  1.00 57.13 ? 50  ASP X OD1 1 
ATOM   334  O  OD2 . ASP A 1 50  ? 4.926   -2.334  20.500  1.00 57.36 ? 50  ASP X OD2 1 
ATOM   335  N  N   . LEU A 1 51  ? 2.829   -1.888  16.176  1.00 49.72 ? 51  LEU X N   1 
ATOM   336  C  CA  . LEU A 1 51  ? 2.733   -1.132  14.909  1.00 49.08 ? 51  LEU X CA  1 
ATOM   337  C  C   . LEU A 1 51  ? 1.444   -1.514  14.175  1.00 48.75 ? 51  LEU X C   1 
ATOM   338  O  O   . LEU A 1 51  ? 0.706   -0.647  13.730  1.00 48.59 ? 51  LEU X O   1 
ATOM   339  C  CB  . LEU A 1 51  ? 3.972   -1.365  14.040  1.00 48.96 ? 51  LEU X CB  1 
ATOM   340  C  CG  . LEU A 1 51  ? 4.030   -1.090  12.531  1.00 48.96 ? 51  LEU X CG  1 
ATOM   341  C  CD1 . LEU A 1 51  ? 4.017   0.359   12.170  1.00 48.79 ? 51  LEU X CD1 1 
ATOM   342  C  CD2 . LEU A 1 51  ? 5.299   -1.698  11.990  1.00 49.86 ? 51  LEU X CD2 1 
ATOM   343  N  N   . ALA A 1 52  ? 1.163   -2.812  14.110  1.00 48.58 ? 52  ALA X N   1 
ATOM   344  C  CA  . ALA A 1 52  ? -0.069  -3.356  13.520  1.00 48.64 ? 52  ALA X CA  1 
ATOM   345  C  C   . ALA A 1 52  ? -1.348  -2.841  14.172  1.00 48.73 ? 52  ALA X C   1 
ATOM   346  O  O   . ALA A 1 52  ? -2.309  -2.483  13.479  1.00 48.18 ? 52  ALA X O   1 
ATOM   347  C  CB  . ALA A 1 52  ? -0.050  -4.892  13.597  1.00 48.72 ? 52  ALA X CB  1 
ATOM   348  N  N   . GLU A 1 53  ? -1.350  -2.835  15.508  1.00 49.16 ? 53  GLU X N   1 
ATOM   349  C  CA  . GLU A 1 53  ? -2.493  -2.380  16.303  1.00 49.13 ? 53  GLU X CA  1 
ATOM   350  C  C   . GLU A 1 53  ? -2.735  -0.888  16.078  1.00 49.15 ? 53  GLU X C   1 
ATOM   351  O  O   . GLU A 1 53  ? -3.888  -0.454  16.020  1.00 48.79 ? 53  GLU X O   1 
ATOM   352  C  CB  . GLU A 1 53  ? -2.292  -2.675  17.802  1.00 49.28 ? 53  GLU X CB  1 
ATOM   353  C  CG  . GLU A 1 53  ? -2.717  -4.067  18.287  1.00 49.33 ? 53  GLU X CG  1 
ATOM   354  C  CD  . GLU A 1 53  ? -2.260  -4.373  19.713  1.00 50.56 ? 53  GLU X CD  1 
ATOM   355  O  OE1 . GLU A 1 53  ? -1.786  -3.461  20.427  1.00 52.87 ? 53  GLU X OE1 1 
ATOM   356  O  OE2 . GLU A 1 53  ? -2.356  -5.540  20.135  1.00 52.17 ? 53  GLU X OE2 1 
ATOM   357  N  N   . SER A 1 54  ? -1.666  -0.109  15.926  1.00 49.41 ? 54  SER X N   1 
ATOM   358  C  CA  . SER A 1 54  ? -1.830  1.301   15.550  1.00 50.16 ? 54  SER X CA  1 
ATOM   359  C  C   . SER A 1 54  ? -2.359  1.417   14.130  1.00 50.77 ? 54  SER X C   1 
ATOM   360  O  O   . SER A 1 54  ? -3.247  2.241   13.873  1.00 51.06 ? 54  SER X O   1 
ATOM   361  C  CB  . SER A 1 54  ? -0.531  2.096   15.642  1.00 50.14 ? 54  SER X CB  1 
ATOM   362  O  OG  . SER A 1 54  ? 0.215   1.736   16.777  1.00 51.04 ? 54  SER X OG  1 
ATOM   363  N  N   . HIS A 1 55  ? -1.824  0.590   13.219  1.00 51.36 ? 55  HIS X N   1 
ATOM   364  C  CA  . HIS A 1 55  ? -2.179  0.648   11.790  1.00 51.69 ? 55  HIS X CA  1 
ATOM   365  C  C   . HIS A 1 55  ? -3.664  0.398   11.547  1.00 52.16 ? 55  HIS X C   1 
ATOM   366  O  O   . HIS A 1 55  ? -4.307  1.079   10.763  1.00 52.00 ? 55  HIS X O   1 
ATOM   367  C  CB  . HIS A 1 55  ? -1.339  -0.332  10.953  1.00 51.45 ? 55  HIS X CB  1 
ATOM   368  C  CG  . HIS A 1 55  ? -1.648  -0.284  9.487   1.00 51.16 ? 55  HIS X CG  1 
ATOM   369  N  ND1 . HIS A 1 55  ? -1.341  0.803   8.696   1.00 51.11 ? 55  HIS X ND1 1 
ATOM   370  C  CD2 . HIS A 1 55  ? -2.275  -1.170  8.677   1.00 50.36 ? 55  HIS X CD2 1 
ATOM   371  C  CE1 . HIS A 1 55  ? -1.754  0.579   7.461   1.00 49.96 ? 55  HIS X CE1 1 
ATOM   372  N  NE2 . HIS A 1 55  ? -2.324  -0.611  7.423   1.00 49.63 ? 55  HIS X NE2 1 
ATOM   373  N  N   . TYR A 1 56  ? -4.211  -0.573  12.244  1.00 53.30 ? 56  TYR X N   1 
ATOM   374  C  CA  . TYR A 1 56  ? -5.599  -0.928  12.059  1.00 54.36 ? 56  TYR X CA  1 
ATOM   375  C  C   . TYR A 1 56  ? -6.413  -0.360  13.241  1.00 55.34 ? 56  TYR X C   1 
ATOM   376  O  O   . TYR A 1 56  ? -7.306  -1.031  13.766  1.00 55.53 ? 56  TYR X O   1 
ATOM   377  C  CB  . TYR A 1 56  ? -5.701  -2.460  11.975  1.00 54.20 ? 56  TYR X CB  1 
ATOM   378  C  CG  . TYR A 1 56  ? -5.315  -3.083  10.640  1.00 54.08 ? 56  TYR X CG  1 
ATOM   379  C  CD1 . TYR A 1 56  ? -5.782  -2.561  9.424   1.00 53.54 ? 56  TYR X CD1 1 
ATOM   380  C  CD2 . TYR A 1 56  ? -4.524  -4.238  10.595  1.00 53.66 ? 56  TYR X CD2 1 
ATOM   381  C  CE1 . TYR A 1 56  ? -5.449  -3.170  8.199   1.00 53.61 ? 56  TYR X CE1 1 
ATOM   382  C  CE2 . TYR A 1 56  ? -4.194  -4.850  9.375   1.00 52.72 ? 56  TYR X CE2 1 
ATOM   383  C  CZ  . TYR A 1 56  ? -4.657  -4.316  8.193   1.00 52.53 ? 56  TYR X CZ  1 
ATOM   384  O  OH  . TYR A 1 56  ? -4.322  -4.912  7.014   1.00 50.72 ? 56  TYR X OH  1 
ATOM   385  N  N   . ALA A 1 57  ? -6.115  0.876   13.650  1.00 56.52 ? 57  ALA X N   1 
ATOM   386  C  CA  . ALA A 1 57  ? -6.635  1.405   14.922  1.00 57.35 ? 57  ALA X CA  1 
ATOM   387  C  C   . ALA A 1 57  ? -8.124  1.663   14.848  1.00 58.31 ? 57  ALA X C   1 
ATOM   388  O  O   . ALA A 1 57  ? -8.838  1.419   15.813  1.00 58.35 ? 57  ALA X O   1 
ATOM   389  C  CB  . ALA A 1 57  ? -5.900  2.673   15.355  1.00 57.21 ? 57  ALA X CB  1 
ATOM   390  N  N   . GLU A 1 58  ? -8.597  2.110   13.690  1.00 59.62 ? 58  GLU X N   1 
ATOM   391  C  CA  . GLU A 1 58  ? -9.991  2.496   13.546  1.00 60.94 ? 58  GLU X CA  1 
ATOM   392  C  C   . GLU A 1 58  ? -10.940 1.303   13.596  1.00 61.42 ? 58  GLU X C   1 
ATOM   393  O  O   . GLU A 1 58  ? -12.154 1.492   13.553  1.00 61.76 ? 58  GLU X O   1 
ATOM   394  C  CB  . GLU A 1 58  ? -10.199 3.331   12.267  1.00 61.45 ? 58  GLU X CB  1 
ATOM   395  C  CG  . GLU A 1 58  ? -10.204 2.540   10.956  1.00 63.78 ? 58  GLU X CG  1 
ATOM   396  C  CD  . GLU A 1 58  ? -9.037  2.881   10.033  1.00 66.10 ? 58  GLU X CD  1 
ATOM   397  O  OE1 . GLU A 1 58  ? -7.853  2.747   10.470  1.00 66.31 ? 58  GLU X OE1 1 
ATOM   398  O  OE2 . GLU A 1 58  ? -9.315  3.270   8.868   1.00 66.88 ? 58  GLU X OE2 1 
ATOM   399  N  N   . HIS A 1 59  ? -10.393 0.090   13.704  1.00 62.23 ? 59  HIS X N   1 
ATOM   400  C  CA  . HIS A 1 59  ? -11.190 -1.145  13.770  1.00 63.04 ? 59  HIS X CA  1 
ATOM   401  C  C   . HIS A 1 59  ? -11.121 -1.886  15.136  1.00 62.78 ? 59  HIS X C   1 
ATOM   402  O  O   . HIS A 1 59  ? -11.625 -3.001  15.246  1.00 62.39 ? 59  HIS X O   1 
ATOM   403  C  CB  . HIS A 1 59  ? -10.734 -2.141  12.668  1.00 63.58 ? 59  HIS X CB  1 
ATOM   404  C  CG  . HIS A 1 59  ? -10.989 -1.695  11.249  1.00 65.39 ? 59  HIS X CG  1 
ATOM   405  N  ND1 . HIS A 1 59  ? -12.252 -1.632  10.695  1.00 67.28 ? 59  HIS X ND1 1 
ATOM   406  C  CD2 . HIS A 1 59  ? -10.128 -1.365  10.253  1.00 66.48 ? 59  HIS X CD2 1 
ATOM   407  C  CE1 . HIS A 1 59  ? -12.161 -1.242  9.434   1.00 67.50 ? 59  HIS X CE1 1 
ATOM   408  N  NE2 . HIS A 1 59  ? -10.883 -1.071  9.144   1.00 67.44 ? 59  HIS X NE2 1 
ATOM   409  N  N   . LYS A 1 60  ? -10.530 -1.286  16.170  1.00 62.84 ? 60  LYS X N   1 
ATOM   410  C  CA  . LYS A 1 60  ? -10.205 -2.042  17.405  1.00 63.23 ? 60  LYS X CA  1 
ATOM   411  C  C   . LYS A 1 60  ? -11.399 -2.478  18.261  1.00 63.21 ? 60  LYS X C   1 
ATOM   412  O  O   . LYS A 1 60  ? -11.272 -3.367  19.115  1.00 62.88 ? 60  LYS X O   1 
ATOM   413  C  CB  . LYS A 1 60  ? -9.130  -1.321  18.268  1.00 63.29 ? 60  LYS X CB  1 
ATOM   414  C  CG  . LYS A 1 60  ? -9.592  -0.160  19.163  1.00 64.10 ? 60  LYS X CG  1 
ATOM   415  C  CD  . LYS A 1 60  ? -8.471  0.274   20.143  1.00 65.30 ? 60  LYS X CD  1 
ATOM   416  C  CE  . LYS A 1 60  ? -8.735  1.655   20.803  1.00 65.85 ? 60  LYS X CE  1 
ATOM   417  N  NZ  . LYS A 1 60  ? -8.518  2.840   19.893  1.00 64.80 ? 60  LYS X NZ  1 
ATOM   418  N  N   . GLU A 1 61  ? -12.551 -1.870  18.007  1.00 63.78 ? 61  GLU X N   1 
ATOM   419  C  CA  . GLU A 1 61  ? -13.775 -2.138  18.775  1.00 64.12 ? 61  GLU X CA  1 
ATOM   420  C  C   . GLU A 1 61  ? -14.652 -3.212  18.099  1.00 64.56 ? 61  GLU X C   1 
ATOM   421  O  O   . GLU A 1 61  ? -15.741 -3.519  18.566  1.00 64.69 ? 61  GLU X O   1 
ATOM   422  C  CB  . GLU A 1 61  ? -14.548 -0.820  19.000  1.00 63.79 ? 61  GLU X CB  1 
ATOM   423  C  CG  . GLU A 1 61  ? -14.107 -0.042  20.253  1.00 63.10 ? 61  GLU X CG  1 
ATOM   424  C  CD  . GLU A 1 61  ? -12.996 1.003   20.035  1.00 61.55 ? 61  GLU X CD  1 
ATOM   425  O  OE1 . GLU A 1 61  ? -12.928 1.629   18.945  1.00 58.47 ? 61  GLU X OE1 1 
ATOM   426  O  OE2 . GLU A 1 61  ? -12.198 1.216   20.993  1.00 60.03 ? 61  GLU X OE2 1 
ATOM   427  N  N   . ARG A 1 62  ? -14.145 -3.800  17.018  1.00 65.01 ? 62  ARG X N   1 
ATOM   428  C  CA  . ARG A 1 62  ? -14.836 -4.854  16.288  1.00 65.33 ? 62  ARG X CA  1 
ATOM   429  C  C   . ARG A 1 62  ? -14.159 -6.214  16.611  1.00 65.00 ? 62  ARG X C   1 
ATOM   430  O  O   . ARG A 1 62  ? -13.028 -6.241  17.124  1.00 64.87 ? 62  ARG X O   1 
ATOM   431  C  CB  . ARG A 1 62  ? -14.843 -4.535  14.783  1.00 65.57 ? 62  ARG X CB  1 
ATOM   432  C  CG  . ARG A 1 62  ? -14.731 -3.037  14.445  1.00 67.80 ? 62  ARG X CG  1 
ATOM   433  C  CD  . ARG A 1 62  ? -15.846 -2.477  13.561  1.00 71.26 ? 62  ARG X CD  1 
ATOM   434  N  NE  . ARG A 1 62  ? -17.129 -2.377  14.282  1.00 74.56 ? 62  ARG X NE  1 
ATOM   435  C  CZ  . ARG A 1 62  ? -17.719 -1.247  14.708  1.00 76.35 ? 62  ARG X CZ  1 
ATOM   436  N  NH1 . ARG A 1 62  ? -17.169 -0.042  14.516  1.00 77.07 ? 62  ARG X NH1 1 
ATOM   437  N  NH2 . ARG A 1 62  ? -18.887 -1.333  15.339  1.00 76.55 ? 62  ARG X NH2 1 
ATOM   438  N  N   . PRO A 1 63  ? -14.842 -7.332  16.322  1.00 64.65 ? 63  PRO X N   1 
ATOM   439  C  CA  . PRO A 1 63  ? -14.382 -8.658  16.786  1.00 63.96 ? 63  PRO X CA  1 
ATOM   440  C  C   . PRO A 1 63  ? -13.210 -9.184  15.959  1.00 63.29 ? 63  PRO X C   1 
ATOM   441  O  O   . PRO A 1 63  ? -12.274 -9.768  16.529  1.00 63.23 ? 63  PRO X O   1 
ATOM   442  C  CB  . PRO A 1 63  ? -15.615 -9.551  16.587  1.00 64.07 ? 63  PRO X CB  1 
ATOM   443  C  CG  . PRO A 1 63  ? -16.416 -8.885  15.431  1.00 64.56 ? 63  PRO X CG  1 
ATOM   444  C  CD  . PRO A 1 63  ? -16.061 -7.422  15.475  1.00 64.73 ? 63  PRO X CD  1 
ATOM   445  N  N   . PHE A 1 64  ? -13.284 -8.949  14.642  1.00 62.17 ? 64  PHE X N   1 
ATOM   446  C  CA  . PHE A 1 64  ? -12.263 -9.315  13.651  1.00 61.33 ? 64  PHE X CA  1 
ATOM   447  C  C   . PHE A 1 64  ? -11.038 -8.364  13.590  1.00 59.77 ? 64  PHE X C   1 
ATOM   448  O  O   . PHE A 1 64  ? -10.305 -8.348  12.595  1.00 60.24 ? 64  PHE X O   1 
ATOM   449  C  CB  . PHE A 1 64  ? -12.923 -9.415  12.252  1.00 61.63 ? 64  PHE X CB  1 
ATOM   450  C  CG  . PHE A 1 64  ? -12.909 -8.115  11.462  1.00 63.29 ? 64  PHE X CG  1 
ATOM   451  C  CD1 . PHE A 1 64  ? -13.505 -6.961  11.967  1.00 64.38 ? 64  PHE X CD1 1 
ATOM   452  C  CD2 . PHE A 1 64  ? -12.290 -8.050  10.213  1.00 65.34 ? 64  PHE X CD2 1 
ATOM   453  C  CE1 . PHE A 1 64  ? -13.485 -5.770  11.245  1.00 64.96 ? 64  PHE X CE1 1 
ATOM   454  C  CE2 . PHE A 1 64  ? -12.266 -6.849  9.484   1.00 65.53 ? 64  PHE X CE2 1 
ATOM   455  C  CZ  . PHE A 1 64  ? -12.862 -5.711  10.007  1.00 65.33 ? 64  PHE X CZ  1 
ATOM   456  N  N   . PHE A 1 65  ? -10.828 -7.568  14.634  1.00 57.62 ? 65  PHE X N   1 
ATOM   457  C  CA  . PHE A 1 65  ? -9.592  -6.801  14.807  1.00 55.74 ? 65  PHE X CA  1 
ATOM   458  C  C   . PHE A 1 65  ? -8.366  -7.722  14.892  1.00 54.85 ? 65  PHE X C   1 
ATOM   459  O  O   . PHE A 1 65  ? -7.391  -7.533  14.170  1.00 54.21 ? 65  PHE X O   1 
ATOM   460  C  CB  . PHE A 1 65  ? -9.695  -5.961  16.084  1.00 55.32 ? 65  PHE X CB  1 
ATOM   461  C  CG  . PHE A 1 65  ? -8.436  -5.208  16.444  1.00 52.80 ? 65  PHE X CG  1 
ATOM   462  C  CD1 . PHE A 1 65  ? -7.954  -4.190  15.617  1.00 50.37 ? 65  PHE X CD1 1 
ATOM   463  C  CD2 . PHE A 1 65  ? -7.748  -5.496  17.627  1.00 50.83 ? 65  PHE X CD2 1 
ATOM   464  C  CE1 . PHE A 1 65  ? -6.801  -3.473  15.960  1.00 49.16 ? 65  PHE X CE1 1 
ATOM   465  C  CE2 . PHE A 1 65  ? -6.586  -4.789  17.976  1.00 50.24 ? 65  PHE X CE2 1 
ATOM   466  C  CZ  . PHE A 1 65  ? -6.119  -3.770  17.138  1.00 48.98 ? 65  PHE X CZ  1 
ATOM   467  N  N   . GLY A 1 66  ? -8.430  -8.711  15.782  1.00 53.81 ? 66  GLY X N   1 
ATOM   468  C  CA  . GLY A 1 66  ? -7.318  -9.613  16.018  1.00 53.19 ? 66  GLY X CA  1 
ATOM   469  C  C   . GLY A 1 66  ? -6.879  -10.435 14.811  1.00 52.67 ? 66  GLY X C   1 
ATOM   470  O  O   . GLY A 1 66  ? -5.718  -10.836 14.737  1.00 52.34 ? 66  GLY X O   1 
ATOM   471  N  N   . GLY A 1 67  ? -7.795  -10.709 13.882  1.00 51.83 ? 67  GLY X N   1 
ATOM   472  C  CA  . GLY A 1 67  ? -7.444  -11.444 12.682  1.00 51.30 ? 67  GLY X CA  1 
ATOM   473  C  C   . GLY A 1 67  ? -6.481  -10.659 11.803  1.00 50.83 ? 67  GLY X C   1 
ATOM   474  O  O   . GLY A 1 67  ? -5.410  -11.151 11.434  1.00 50.60 ? 67  GLY X O   1 
ATOM   475  N  N   . LEU A 1 68  ? -6.890  -9.436  11.468  1.00 49.94 ? 68  LEU X N   1 
ATOM   476  C  CA  . LEU A 1 68  ? -6.079  -8.501  10.707  1.00 49.55 ? 68  LEU X CA  1 
ATOM   477  C  C   . LEU A 1 68  ? -4.643  -8.381  11.245  1.00 48.74 ? 68  LEU X C   1 
ATOM   478  O  O   . LEU A 1 68  ? -3.682  -8.400  10.476  1.00 49.12 ? 68  LEU X O   1 
ATOM   479  C  CB  . LEU A 1 68  ? -6.755  -7.114  10.711  1.00 49.78 ? 68  LEU X CB  1 
ATOM   480  C  CG  . LEU A 1 68  ? -7.631  -6.612  9.528   1.00 51.71 ? 68  LEU X CG  1 
ATOM   481  C  CD1 . LEU A 1 68  ? -7.747  -7.579  8.300   1.00 52.69 ? 68  LEU X CD1 1 
ATOM   482  C  CD2 . LEU A 1 68  ? -9.022  -6.233  10.004  1.00 51.75 ? 68  LEU X CD2 1 
ATOM   483  N  N   . VAL A 1 69  ? -4.524  -8.254  12.563  1.00 47.96 ? 69  VAL X N   1 
ATOM   484  C  CA  . VAL A 1 69  ? -3.250  -8.024  13.271  1.00 47.37 ? 69  VAL X CA  1 
ATOM   485  C  C   . VAL A 1 69  ? -2.369  -9.264  13.223  1.00 46.37 ? 69  VAL X C   1 
ATOM   486  O  O   . VAL A 1 69  ? -1.166  -9.208  12.975  1.00 45.95 ? 69  VAL X O   1 
ATOM   487  C  CB  . VAL A 1 69  ? -3.523  -7.684  14.792  1.00 47.53 ? 69  VAL X CB  1 
ATOM   488  C  CG1 . VAL A 1 69  ? -2.248  -7.746  15.657  1.00 47.25 ? 69  VAL X CG1 1 
ATOM   489  C  CG2 . VAL A 1 69  ? -4.194  -6.329  14.932  1.00 47.68 ? 69  VAL X CG2 1 
ATOM   490  N  N   . SER A 1 70  ? -3.012  -10.379 13.512  1.00 45.43 ? 70  SER X N   1 
ATOM   491  C  CA  . SER A 1 70  ? -2.401  -11.681 13.496  1.00 44.56 ? 70  SER X CA  1 
ATOM   492  C  C   . SER A 1 70  ? -1.773  -11.927 12.117  1.00 43.41 ? 70  SER X C   1 
ATOM   493  O  O   . SER A 1 70  ? -0.600  -12.317 12.018  1.00 42.99 ? 70  SER X O   1 
ATOM   494  C  CB  . SER A 1 70  ? -3.480  -12.714 13.846  1.00 44.52 ? 70  SER X CB  1 
ATOM   495  O  OG  . SER A 1 70  ? -2.995  -14.029 13.758  1.00 46.01 ? 70  SER X OG  1 
ATOM   496  N  N   . PHE A 1 71  ? -2.536  -11.632 11.065  1.00 42.09 ? 71  PHE X N   1 
ATOM   497  C  CA  . PHE A 1 71  ? -2.110  -11.931 9.706   1.00 41.12 ? 71  PHE X CA  1 
ATOM   498  C  C   . PHE A 1 71  ? -0.988  -11.034 9.232   1.00 40.43 ? 71  PHE X C   1 
ATOM   499  O  O   . PHE A 1 71  ? 0.019   -11.523 8.715   1.00 40.42 ? 71  PHE X O   1 
ATOM   500  C  CB  . PHE A 1 71  ? -3.256  -11.845 8.702   1.00 41.13 ? 71  PHE X CB  1 
ATOM   501  C  CG  . PHE A 1 71  ? -2.836  -12.217 7.312   1.00 41.60 ? 71  PHE X CG  1 
ATOM   502  C  CD1 . PHE A 1 71  ? -2.287  -13.476 7.059   1.00 41.04 ? 71  PHE X CD1 1 
ATOM   503  C  CD2 . PHE A 1 71  ? -2.923  -11.305 6.270   1.00 42.30 ? 71  PHE X CD2 1 
ATOM   504  C  CE1 . PHE A 1 71  ? -1.871  -13.834 5.795   1.00 40.74 ? 71  PHE X CE1 1 
ATOM   505  C  CE2 . PHE A 1 71  ? -2.499  -11.656 4.997   1.00 42.41 ? 71  PHE X CE2 1 
ATOM   506  C  CZ  . PHE A 1 71  ? -1.968  -12.929 4.766   1.00 41.99 ? 71  PHE X CZ  1 
ATOM   507  N  N   . ILE A 1 72  ? -1.142  -9.726  9.389   1.00 39.38 ? 72  ILE X N   1 
ATOM   508  C  CA  . ILE A 1 72  ? -0.100  -8.831  8.911   1.00 38.58 ? 72  ILE X CA  1 
ATOM   509  C  C   . ILE A 1 72  ? 1.247   -8.997  9.635   1.00 37.97 ? 72  ILE X C   1 
ATOM   510  O  O   . ILE A 1 72  ? 2.247   -8.437  9.184   1.00 37.97 ? 72  ILE X O   1 
ATOM   511  C  CB  . ILE A 1 72  ? -0.554  -7.363  8.933   1.00 38.50 ? 72  ILE X CB  1 
ATOM   512  C  CG1 . ILE A 1 72  ? 0.286   -6.543  7.948   1.00 37.81 ? 72  ILE X CG1 1 
ATOM   513  C  CG2 . ILE A 1 72  ? -0.442  -6.772  10.337  1.00 38.76 ? 72  ILE X CG2 1 
ATOM   514  C  CD1 . ILE A 1 72  ? -0.431  -5.367  7.387   1.00 37.78 ? 72  ILE X CD1 1 
ATOM   515  N  N   . THR A 1 73  ? 1.284   -9.753  10.731  1.00 37.11 ? 73  THR X N   1 
ATOM   516  C  CA  . THR A 1 73  ? 2.531   -9.942  11.501  1.00 36.89 ? 73  THR X CA  1 
ATOM   517  C  C   . THR A 1 73  ? 3.139   -11.325 11.289  1.00 36.03 ? 73  THR X C   1 
ATOM   518  O  O   . THR A 1 73  ? 4.216   -11.641 11.838  1.00 35.91 ? 73  THR X O   1 
ATOM   519  C  CB  . THR A 1 73  ? 2.288   -9.727  13.015  1.00 36.94 ? 73  THR X CB  1 
ATOM   520  O  OG1 . THR A 1 73  ? 1.047   -10.343 13.402  1.00 36.45 ? 73  THR X OG1 1 
ATOM   521  C  CG2 . THR A 1 73  ? 2.106   -8.234  13.335  1.00 37.67 ? 73  THR X CG2 1 
ATOM   522  N  N   . SER A 1 74  ? 2.438   -12.129 10.487  1.00 35.07 ? 74  SER X N   1 
ATOM   523  C  CA  . SER A 1 74  ? 2.805   -13.517 10.222  1.00 34.57 ? 74  SER X CA  1 
ATOM   524  C  C   . SER A 1 74  ? 3.922   -13.689 9.202   1.00 34.58 ? 74  SER X C   1 
ATOM   525  O  O   . SER A 1 74  ? 4.366   -14.801 9.002   1.00 35.52 ? 74  SER X O   1 
ATOM   526  C  CB  . SER A 1 74  ? 1.588   -14.314 9.751   1.00 34.09 ? 74  SER X CB  1 
ATOM   527  O  OG  . SER A 1 74  ? 1.088   -13.822 8.525   1.00 33.75 ? 74  SER X OG  1 
ATOM   528  N  N   . GLY A 1 75  ? 4.341   -12.611 8.539   1.00 34.27 ? 75  GLY X N   1 
ATOM   529  C  CA  . GLY A 1 75  ? 5.407   -12.654 7.544   1.00 33.74 ? 75  GLY X CA  1 
ATOM   530  C  C   . GLY A 1 75  ? 5.881   -11.269 7.112   1.00 33.15 ? 75  GLY X C   1 
ATOM   531  O  O   . GLY A 1 75  ? 5.400   -10.256 7.623   1.00 33.39 ? 75  GLY X O   1 
ATOM   532  N  N   . PRO A 1 76  ? 6.854   -11.211 6.213   1.00 32.35 ? 76  PRO X N   1 
ATOM   533  C  CA  . PRO A 1 76  ? 7.326   -9.923  5.696   1.00 32.07 ? 76  PRO X CA  1 
ATOM   534  C  C   . PRO A 1 76  ? 6.280   -9.155  4.882   1.00 31.57 ? 76  PRO X C   1 
ATOM   535  O  O   . PRO A 1 76  ? 5.470   -9.725  4.183   1.00 31.07 ? 76  PRO X O   1 
ATOM   536  C  CB  . PRO A 1 76  ? 8.519   -10.295 4.820   1.00 32.14 ? 76  PRO X CB  1 
ATOM   537  C  CG  . PRO A 1 76  ? 8.348   -11.755 4.523   1.00 32.60 ? 76  PRO X CG  1 
ATOM   538  C  CD  . PRO A 1 76  ? 7.607   -12.351 5.667   1.00 32.46 ? 76  PRO X CD  1 
ATOM   539  N  N   . VAL A 1 77  ? 6.324   -7.843  5.051   1.00 31.48 ? 77  VAL X N   1 
ATOM   540  C  CA  . VAL A 1 77  ? 5.545   -6.868  4.316   1.00 31.49 ? 77  VAL X CA  1 
ATOM   541  C  C   . VAL A 1 77  ? 6.510   -5.927  3.605   1.00 31.25 ? 77  VAL X C   1 
ATOM   542  O  O   . VAL A 1 77  ? 7.558   -5.604  4.166   1.00 31.05 ? 77  VAL X O   1 
ATOM   543  C  CB  . VAL A 1 77  ? 4.696   -6.038  5.306   1.00 31.45 ? 77  VAL X CB  1 
ATOM   544  C  CG1 . VAL A 1 77  ? 4.156   -4.777  4.653   1.00 31.17 ? 77  VAL X CG1 1 
ATOM   545  C  CG2 . VAL A 1 77  ? 3.569   -6.897  5.873   1.00 31.69 ? 77  VAL X CG2 1 
ATOM   546  N  N   . VAL A 1 78  ? 6.193   -5.493  2.382   1.00 31.18 ? 78  VAL X N   1 
ATOM   547  C  CA  . VAL A 1 78  ? 6.986   -4.407  1.788   1.00 31.10 ? 78  VAL X CA  1 
ATOM   548  C  C   . VAL A 1 78  ? 6.136   -3.151  1.764   1.00 31.30 ? 78  VAL X C   1 
ATOM   549  O  O   . VAL A 1 78  ? 5.007   -3.145  1.277   1.00 31.72 ? 78  VAL X O   1 
ATOM   550  C  CB  . VAL A 1 78  ? 7.762   -4.728  0.438   1.00 30.58 ? 78  VAL X CB  1 
ATOM   551  C  CG1 . VAL A 1 78  ? 7.565   -6.127  -0.033  1.00 30.67 ? 78  VAL X CG1 1 
ATOM   552  C  CG2 . VAL A 1 78  ? 7.455   -3.726  -0.636  1.00 31.17 ? 78  VAL X CG2 1 
ATOM   553  N  N   . ALA A 1 79  ? 6.691   -2.107  2.367   1.00 31.53 ? 79  ALA X N   1 
ATOM   554  C  CA  . ALA A 1 79  ? 5.999   -0.877  2.619   1.00 31.94 ? 79  ALA X CA  1 
ATOM   555  C  C   . ALA A 1 79  ? 6.607   0.150   1.704   1.00 32.78 ? 79  ALA X C   1 
ATOM   556  O  O   . ALA A 1 79  ? 7.816   0.220   1.536   1.00 33.08 ? 79  ALA X O   1 
ATOM   557  C  CB  . ALA A 1 79  ? 6.174   -0.473  4.067   1.00 31.78 ? 79  ALA X CB  1 
HETATM 558  N  N   . MSE A 1 80  ? 5.772   0.957   1.092   1.00 33.72 ? 80  MSE X N   1 
HETATM 559  C  CA  . MSE A 1 80  ? 6.286   1.983   0.242   1.00 34.79 ? 80  MSE X CA  1 
HETATM 560  C  C   . MSE A 1 80  ? 5.369   3.182   0.243   1.00 33.98 ? 80  MSE X C   1 
HETATM 561  O  O   . MSE A 1 80  ? 4.173   3.067   0.541   1.00 34.00 ? 80  MSE X O   1 
HETATM 562  C  CB  . MSE A 1 80  ? 6.459   1.432   -1.165  1.00 35.89 ? 80  MSE X CB  1 
HETATM 563  C  CG  . MSE A 1 80  ? 5.176   0.930   -1.802  1.00 40.69 ? 80  MSE X CG  1 
HETATM 564  SE SE  . MSE A 1 80  ? 5.518   -0.542  -3.089  0.80 51.53 ? 80  MSE X SE  1 
HETATM 565  C  CE  . MSE A 1 80  ? 3.731   -0.809  -3.639  1.00 50.26 ? 80  MSE X CE  1 
ATOM   566  N  N   . VAL A 1 81  ? 5.955   4.340   -0.057  1.00 33.12 ? 81  VAL X N   1 
ATOM   567  C  CA  . VAL A 1 81  ? 5.177   5.518   -0.398  1.00 32.67 ? 81  VAL X CA  1 
ATOM   568  C  C   . VAL A 1 81  ? 5.614   6.058   -1.776  1.00 32.01 ? 81  VAL X C   1 
ATOM   569  O  O   . VAL A 1 81  ? 6.797   6.037   -2.108  1.00 30.94 ? 81  VAL X O   1 
ATOM   570  C  CB  . VAL A 1 81  ? 5.098   6.584   0.803   1.00 32.64 ? 81  VAL X CB  1 
ATOM   571  C  CG1 . VAL A 1 81  ? 5.958   6.166   2.005   1.00 32.26 ? 81  VAL X CG1 1 
ATOM   572  C  CG2 . VAL A 1 81  ? 5.386   8.012   0.366   1.00 31.96 ? 81  VAL X CG2 1 
ATOM   573  N  N   . PHE A 1 82  ? 4.603   6.461   -2.567  1.00 31.71 ? 82  PHE X N   1 
ATOM   574  C  CA  . PHE A 1 82  ? 4.739   7.037   -3.911  1.00 31.92 ? 82  PHE X CA  1 
ATOM   575  C  C   . PHE A 1 82  ? 4.212   8.489   -3.931  1.00 32.27 ? 82  PHE X C   1 
ATOM   576  O  O   . PHE A 1 82  ? 3.310   8.835   -3.172  1.00 32.41 ? 82  PHE X O   1 
ATOM   577  C  CB  . PHE A 1 82  ? 3.916   6.211   -4.930  1.00 32.09 ? 82  PHE X CB  1 
ATOM   578  C  CG  . PHE A 1 82  ? 4.629   4.963   -5.470  1.00 31.45 ? 82  PHE X CG  1 
ATOM   579  C  CD1 . PHE A 1 82  ? 5.461   5.044   -6.582  1.00 31.33 ? 82  PHE X CD1 1 
ATOM   580  C  CD2 . PHE A 1 82  ? 4.425   3.717   -4.889  1.00 29.82 ? 82  PHE X CD2 1 
ATOM   581  C  CE1 . PHE A 1 82  ? 6.110   3.914   -7.086  1.00 30.70 ? 82  PHE X CE1 1 
ATOM   582  C  CE2 . PHE A 1 82  ? 5.078   2.603   -5.377  1.00 30.86 ? 82  PHE X CE2 1 
ATOM   583  C  CZ  . PHE A 1 82  ? 5.923   2.705   -6.494  1.00 30.60 ? 82  PHE X CZ  1 
ATOM   584  N  N   . GLU A 1 83  ? 4.733   9.322   -4.831  1.00 32.63 ? 83  GLU X N   1 
ATOM   585  C  CA  . GLU A 1 83  ? 4.332   10.732  -4.927  1.00 33.04 ? 83  GLU X CA  1 
ATOM   586  C  C   . GLU A 1 83  ? 3.920   11.137  -6.338  1.00 32.89 ? 83  GLU X C   1 
ATOM   587  O  O   . GLU A 1 83  ? 4.638   10.887  -7.304  1.00 32.57 ? 83  GLU X O   1 
ATOM   588  C  CB  . GLU A 1 83  ? 5.461   11.656  -4.449  1.00 33.28 ? 83  GLU X CB  1 
ATOM   589  C  CG  . GLU A 1 83  ? 5.281   13.133  -4.785  1.00 34.95 ? 83  GLU X CG  1 
ATOM   590  C  CD  . GLU A 1 83  ? 6.378   14.000  -4.189  1.00 38.04 ? 83  GLU X CD  1 
ATOM   591  O  OE1 . GLU A 1 83  ? 6.680   13.843  -2.985  1.00 38.22 ? 83  GLU X OE1 1 
ATOM   592  O  OE2 . GLU A 1 83  ? 6.959   14.831  -4.923  1.00 40.61 ? 83  GLU X OE2 1 
ATOM   593  N  N   . GLY A 1 84  ? 2.761   11.777  -6.429  1.00 33.21 ? 84  GLY X N   1 
ATOM   594  C  CA  . GLY A 1 84  ? 2.316   12.424  -7.655  1.00 33.57 ? 84  GLY X CA  1 
ATOM   595  C  C   . GLY A 1 84  ? 0.911   12.985  -7.535  1.00 33.69 ? 84  GLY X C   1 
ATOM   596  O  O   . GLY A 1 84  ? 0.259   12.811  -6.507  1.00 33.36 ? 84  GLY X O   1 
ATOM   597  N  N   . LYS A 1 85  ? 0.450   13.632  -8.601  1.00 34.14 ? 85  LYS X N   1 
ATOM   598  C  CA  . LYS A 1 85  ? -0.892  14.240  -8.668  1.00 34.77 ? 85  LYS X CA  1 
ATOM   599  C  C   . LYS A 1 85  ? -2.038  13.235  -8.514  1.00 34.18 ? 85  LYS X C   1 
ATOM   600  O  O   . LYS A 1 85  ? -2.170  12.317  -9.321  1.00 34.73 ? 85  LYS X O   1 
ATOM   601  C  CB  . LYS A 1 85  ? -1.068  14.975  -10.006 1.00 35.26 ? 85  LYS X CB  1 
ATOM   602  C  CG  . LYS A 1 85  ? -2.433  15.632  -10.182 1.00 37.24 ? 85  LYS X CG  1 
ATOM   603  C  CD  . LYS A 1 85  ? -2.391  16.728  -11.256 1.00 41.45 ? 85  LYS X CD  1 
ATOM   604  C  CE  . LYS A 1 85  ? -3.722  16.850  -12.027 1.00 43.74 ? 85  LYS X CE  1 
ATOM   605  N  NZ  . LYS A 1 85  ? -3.475  17.246  -13.465 1.00 45.00 ? 85  LYS X NZ  1 
ATOM   606  N  N   . GLY A 1 86  ? -2.877  13.431  -7.501  1.00 33.18 ? 86  GLY X N   1 
ATOM   607  C  CA  . GLY A 1 86  ? -3.969  12.526  -7.226  1.00 32.63 ? 86  GLY X CA  1 
ATOM   608  C  C   . GLY A 1 86  ? -3.546  11.087  -6.995  1.00 32.33 ? 86  GLY X C   1 
ATOM   609  O  O   . GLY A 1 86  ? -4.297  10.167  -7.307  1.00 31.85 ? 86  GLY X O   1 
ATOM   610  N  N   . VAL A 1 87  ? -2.364  10.895  -6.416  1.00 32.13 ? 87  VAL X N   1 
ATOM   611  C  CA  . VAL A 1 87  ? -1.825  9.552   -6.193  1.00 32.60 ? 87  VAL X CA  1 
ATOM   612  C  C   . VAL A 1 87  ? -2.683  8.652   -5.250  1.00 32.76 ? 87  VAL X C   1 
ATOM   613  O  O   . VAL A 1 87  ? -2.714  7.417   -5.418  1.00 32.79 ? 87  VAL X O   1 
ATOM   614  C  CB  . VAL A 1 87  ? -0.355  9.616   -5.729  1.00 32.60 ? 87  VAL X CB  1 
ATOM   615  C  CG1 . VAL A 1 87  ? -0.257  10.134  -4.326  1.00 33.76 ? 87  VAL X CG1 1 
ATOM   616  C  CG2 . VAL A 1 87  ? 0.321   8.263   -5.841  1.00 32.37 ? 87  VAL X CG2 1 
ATOM   617  N  N   . VAL A 1 88  ? -3.402  9.269   -4.309  1.00 32.33 ? 88  VAL X N   1 
ATOM   618  C  CA  . VAL A 1 88  ? -4.202  8.522   -3.333  1.00 31.89 ? 88  VAL X CA  1 
ATOM   619  C  C   . VAL A 1 88  ? -5.390  7.829   -3.990  1.00 31.50 ? 88  VAL X C   1 
ATOM   620  O  O   . VAL A 1 88  ? -5.569  6.614   -3.832  1.00 31.57 ? 88  VAL X O   1 
ATOM   621  C  CB  . VAL A 1 88  ? -4.707  9.443   -2.177  1.00 32.02 ? 88  VAL X CB  1 
ATOM   622  C  CG1 . VAL A 1 88  ? -5.688  8.719   -1.261  1.00 30.26 ? 88  VAL X CG1 1 
ATOM   623  C  CG2 . VAL A 1 88  ? -3.512  9.984   -1.362  1.00 32.56 ? 88  VAL X CG2 1 
ATOM   624  N  N   . ALA A 1 89  ? -6.200  8.598   -4.717  1.00 30.90 ? 89  ALA X N   1 
ATOM   625  C  CA  . ALA A 1 89  ? -7.414  8.053   -5.356  1.00 30.20 ? 89  ALA X CA  1 
ATOM   626  C  C   . ALA A 1 89  ? -7.046  7.124   -6.517  1.00 29.84 ? 89  ALA X C   1 
ATOM   627  O  O   . ALA A 1 89  ? -7.672  6.074   -6.705  1.00 29.49 ? 89  ALA X O   1 
ATOM   628  C  CB  . ALA A 1 89  ? -8.297  9.169   -5.855  1.00 29.92 ? 89  ALA X CB  1 
ATOM   629  N  N   . SER A 1 90  ? -6.016  7.534   -7.268  1.00 29.37 ? 90  SER X N   1 
ATOM   630  C  CA  . SER A 1 90  ? -5.480  6.784   -8.400  1.00 28.88 ? 90  SER X CA  1 
ATOM   631  C  C   . SER A 1 90  ? -4.978  5.424   -7.976  1.00 28.57 ? 90  SER X C   1 
ATOM   632  O  O   . SER A 1 90  ? -5.297  4.439   -8.612  1.00 28.39 ? 90  SER X O   1 
ATOM   633  C  CB  . SER A 1 90  ? -4.337  7.551   -9.079  1.00 29.04 ? 90  SER X CB  1 
ATOM   634  O  OG  . SER A 1 90  ? -3.864  6.869   -10.224 1.00 28.35 ? 90  SER X OG  1 
ATOM   635  N  N   . ALA A 1 91  ? -4.210  5.364   -6.898  1.00 28.38 ? 91  ALA X N   1 
ATOM   636  C  CA  . ALA A 1 91  ? -3.645  4.090   -6.470  1.00 28.46 ? 91  ALA X CA  1 
ATOM   637  C  C   . ALA A 1 91  ? -4.733  3.084   -6.108  1.00 28.71 ? 91  ALA X C   1 
ATOM   638  O  O   . ALA A 1 91  ? -4.558  1.901   -6.323  1.00 28.38 ? 91  ALA X O   1 
ATOM   639  C  CB  . ALA A 1 91  ? -2.687  4.291   -5.307  1.00 28.44 ? 91  ALA X CB  1 
ATOM   640  N  N   . ARG A 1 92  ? -5.854  3.555   -5.569  1.00 29.62 ? 92  ARG X N   1 
ATOM   641  C  CA  . ARG A 1 92  ? -6.953  2.671   -5.164  1.00 30.52 ? 92  ARG X CA  1 
ATOM   642  C  C   . ARG A 1 92  ? -7.672  2.114   -6.355  1.00 29.58 ? 92  ARG X C   1 
ATOM   643  O  O   . ARG A 1 92  ? -8.196  1.009   -6.324  1.00 28.19 ? 92  ARG X O   1 
ATOM   644  C  CB  . ARG A 1 92  ? -7.997  3.411   -4.311  1.00 31.43 ? 92  ARG X CB  1 
ATOM   645  C  CG  . ARG A 1 92  ? -7.475  3.955   -3.004  1.00 35.48 ? 92  ARG X CG  1 
ATOM   646  C  CD  . ARG A 1 92  ? -8.529  4.005   -1.904  1.00 39.92 ? 92  ARG X CD  1 
ATOM   647  N  NE  . ARG A 1 92  ? -8.215  3.051   -0.828  1.00 41.98 ? 92  ARG X NE  1 
ATOM   648  C  CZ  . ARG A 1 92  ? -9.100  2.267   -0.207  1.00 43.21 ? 92  ARG X CZ  1 
ATOM   649  N  NH1 . ARG A 1 92  ? -10.400 2.287   -0.532  1.00 43.59 ? 92  ARG X NH1 1 
ATOM   650  N  NH2 . ARG A 1 92  ? -8.672  1.455   0.755   1.00 43.84 ? 92  ARG X NH2 1 
ATOM   651  N  N   . LEU A 1 93  ? -7.751  2.948   -7.379  1.00 29.88 ? 93  LEU X N   1 
ATOM   652  C  CA  . LEU A 1 93  ? -8.393  2.589   -8.630  1.00 30.23 ? 93  LEU X CA  1 
ATOM   653  C  C   . LEU A 1 93  ? -7.587  1.456   -9.300  1.00 30.41 ? 93  LEU X C   1 
ATOM   654  O  O   . LEU A 1 93  ? -8.151  0.466   -9.796  1.00 30.01 ? 93  LEU X O   1 
ATOM   655  C  CB  . LEU A 1 93  ? -8.470  3.834   -9.499  1.00 30.17 ? 93  LEU X CB  1 
ATOM   656  C  CG  . LEU A 1 93  ? -9.209  3.725   -10.817 1.00 31.56 ? 93  LEU X CG  1 
ATOM   657  C  CD1 . LEU A 1 93  ? -10.594 3.272   -10.598 1.00 32.63 ? 93  LEU X CD1 1 
ATOM   658  C  CD2 . LEU A 1 93  ? -9.193  5.078   -11.490 1.00 32.97 ? 93  LEU X CD2 1 
HETATM 659  N  N   . MSE A 1 94  ? -6.261  1.592   -9.233  1.00 30.50 ? 94  MSE X N   1 
HETATM 660  C  CA  . MSE A 1 94  ? -5.334  0.584   -9.716  1.00 30.65 ? 94  MSE X CA  1 
HETATM 661  C  C   . MSE A 1 94  ? -5.366  -0.727  -8.961  1.00 30.00 ? 94  MSE X C   1 
HETATM 662  O  O   . MSE A 1 94  ? -5.195  -1.770  -9.578  1.00 29.79 ? 94  MSE X O   1 
HETATM 663  C  CB  . MSE A 1 94  ? -3.934  1.146   -9.726  1.00 31.15 ? 94  MSE X CB  1 
HETATM 664  C  CG  . MSE A 1 94  ? -3.790  2.195   -10.833 1.00 34.01 ? 94  MSE X CG  1 
HETATM 665  SE SE  . MSE A 1 94  ? -2.078  3.105   -10.789 0.80 41.43 ? 94  MSE X SE  1 
HETATM 666  C  CE  . MSE A 1 94  ? -0.890  1.572   -11.198 1.00 39.39 ? 94  MSE X CE  1 
ATOM   667  N  N   . ILE A 1 95  ? -5.602  -0.674  -7.650  1.00 29.66 ? 95  ILE X N   1 
ATOM   668  C  CA  . ILE A 1 95  ? -5.706  -1.877  -6.802  1.00 29.35 ? 95  ILE X CA  1 
ATOM   669  C  C   . ILE A 1 95  ? -7.008  -2.646  -7.058  1.00 29.49 ? 95  ILE X C   1 
ATOM   670  O  O   . ILE A 1 95  ? -7.005  -3.862  -7.200  1.00 28.54 ? 95  ILE X O   1 
ATOM   671  C  CB  . ILE A 1 95  ? -5.589  -1.497  -5.306  1.00 29.11 ? 95  ILE X CB  1 
ATOM   672  C  CG1 . ILE A 1 95  ? -4.170  -1.023  -5.001  1.00 27.90 ? 95  ILE X CG1 1 
ATOM   673  C  CG2 . ILE A 1 95  ? -5.992  -2.682  -4.397  1.00 29.41 ? 95  ILE X CG2 1 
ATOM   674  C  CD1 . ILE A 1 95  ? -4.043  -0.260  -3.728  1.00 26.82 ? 95  ILE X CD1 1 
ATOM   675  N  N   . GLY A 1 96  ? -8.106  -1.907  -7.145  1.00 30.32 ? 96  GLY X N   1 
ATOM   676  C  CA  . GLY A 1 96  ? -9.427  -2.478  -7.338  1.00 31.33 ? 96  GLY X CA  1 
ATOM   677  C  C   . GLY A 1 96  ? -10.298 -2.230  -6.120  1.00 31.88 ? 96  GLY X C   1 
ATOM   678  O  O   . GLY A 1 96  ? -10.110 -1.248  -5.409  1.00 33.07 ? 96  GLY X O   1 
ATOM   679  N  N   . VAL A 1 97  ? -11.245 -3.125  -5.887  1.00 32.06 ? 97  VAL X N   1 
ATOM   680  C  CA  . VAL A 1 97  ? -12.213 -3.005  -4.811  1.00 32.14 ? 97  VAL X CA  1 
ATOM   681  C  C   . VAL A 1 97  ? -11.984 -4.133  -3.799  1.00 32.77 ? 97  VAL X C   1 
ATOM   682  O  O   . VAL A 1 97  ? -11.268 -5.088  -4.066  1.00 33.80 ? 97  VAL X O   1 
ATOM   683  C  CB  . VAL A 1 97  ? -13.664 -3.072  -5.371  1.00 31.99 ? 97  VAL X CB  1 
ATOM   684  C  CG1 . VAL A 1 97  ? -13.967 -1.892  -6.313  1.00 31.34 ? 97  VAL X CG1 1 
ATOM   685  C  CG2 . VAL A 1 97  ? -13.918 -4.395  -6.097  1.00 32.77 ? 97  VAL X CG2 1 
ATOM   686  N  N   . THR A 1 98  ? -12.633 -4.066  -2.652  1.00 32.92 ? 98  THR X N   1 
ATOM   687  C  CA  . THR A 1 98  ? -12.351 -5.012  -1.571  1.00 32.68 ? 98  THR X CA  1 
ATOM   688  C  C   . THR A 1 98  ? -12.403 -6.492  -1.973  1.00 32.27 ? 98  THR X C   1 
ATOM   689  O  O   . THR A 1 98  ? -11.495 -7.249  -1.616  1.00 32.98 ? 98  THR X O   1 
ATOM   690  C  CB  . THR A 1 98  ? -13.260 -4.710  -0.346  1.00 32.63 ? 98  THR X CB  1 
ATOM   691  O  OG1 . THR A 1 98  ? -13.203 -3.308  -0.057  1.00 33.32 ? 98  THR X OG1 1 
ATOM   692  C  CG2 . THR A 1 98  ? -12.704 -5.347  0.925   1.00 32.28 ? 98  THR X CG2 1 
ATOM   693  N  N   . ASN A 1 99  ? -13.449 -6.913  -2.674  1.00 31.68 ? 99  ASN X N   1 
ATOM   694  C  CA  . ASN A 1 99  ? -13.548 -8.299  -3.152  1.00 31.63 ? 99  ASN X CA  1 
ATOM   695  C  C   . ASN A 1 99  ? -12.767 -8.463  -4.483  1.00 31.69 ? 99  ASN X C   1 
ATOM   696  O  O   . ASN A 1 99  ? -13.153 -7.850  -5.505  1.00 31.94 ? 99  ASN X O   1 
ATOM   697  C  CB  . ASN A 1 99  ? -15.021 -8.692  -3.365  1.00 31.73 ? 99  ASN X CB  1 
ATOM   698  C  CG  . ASN A 1 99  ? -15.226 -10.196 -3.578  1.00 31.41 ? 99  ASN X CG  1 
ATOM   699  O  OD1 . ASN A 1 99  ? -14.318 -10.999 -3.447  1.00 32.71 ? 99  ASN X OD1 1 
ATOM   700  N  ND2 . ASN A 1 99  ? -16.434 -10.566 -3.897  1.00 31.26 ? 99  ASN X ND2 1 
ATOM   701  N  N   . PRO A 1 100 ? -11.668 -9.233  -4.482  1.00 30.92 ? 100 PRO X N   1 
ATOM   702  C  CA  . PRO A 1 100 ? -10.892 -9.458  -5.716  1.00 30.48 ? 100 PRO X CA  1 
ATOM   703  C  C   . PRO A 1 100 ? -11.700 -10.091 -6.843  1.00 29.96 ? 100 PRO X C   1 
ATOM   704  O  O   . PRO A 1 100 ? -11.484 -9.740  -7.992  1.00 29.70 ? 100 PRO X O   1 
ATOM   705  C  CB  . PRO A 1 100 ? -9.765  -10.392 -5.262  1.00 30.50 ? 100 PRO X CB  1 
ATOM   706  C  CG  . PRO A 1 100 ? -9.626  -10.117 -3.806  1.00 31.00 ? 100 PRO X CG  1 
ATOM   707  C  CD  . PRO A 1 100 ? -11.049 -9.896  -3.321  1.00 30.80 ? 100 PRO X CD  1 
ATOM   708  N  N   . LEU A 1 101 ? -12.628 -10.982 -6.505  1.00 30.03 ? 101 LEU X N   1 
ATOM   709  C  CA  . LEU A 1 101 ? -13.556 -11.602 -7.476  1.00 30.17 ? 101 LEU X CA  1 
ATOM   710  C  C   . LEU A 1 101 ? -14.373 -10.592 -8.272  1.00 29.87 ? 101 LEU X C   1 
ATOM   711  O  O   . LEU A 1 101 ? -14.834 -10.895 -9.366  1.00 30.27 ? 101 LEU X O   1 
ATOM   712  C  CB  . LEU A 1 101 ? -14.548 -12.521 -6.754  1.00 30.37 ? 101 LEU X CB  1 
ATOM   713  C  CG  . LEU A 1 101 ? -14.335 -14.041 -6.693  1.00 31.50 ? 101 LEU X CG  1 
ATOM   714  C  CD1 . LEU A 1 101 ? -12.953 -14.512 -7.184  1.00 32.74 ? 101 LEU X CD1 1 
ATOM   715  C  CD2 . LEU A 1 101 ? -14.592 -14.527 -5.300  1.00 30.59 ? 101 LEU X CD2 1 
ATOM   716  N  N   . ALA A 1 102 ? -14.595 -9.419  -7.700  1.00 29.40 ? 102 ALA X N   1 
ATOM   717  C  CA  . ALA A 1 102 ? -15.444 -8.410  -8.324  1.00 29.41 ? 102 ALA X CA  1 
ATOM   718  C  C   . ALA A 1 102 ? -14.638 -7.266  -8.911  1.00 28.97 ? 102 ALA X C   1 
ATOM   719  O  O   . ALA A 1 102 ? -15.214 -6.393  -9.533  1.00 29.21 ? 102 ALA X O   1 
ATOM   720  C  CB  . ALA A 1 102 ? -16.428 -7.865  -7.297  1.00 29.54 ? 102 ALA X CB  1 
ATOM   721  N  N   . SER A 1 103 ? -13.326 -7.257  -8.655  1.00 28.21 ? 103 SER X N   1 
ATOM   722  C  CA  . SER A 1 103 ? -12.399 -6.270  -9.199  1.00 27.34 ? 103 SER X CA  1 
ATOM   723  C  C   . SER A 1 103 ? -12.209 -6.535  -10.666 1.00 27.05 ? 103 SER X C   1 
ATOM   724  O  O   . SER A 1 103 ? -12.279 -7.673  -11.114 1.00 27.97 ? 103 SER X O   1 
ATOM   725  C  CB  . SER A 1 103 ? -11.040 -6.349  -8.505  1.00 27.42 ? 103 SER X CB  1 
ATOM   726  O  OG  . SER A 1 103 ? -11.118 -5.968  -7.149  1.00 26.94 ? 103 SER X OG  1 
ATOM   727  N  N   . ALA A 1 104 ? -11.964 -5.482  -11.425 1.00 26.46 ? 104 ALA X N   1 
ATOM   728  C  CA  . ALA A 1 104 ? -11.981 -5.593  -12.873 1.00 25.89 ? 104 ALA X CA  1 
ATOM   729  C  C   . ALA A 1 104 ? -10.619 -6.077  -13.421 1.00 25.32 ? 104 ALA X C   1 
ATOM   730  O  O   . ALA A 1 104 ? -9.558  -5.725  -12.876 1.00 24.87 ? 104 ALA X O   1 
ATOM   731  C  CB  . ALA A 1 104 ? -12.345 -4.241  -13.468 1.00 26.06 ? 104 ALA X CB  1 
ATOM   732  N  N   . PRO A 1 105 ? -10.640 -6.840  -14.512 1.00 24.26 ? 105 PRO X N   1 
ATOM   733  C  CA  . PRO A 1 105 ? -9.391  -7.234  -15.179 1.00 23.94 ? 105 PRO X CA  1 
ATOM   734  C  C   . PRO A 1 105 ? -8.568  -5.998  -15.473 1.00 22.87 ? 105 PRO X C   1 
ATOM   735  O  O   . PRO A 1 105 ? -9.111  -5.036  -15.988 1.00 22.68 ? 105 PRO X O   1 
ATOM   736  C  CB  . PRO A 1 105 ? -9.865  -7.890  -16.499 1.00 24.27 ? 105 PRO X CB  1 
ATOM   737  C  CG  . PRO A 1 105 ? -11.287 -8.302  -16.240 1.00 24.27 ? 105 PRO X CG  1 
ATOM   738  C  CD  . PRO A 1 105 ? -11.832 -7.330  -15.224 1.00 24.43 ? 105 PRO X CD  1 
ATOM   739  N  N   . GLY A 1 106 ? -7.299  -6.013  -15.121 1.00 21.98 ? 106 GLY X N   1 
ATOM   740  C  CA  . GLY A 1 106 ? -6.446  -4.872  -15.354 1.00 21.82 ? 106 GLY X CA  1 
ATOM   741  C  C   . GLY A 1 106 ? -6.009  -4.261  -14.050 1.00 21.59 ? 106 GLY X C   1 
ATOM   742  O  O   . GLY A 1 106 ? -4.949  -3.626  -13.988 1.00 21.32 ? 106 GLY X O   1 
ATOM   743  N  N   . SER A 1 107 ? -6.852  -4.431  -13.029 1.00 21.25 ? 107 SER X N   1 
ATOM   744  C  CA  . SER A 1 107 ? -6.534  -4.028  -11.678 1.00 21.00 ? 107 SER X CA  1 
ATOM   745  C  C   . SER A 1 107 ? -5.743  -5.153  -11.058 1.00 21.06 ? 107 SER X C   1 
ATOM   746  O  O   . SER A 1 107 ? -5.836  -6.281  -11.513 1.00 20.22 ? 107 SER X O   1 
ATOM   747  C  CB  . SER A 1 107 ? -7.803  -3.711  -10.862 1.00 21.17 ? 107 SER X CB  1 
ATOM   748  O  OG  . SER A 1 107 ? -8.583  -4.855  -10.530 1.00 20.58 ? 107 SER X OG  1 
ATOM   749  N  N   . ILE A 1 108 ? -4.962  -4.814  -10.032 1.00 21.61 ? 108 ILE X N   1 
ATOM   750  C  CA  . ILE A 1 108 ? -4.056  -5.728  -9.353  1.00 21.93 ? 108 ILE X CA  1 
ATOM   751  C  C   . ILE A 1 108 ? -4.820  -6.881  -8.726  1.00 22.57 ? 108 ILE X C   1 
ATOM   752  O  O   . ILE A 1 108 ? -4.517  -8.034  -9.003  1.00 22.68 ? 108 ILE X O   1 
ATOM   753  C  CB  . ILE A 1 108 ? -3.248  -4.981  -8.255  1.00 22.10 ? 108 ILE X CB  1 
ATOM   754  C  CG1 . ILE A 1 108 ? -2.348  -3.913  -8.875  1.00 21.31 ? 108 ILE X CG1 1 
ATOM   755  C  CG2 . ILE A 1 108 ? -2.413  -5.974  -7.417  1.00 21.77 ? 108 ILE X CG2 1 
ATOM   756  C  CD1 . ILE A 1 108 ? -1.572  -3.049  -7.867  1.00 20.64 ? 108 ILE X CD1 1 
ATOM   757  N  N   . ARG A 1 109 ? -5.808  -6.577  -7.880  1.00 23.34 ? 109 ARG X N   1 
ATOM   758  C  CA  . ARG A 1 109 ? -6.638  -7.637  -7.282  1.00 23.72 ? 109 ARG X CA  1 
ATOM   759  C  C   . ARG A 1 109 ? -7.484  -8.341  -8.363  1.00 23.10 ? 109 ARG X C   1 
ATOM   760  O  O   . ARG A 1 109 ? -7.701  -9.539  -8.288  1.00 23.31 ? 109 ARG X O   1 
ATOM   761  C  CB  . ARG A 1 109 ? -7.532  -7.138  -6.129  1.00 24.14 ? 109 ARG X CB  1 
ATOM   762  C  CG  . ARG A 1 109 ? -6.949  -6.003  -5.267  1.00 26.87 ? 109 ARG X CG  1 
ATOM   763  C  CD  . ARG A 1 109 ? -7.051  -6.156  -3.744  1.00 29.46 ? 109 ARG X CD  1 
ATOM   764  N  NE  . ARG A 1 109 ? -8.113  -5.327  -3.152  1.00 30.66 ? 109 ARG X NE  1 
ATOM   765  C  CZ  . ARG A 1 109 ? -8.014  -4.551  -2.065  1.00 29.66 ? 109 ARG X CZ  1 
ATOM   766  N  NH1 . ARG A 1 109 ? -6.901  -4.401  -1.377  1.00 29.49 ? 109 ARG X NH1 1 
ATOM   767  N  NH2 . ARG A 1 109 ? -9.072  -3.901  -1.668  1.00 31.78 ? 109 ARG X NH2 1 
ATOM   768  N  N   . GLY A 1 110 ? -7.921  -7.624  -9.387  1.00 22.57 ? 110 GLY X N   1 
ATOM   769  C  CA  . GLY A 1 110 ? -8.687  -8.250  -10.459 1.00 22.78 ? 110 GLY X CA  1 
ATOM   770  C  C   . GLY A 1 110 ? -7.921  -9.334  -11.210 1.00 23.25 ? 110 GLY X C   1 
ATOM   771  O  O   . GLY A 1 110 ? -8.497  -10.320 -11.647 1.00 23.17 ? 110 GLY X O   1 
ATOM   772  N  N   . ASP A 1 111 ? -6.610  -9.142  -11.335 1.00 24.10 ? 111 ASP X N   1 
ATOM   773  C  CA  . ASP A 1 111 ? -5.704  -10.000 -12.107 1.00 24.51 ? 111 ASP X CA  1 
ATOM   774  C  C   . ASP A 1 111 ? -5.161  -11.153 -11.280 1.00 24.70 ? 111 ASP X C   1 
ATOM   775  O  O   . ASP A 1 111 ? -4.969  -12.240 -11.796 1.00 24.31 ? 111 ASP X O   1 
ATOM   776  C  CB  . ASP A 1 111 ? -4.479  -9.183  -12.576 1.00 24.60 ? 111 ASP X CB  1 
ATOM   777  C  CG  . ASP A 1 111 ? -4.763  -8.310  -13.793 1.00 24.15 ? 111 ASP X CG  1 
ATOM   778  O  OD1 . ASP A 1 111 ? -5.809  -8.488  -14.448 1.00 21.12 ? 111 ASP X OD1 1 
ATOM   779  O  OD2 . ASP A 1 111 ? -3.953  -7.427  -14.175 1.00 24.70 ? 111 ASP X OD2 1 
ATOM   780  N  N   . PHE A 1 112 ? -4.894  -10.882 -10.003 1.00 25.48 ? 112 PHE X N   1 
ATOM   781  C  CA  . PHE A 1 112 ? -4.136  -11.786 -9.122  1.00 26.05 ? 112 PHE X CA  1 
ATOM   782  C  C   . PHE A 1 112 ? -4.901  -12.364 -7.923  1.00 26.02 ? 112 PHE X C   1 
ATOM   783  O  O   . PHE A 1 112 ? -4.548  -13.415 -7.443  1.00 25.33 ? 112 PHE X O   1 
ATOM   784  C  CB  . PHE A 1 112 ? -2.866  -11.069 -8.640  1.00 26.07 ? 112 PHE X CB  1 
ATOM   785  C  CG  . PHE A 1 112 ? -1.942  -10.678 -9.766  1.00 27.75 ? 112 PHE X CG  1 
ATOM   786  C  CD1 . PHE A 1 112 ? -1.386  -11.663 -10.615 1.00 29.51 ? 112 PHE X CD1 1 
ATOM   787  C  CD2 . PHE A 1 112 ? -1.638  -9.350  -10.011 1.00 27.57 ? 112 PHE X CD2 1 
ATOM   788  C  CE1 . PHE A 1 112 ? -0.527  -11.318 -11.678 1.00 27.74 ? 112 PHE X CE1 1 
ATOM   789  C  CE2 . PHE A 1 112 ? -0.789  -9.004  -11.063 1.00 28.48 ? 112 PHE X CE2 1 
ATOM   790  C  CZ  . PHE A 1 112 ? -0.232  -9.995  -11.899 1.00 27.58 ? 112 PHE X CZ  1 
ATOM   791  N  N   . GLY A 1 113 ? -5.941  -11.692 -7.459  1.00 26.65 ? 113 GLY X N   1 
ATOM   792  C  CA  . GLY A 1 113 ? -6.615  -12.091 -6.248  1.00 27.93 ? 113 GLY X CA  1 
ATOM   793  C  C   . GLY A 1 113 ? -7.908  -12.885 -6.362  1.00 29.31 ? 113 GLY X C   1 
ATOM   794  O  O   . GLY A 1 113 ? -8.644  -12.795 -7.343  1.00 29.58 ? 113 GLY X O   1 
ATOM   795  N  N   . VAL A 1 114 ? -8.214  -13.626 -5.302  1.00 30.92 ? 114 VAL X N   1 
ATOM   796  C  CA  . VAL A 1 114 ? -9.404  -14.466 -5.260  1.00 32.37 ? 114 VAL X CA  1 
ATOM   797  C  C   . VAL A 1 114 ? -10.227 -14.443 -3.917  1.00 33.19 ? 114 VAL X C   1 
ATOM   798  O  O   . VAL A 1 114 ? -11.413 -14.774 -3.932  1.00 33.32 ? 114 VAL X O   1 
ATOM   799  C  CB  . VAL A 1 114 ? -9.008  -15.902 -5.691  1.00 32.55 ? 114 VAL X CB  1 
ATOM   800  C  CG1 . VAL A 1 114 ? -9.165  -16.907 -4.558  1.00 33.56 ? 114 VAL X CG1 1 
ATOM   801  C  CG2 . VAL A 1 114 ? -9.803  -16.324 -6.889  1.00 33.11 ? 114 VAL X CG2 1 
ATOM   802  N  N   . ASP A 1 115 ? -9.610  -14.031 -2.801  1.00 33.81 ? 115 ASP X N   1 
ATOM   803  C  CA  . ASP A 1 115 ? -10.230 -14.041 -1.459  1.00 34.12 ? 115 ASP X CA  1 
ATOM   804  C  C   . ASP A 1 115 ? -10.060 -12.704 -0.732  1.00 33.81 ? 115 ASP X C   1 
ATOM   805  O  O   . ASP A 1 115 ? -9.006  -12.101 -0.774  1.00 33.93 ? 115 ASP X O   1 
ATOM   806  C  CB  . ASP A 1 115 ? -9.585  -15.138 -0.602  1.00 34.62 ? 115 ASP X CB  1 
ATOM   807  C  CG  . ASP A 1 115 ? -10.505 -15.653 0.525   1.00 35.52 ? 115 ASP X CG  1 
ATOM   808  O  OD1 . ASP A 1 115 ? -11.660 -15.202 0.629   1.00 37.68 ? 115 ASP X OD1 1 
ATOM   809  O  OD2 . ASP A 1 115 ? -10.151 -16.521 1.353   1.00 34.50 ? 115 ASP X OD2 1 
ATOM   810  N  N   . VAL A 1 116 ? -11.091 -12.264 -0.032  1.00 33.83 ? 116 VAL X N   1 
ATOM   811  C  CA  . VAL A 1 116 ? -11.075 -10.979 0.679   1.00 34.06 ? 116 VAL X CA  1 
ATOM   812  C  C   . VAL A 1 116 ? -9.952  -10.867 1.708   1.00 34.06 ? 116 VAL X C   1 
ATOM   813  O  O   . VAL A 1 116 ? -9.300  -9.826  1.865   1.00 33.54 ? 116 VAL X O   1 
ATOM   814  C  CB  . VAL A 1 116 ? -12.430 -10.758 1.399   1.00 34.22 ? 116 VAL X CB  1 
ATOM   815  C  CG1 . VAL A 1 116 ? -12.387 -9.524  2.259   1.00 34.89 ? 116 VAL X CG1 1 
ATOM   816  C  CG2 . VAL A 1 116 ? -13.568 -10.651 0.366   1.00 34.40 ? 116 VAL X CG2 1 
ATOM   817  N  N   . GLY A 1 117 ? -9.752  -11.959 2.432   1.00 34.68 ? 117 GLY X N   1 
ATOM   818  C  CA  . GLY A 1 117 ? -8.691  -12.034 3.426   1.00 34.55 ? 117 GLY X CA  1 
ATOM   819  C  C   . GLY A 1 117 ? -7.297  -12.150 2.865   1.00 34.14 ? 117 GLY X C   1 
ATOM   820  O  O   . GLY A 1 117 ? -6.344  -12.007 3.596   1.00 34.76 ? 117 GLY X O   1 
ATOM   821  N  N   . ARG A 1 118 ? -7.177  -12.446 1.582   1.00 34.04 ? 118 ARG X N   1 
ATOM   822  C  CA  . ARG A 1 118 ? -5.879  -12.580 0.918   1.00 34.04 ? 118 ARG X CA  1 
ATOM   823  C  C   . ARG A 1 118 ? -5.868  -11.686 -0.324  1.00 32.97 ? 118 ARG X C   1 
ATOM   824  O  O   . ARG A 1 118 ? -5.724  -12.154 -1.454  1.00 32.09 ? 118 ARG X O   1 
ATOM   825  C  CB  . ARG A 1 118 ? -5.631  -14.036 0.511   1.00 34.59 ? 118 ARG X CB  1 
ATOM   826  C  CG  . ARG A 1 118 ? -5.536  -15.025 1.649   1.00 35.52 ? 118 ARG X CG  1 
ATOM   827  C  CD  . ARG A 1 118 ? -4.352  -14.839 2.524   1.00 38.85 ? 118 ARG X CD  1 
ATOM   828  N  NE  . ARG A 1 118 ? -4.792  -14.453 3.872   1.00 44.24 ? 118 ARG X NE  1 
ATOM   829  C  CZ  . ARG A 1 118 ? -4.837  -15.259 4.938   1.00 45.21 ? 118 ARG X CZ  1 
ATOM   830  N  NH1 . ARG A 1 118 ? -4.450  -16.534 4.884   1.00 46.12 ? 118 ARG X NH1 1 
ATOM   831  N  NH2 . ARG A 1 118 ? -5.249  -14.763 6.088   1.00 45.78 ? 118 ARG X NH2 1 
ATOM   832  N  N   . ASN A 1 119 ? -6.040  -10.396 -0.094  1.00 31.94 ? 119 ASN X N   1 
ATOM   833  C  CA  . ASN A 1 119 ? -6.195  -9.476  -1.189  1.00 31.58 ? 119 ASN X CA  1 
ATOM   834  C  C   . ASN A 1 119 ? -4.955  -8.651  -1.510  1.00 31.19 ? 119 ASN X C   1 
ATOM   835  O  O   . ASN A 1 119 ? -5.068  -7.562  -2.049  1.00 30.64 ? 119 ASN X O   1 
ATOM   836  C  CB  . ASN A 1 119 ? -7.477  -8.635  -1.017  1.00 31.65 ? 119 ASN X CB  1 
ATOM   837  C  CG  . ASN A 1 119 ? -7.433  -7.646  0.152   1.00 31.66 ? 119 ASN X CG  1 
ATOM   838  O  OD1 . ASN A 1 119 ? -6.498  -7.597  0.981   1.00 28.98 ? 119 ASN X OD1 1 
ATOM   839  N  ND2 . ASN A 1 119 ? -8.491  -6.847  0.222   1.00 33.71 ? 119 ASN X ND2 1 
ATOM   840  N  N   . ILE A 1 120 ? -3.785  -9.194  -1.161  1.00 31.43 ? 120 ILE X N   1 
ATOM   841  C  CA  . ILE A 1 120 ? -2.478  -8.850  -1.766  1.00 31.66 ? 120 ILE X CA  1 
ATOM   842  C  C   . ILE A 1 120 ? -1.811  -7.547  -1.287  1.00 32.17 ? 120 ILE X C   1 
ATOM   843  O  O   . ILE A 1 120 ? -0.655  -7.547  -0.850  1.00 31.45 ? 120 ILE X O   1 
ATOM   844  C  CB  . ILE A 1 120 ? -2.587  -8.871  -3.337  1.00 31.55 ? 120 ILE X CB  1 
ATOM   845  C  CG1 . ILE A 1 120 ? -2.946  -10.268 -3.841  1.00 29.80 ? 120 ILE X CG1 1 
ATOM   846  C  CG2 . ILE A 1 120 ? -1.285  -8.433  -4.018  1.00 32.61 ? 120 ILE X CG2 1 
ATOM   847  C  CD1 . ILE A 1 120 ? -3.824  -10.238 -5.029  1.00 28.17 ? 120 ILE X CD1 1 
ATOM   848  N  N   . ILE A 1 121 ? -2.537  -6.449  -1.406  1.00 33.62 ? 121 ILE X N   1 
ATOM   849  C  CA  . ILE A 1 121 ? -1.991  -5.099  -1.226  1.00 35.01 ? 121 ILE X CA  1 
ATOM   850  C  C   . ILE A 1 121 ? -3.060  -4.171  -0.652  1.00 36.08 ? 121 ILE X C   1 
ATOM   851  O  O   . ILE A 1 121 ? -4.240  -4.383  -0.899  1.00 35.06 ? 121 ILE X O   1 
ATOM   852  C  CB  . ILE A 1 121 ? -1.554  -4.538  -2.602  1.00 35.08 ? 121 ILE X CB  1 
ATOM   853  C  CG1 . ILE A 1 121 ? -0.939  -3.143  -2.476  1.00 34.52 ? 121 ILE X CG1 1 
ATOM   854  C  CG2 . ILE A 1 121 ? -2.759  -4.511  -3.617  1.00 35.26 ? 121 ILE X CG2 1 
ATOM   855  C  CD1 . ILE A 1 121 ? -0.338  -2.640  -3.750  1.00 34.95 ? 121 ILE X CD1 1 
ATOM   856  N  N   . SEC A 1 122 ? -2.666  -3.141  0.098   1.00 38.64 ? 122 SEC X N   1 
ATOM   857  C  CA  . SEC A 1 122 ? -3.590  -2.031  0.238   1.00 40.93 ? 122 SEC X CA  1 
ATOM   858  C  CB  . SEC A 1 122 ? -4.510  -2.281  1.410   1.00 41.44 ? 122 SEC X CB  1 
ATOM   859  SE SE  . SEC A 1 122 ? -3.560  -2.295  3.072   0.60 52.77 ? 122 SEC X SE  1 
ATOM   860  C  C   . SEC A 1 122 ? -2.947  -0.677  0.299   1.00 39.94 ? 122 SEC X C   1 
ATOM   861  O  O   . SEC A 1 122 ? -1.770  -0.540  0.528   1.00 39.80 ? 122 SEC X O   1 
ATOM   862  N  N   . GLY A 1 123 ? -3.780  0.332   0.047   1.00 39.68 ? 123 GLY X N   1 
ATOM   863  C  CA  . GLY A 1 123 ? -3.388  1.719   0.039   1.00 39.48 ? 123 GLY X CA  1 
ATOM   864  C  C   . GLY A 1 123 ? -4.259  2.562   0.951   1.00 39.71 ? 123 GLY X C   1 
ATOM   865  O  O   . GLY A 1 123 ? -5.350  2.153   1.355   1.00 39.27 ? 123 GLY X O   1 
ATOM   866  N  N   . SER A 1 124 ? -3.773  3.765   1.253   1.00 40.14 ? 124 SER X N   1 
ATOM   867  C  CA  . SER A 1 124 ? -4.494  4.751   2.062   1.00 39.97 ? 124 SER X CA  1 
ATOM   868  C  C   . SER A 1 124 ? -5.830  5.100   1.396   1.00 40.69 ? 124 SER X C   1 
ATOM   869  O  O   . SER A 1 124 ? -5.892  5.191   0.171   1.00 40.33 ? 124 SER X O   1 
ATOM   870  C  CB  . SER A 1 124 ? -3.640  6.008   2.224   1.00 39.68 ? 124 SER X CB  1 
ATOM   871  O  OG  . SER A 1 124 ? -2.347  5.706   2.718   1.00 37.54 ? 124 SER X OG  1 
ATOM   872  N  N   . ASP A 1 125 ? -6.891  5.279   2.193   1.00 41.66 ? 125 ASP X N   1 
ATOM   873  C  CA  . ASP A 1 125 ? -8.209  5.575   1.627   1.00 42.69 ? 125 ASP X CA  1 
ATOM   874  C  C   . ASP A 1 125 ? -8.563  7.062   1.538   1.00 42.74 ? 125 ASP X C   1 
ATOM   875  O  O   . ASP A 1 125 ? -9.616  7.419   1.023   1.00 42.99 ? 125 ASP X O   1 
ATOM   876  C  CB  . ASP A 1 125 ? -9.344  4.719   2.258   1.00 43.47 ? 125 ASP X CB  1 
ATOM   877  C  CG  . ASP A 1 125 ? -9.616  5.015   3.730   1.00 45.94 ? 125 ASP X CG  1 
ATOM   878  O  OD1 . ASP A 1 125 ? -9.569  6.192   4.164   1.00 49.55 ? 125 ASP X OD1 1 
ATOM   879  O  OD2 . ASP A 1 125 ? -9.945  4.098   4.523   1.00 48.86 ? 125 ASP X OD2 1 
ATOM   880  N  N   . SER A 1 126 ? -7.656  7.920   2.005   1.00 43.01 ? 126 SER X N   1 
ATOM   881  C  CA  . SER A 1 126 ? -7.806  9.389   1.935   1.00 42.77 ? 126 SER X CA  1 
ATOM   882  C  C   . SER A 1 126 ? -6.459  10.049  2.178   1.00 42.83 ? 126 SER X C   1 
ATOM   883  O  O   . SER A 1 126 ? -5.521  9.395   2.639   1.00 42.89 ? 126 SER X O   1 
ATOM   884  C  CB  . SER A 1 126 ? -8.733  9.874   3.045   1.00 42.98 ? 126 SER X CB  1 
ATOM   885  O  OG  . SER A 1 126 ? -8.042  9.825   4.296   1.00 41.95 ? 126 SER X OG  1 
ATOM   886  N  N   . VAL A 1 127 ? -6.375  11.351  1.948   1.00 42.85 ? 127 VAL X N   1 
ATOM   887  C  CA  . VAL A 1 127 ? -5.128  12.090  2.211   1.00 43.23 ? 127 VAL X CA  1 
ATOM   888  C  C   . VAL A 1 127 ? -4.781  12.166  3.730   1.00 43.77 ? 127 VAL X C   1 
ATOM   889  O  O   . VAL A 1 127 ? -3.626  12.135  4.117   1.00 43.30 ? 127 VAL X O   1 
ATOM   890  C  CB  . VAL A 1 127 ? -5.182  13.525  1.564   1.00 43.14 ? 127 VAL X CB  1 
ATOM   891  C  CG1 . VAL A 1 127 ? -3.887  14.279  1.784   1.00 43.13 ? 127 VAL X CG1 1 
ATOM   892  C  CG2 . VAL A 1 127 ? -5.481  13.439  0.064   1.00 42.77 ? 127 VAL X CG2 1 
ATOM   893  N  N   . GLU A 1 128 ? -5.791  12.239  4.587   1.00 44.96 ? 128 GLU X N   1 
ATOM   894  C  CA  . GLU A 1 128 ? -5.572  12.327  6.039   1.00 45.87 ? 128 GLU X CA  1 
ATOM   895  C  C   . GLU A 1 128 ? -5.033  11.007  6.577   1.00 45.27 ? 128 GLU X C   1 
ATOM   896  O  O   . GLU A 1 128 ? -4.089  11.013  7.372   1.00 45.37 ? 128 GLU X O   1 
ATOM   897  C  CB  . GLU A 1 128 ? -6.868  12.717  6.800   1.00 46.66 ? 128 GLU X CB  1 
ATOM   898  C  CG  . GLU A 1 128 ? -7.365  14.140  6.523   1.00 49.17 ? 128 GLU X CG  1 
ATOM   899  C  CD  . GLU A 1 128 ? -7.993  14.321  5.125   1.00 52.69 ? 128 GLU X CD  1 
ATOM   900  O  OE1 . GLU A 1 128 ? -8.632  13.367  4.583   1.00 51.87 ? 128 GLU X OE1 1 
ATOM   901  O  OE2 . GLU A 1 128 ? -7.852  15.445  4.566   1.00 55.54 ? 128 GLU X OE2 1 
ATOM   902  N  N   . SER A 1 129 ? -5.650  9.892   6.157   1.00 44.66 ? 129 SER X N   1 
ATOM   903  C  CA  . SER A 1 129 ? -5.142  8.539   6.449   1.00 44.08 ? 129 SER X CA  1 
ATOM   904  C  C   . SER A 1 129 ? -3.684  8.396   5.997   1.00 43.86 ? 129 SER X C   1 
ATOM   905  O  O   . SER A 1 129 ? -2.838  7.980   6.767   1.00 43.79 ? 129 SER X O   1 
ATOM   906  C  CB  . SER A 1 129 ? -5.972  7.474   5.733   1.00 44.17 ? 129 SER X CB  1 
ATOM   907  O  OG  . SER A 1 129 ? -7.320  7.467   6.140   1.00 43.24 ? 129 SER X OG  1 
ATOM   908  N  N   . ALA A 1 130 ? -3.393  8.783   4.760   1.00 43.32 ? 130 ALA X N   1 
ATOM   909  C  CA  . ALA A 1 130 ? -2.055  8.658   4.218   1.00 43.32 ? 130 ALA X CA  1 
ATOM   910  C  C   . ALA A 1 130 ? -0.994  9.335   5.071   1.00 43.59 ? 130 ALA X C   1 
ATOM   911  O  O   . ALA A 1 130 ? 0.040   8.735   5.316   1.00 43.30 ? 130 ALA X O   1 
ATOM   912  C  CB  . ALA A 1 130 ? -2.010  9.187   2.799   1.00 43.41 ? 130 ALA X CB  1 
ATOM   913  N  N   . ASN A 1 131 ? -1.249  10.566  5.527   1.00 44.38 ? 131 ASN X N   1 
ATOM   914  C  CA  . ASN A 1 131 ? -0.299  11.317  6.393   1.00 44.82 ? 131 ASN X CA  1 
ATOM   915  C  C   . ASN A 1 131 ? -0.093  10.643  7.747   1.00 44.38 ? 131 ASN X C   1 
ATOM   916  O  O   . ASN A 1 131 ? 1.028   10.576  8.247   1.00 44.17 ? 131 ASN X O   1 
ATOM   917  C  CB  . ASN A 1 131 ? -0.752  12.770  6.602   1.00 45.27 ? 131 ASN X CB  1 
ATOM   918  C  CG  . ASN A 1 131 ? -0.503  13.645  5.377   1.00 47.06 ? 131 ASN X CG  1 
ATOM   919  O  OD1 . ASN A 1 131 ? 0.616   13.698  4.874   1.00 51.84 ? 131 ASN X OD1 1 
ATOM   920  N  ND2 . ASN A 1 131 ? -1.540  14.321  4.886   1.00 47.04 ? 131 ASN X ND2 1 
ATOM   921  N  N   . ARG A 1 132 ? -1.170  10.112  8.314   1.00 44.16 ? 132 ARG X N   1 
ATOM   922  C  CA  . ARG A 1 132 ? -1.083  9.312   9.538   1.00 44.46 ? 132 ARG X CA  1 
ATOM   923  C  C   . ARG A 1 132 ? -0.216  8.061   9.336   1.00 43.73 ? 132 ARG X C   1 
ATOM   924  O  O   . ARG A 1 132 ? 0.784   7.883   10.034  1.00 43.73 ? 132 ARG X O   1 
ATOM   925  C  CB  . ARG A 1 132 ? -2.482  8.915   10.008  1.00 44.76 ? 132 ARG X CB  1 
ATOM   926  C  CG  . ARG A 1 132 ? -2.553  8.360   11.415  1.00 47.53 ? 132 ARG X CG  1 
ATOM   927  C  CD  . ARG A 1 132 ? -3.983  7.962   11.812  1.00 53.56 ? 132 ARG X CD  1 
ATOM   928  N  NE  . ARG A 1 132 ? -4.371  6.687   11.203  1.00 57.96 ? 132 ARG X NE  1 
ATOM   929  C  CZ  . ARG A 1 132 ? -3.974  5.483   11.651  1.00 62.77 ? 132 ARG X CZ  1 
ATOM   930  N  NH1 . ARG A 1 132 ? -3.189  5.369   12.732  1.00 63.06 ? 132 ARG X NH1 1 
ATOM   931  N  NH2 . ARG A 1 132 ? -4.362  4.379   11.014  1.00 64.66 ? 132 ARG X NH2 1 
ATOM   932  N  N   . GLU A 1 133 ? -0.619  7.224   8.366   1.00 42.92 ? 133 GLU X N   1 
ATOM   933  C  CA  . GLU A 1 133 ? 0.070   5.980   7.968   1.00 41.86 ? 133 GLU X CA  1 
ATOM   934  C  C   . GLU A 1 133 ? 1.555   6.155   7.577   1.00 41.64 ? 133 GLU X C   1 
ATOM   935  O  O   . GLU A 1 133 ? 2.399   5.352   7.989   1.00 41.07 ? 133 GLU X O   1 
ATOM   936  C  CB  . GLU A 1 133 ? -0.685  5.323   6.801   1.00 41.56 ? 133 GLU X CB  1 
ATOM   937  C  CG  . GLU A 1 133 ? -1.870  4.470   7.212   1.00 40.15 ? 133 GLU X CG  1 
ATOM   938  C  CD  . GLU A 1 133 ? -2.925  4.303   6.144   1.00 38.20 ? 133 GLU X CD  1 
ATOM   939  O  OE1 . GLU A 1 133 ? -2.638  4.425   4.961   1.00 39.85 ? 133 GLU X OE1 1 
ATOM   940  O  OE2 . GLU A 1 133 ? -4.070  4.028   6.489   1.00 39.54 ? 133 GLU X OE2 1 
ATOM   941  N  N   . ILE A 1 134 ? 1.866   7.196   6.803   1.00 41.23 ? 134 ILE X N   1 
ATOM   942  C  CA  . ILE A 1 134 ? 3.239   7.437   6.372   1.00 41.79 ? 134 ILE X CA  1 
ATOM   943  C  C   . ILE A 1 134 ? 4.149   7.731   7.568   1.00 42.52 ? 134 ILE X C   1 
ATOM   944  O  O   . ILE A 1 134 ? 5.222   7.123   7.708   1.00 42.41 ? 134 ILE X O   1 
ATOM   945  C  CB  . ILE A 1 134 ? 3.314   8.571   5.318   1.00 41.73 ? 134 ILE X CB  1 
ATOM   946  C  CG1 . ILE A 1 134 ? 2.672   8.127   4.006   1.00 42.43 ? 134 ILE X CG1 1 
ATOM   947  C  CG2 . ILE A 1 134 ? 4.763   8.950   4.989   1.00 41.43 ? 134 ILE X CG2 1 
ATOM   948  C  CD1 . ILE A 1 134 ? 2.243   9.283   3.083   1.00 42.26 ? 134 ILE X CD1 1 
ATOM   949  N  N   . ALA A 1 135 ? 3.711   8.646   8.438   1.00 43.49 ? 135 ALA X N   1 
ATOM   950  C  CA  . ALA A 1 135 ? 4.483   9.027   9.645   1.00 43.91 ? 135 ALA X CA  1 
ATOM   951  C  C   . ALA A 1 135 ? 4.666   7.863   10.637  1.00 43.96 ? 135 ALA X C   1 
ATOM   952  O  O   . ALA A 1 135 ? 5.623   7.844   11.395  1.00 43.67 ? 135 ALA X O   1 
ATOM   953  C  CB  . ALA A 1 135 ? 3.829   10.230  10.335  1.00 44.01 ? 135 ALA X CB  1 
ATOM   954  N  N   . LEU A 1 136 ? 3.764   6.884   10.574  1.00 44.37 ? 136 LEU X N   1 
ATOM   955  C  CA  . LEU A 1 136 ? 3.756   5.706   11.453  1.00 44.59 ? 136 LEU X CA  1 
ATOM   956  C  C   . LEU A 1 136 ? 4.734   4.613   11.041  1.00 44.55 ? 136 LEU X C   1 
ATOM   957  O  O   . LEU A 1 136 ? 5.394   4.007   11.901  1.00 44.68 ? 136 LEU X O   1 
ATOM   958  C  CB  . LEU A 1 136 ? 2.356   5.089   11.447  1.00 44.86 ? 136 LEU X CB  1 
ATOM   959  C  CG  . LEU A 1 136 ? 1.756   4.589   12.758  1.00 46.07 ? 136 LEU X CG  1 
ATOM   960  C  CD1 . LEU A 1 136 ? 0.613   3.606   12.417  1.00 46.68 ? 136 LEU X CD1 1 
ATOM   961  C  CD2 . LEU A 1 136 ? 2.804   3.944   13.698  1.00 46.22 ? 136 LEU X CD2 1 
ATOM   962  N  N   . TRP A 1 137 ? 4.812   4.350   9.730   1.00 44.42 ? 137 TRP X N   1 
ATOM   963  C  CA  . TRP A 1 137 ? 5.669   3.285   9.183   1.00 43.95 ? 137 TRP X CA  1 
ATOM   964  C  C   . TRP A 1 137 ? 7.092   3.768   8.875   1.00 44.58 ? 137 TRP X C   1 
ATOM   965  O  O   . TRP A 1 137 ? 8.020   2.965   8.863   1.00 44.27 ? 137 TRP X O   1 
ATOM   966  C  CB  . TRP A 1 137 ? 5.052   2.683   7.907   1.00 43.46 ? 137 TRP X CB  1 
ATOM   967  C  CG  . TRP A 1 137 ? 3.853   1.774   8.126   1.00 40.53 ? 137 TRP X CG  1 
ATOM   968  C  CD1 . TRP A 1 137 ? 2.577   2.157   8.372   1.00 39.00 ? 137 TRP X CD1 1 
ATOM   969  C  CD2 . TRP A 1 137 ? 3.828   0.348   8.058   1.00 37.60 ? 137 TRP X CD2 1 
ATOM   970  N  NE1 . TRP A 1 137 ? 1.759   1.061   8.505   1.00 37.15 ? 137 TRP X NE1 1 
ATOM   971  C  CE2 . TRP A 1 137 ? 2.502   -0.063  8.304   1.00 37.13 ? 137 TRP X CE2 1 
ATOM   972  C  CE3 . TRP A 1 137 ? 4.796   -0.633  7.821   1.00 37.29 ? 137 TRP X CE3 1 
ATOM   973  C  CZ2 . TRP A 1 137 ? 2.122   -1.403  8.327   1.00 37.55 ? 137 TRP X CZ2 1 
ATOM   974  C  CZ3 . TRP A 1 137 ? 4.419   -1.963  7.839   1.00 36.88 ? 137 TRP X CZ3 1 
ATOM   975  C  CH2 . TRP A 1 137 ? 3.092   -2.337  8.090   1.00 36.91 ? 137 TRP X CH2 1 
ATOM   976  N  N   . PHE A 1 138 ? 7.261   5.068   8.651   1.00 45.83 ? 138 PHE X N   1 
ATOM   977  C  CA  . PHE A 1 138 ? 8.510   5.627   8.114   1.00 47.43 ? 138 PHE X CA  1 
ATOM   978  C  C   . PHE A 1 138 ? 9.056   6.818   8.927   1.00 48.89 ? 138 PHE X C   1 
ATOM   979  O  O   . PHE A 1 138 ? 8.428   7.879   8.983   1.00 49.49 ? 138 PHE X O   1 
ATOM   980  C  CB  . PHE A 1 138 ? 8.278   6.143   6.663   1.00 47.60 ? 138 PHE X CB  1 
ATOM   981  C  CG  . PHE A 1 138 ? 8.304   5.073   5.590   1.00 46.54 ? 138 PHE X CG  1 
ATOM   982  C  CD1 . PHE A 1 138 ? 9.510   4.611   5.079   1.00 45.89 ? 138 PHE X CD1 1 
ATOM   983  C  CD2 . PHE A 1 138 ? 7.120   4.558   5.073   1.00 45.67 ? 138 PHE X CD2 1 
ATOM   984  C  CE1 . PHE A 1 138 ? 9.541   3.636   4.087   1.00 45.18 ? 138 PHE X CE1 1 
ATOM   985  C  CE2 . PHE A 1 138 ? 7.144   3.581   4.095   1.00 45.30 ? 138 PHE X CE2 1 
ATOM   986  C  CZ  . PHE A 1 138 ? 8.362   3.121   3.602   1.00 45.28 ? 138 PHE X CZ  1 
ATOM   987  N  N   . LYS A 1 139 ? 10.234  6.673   9.521   1.00 50.55 ? 139 LYS X N   1 
ATOM   988  C  CA  . LYS A 1 139 ? 10.983  7.844   10.028  1.00 51.89 ? 139 LYS X CA  1 
ATOM   989  C  C   . LYS A 1 139 ? 11.279  8.843   8.878   1.00 52.23 ? 139 LYS X C   1 
ATOM   990  O  O   . LYS A 1 139 ? 11.525  8.429   7.754   1.00 52.47 ? 139 LYS X O   1 
ATOM   991  C  CB  . LYS A 1 139 ? 12.292  7.409   10.719  1.00 52.25 ? 139 LYS X CB  1 
ATOM   992  C  CG  . LYS A 1 139 ? 12.088  6.337   11.829  1.00 54.68 ? 139 LYS X CG  1 
ATOM   993  C  CD  . LYS A 1 139 ? 13.379  5.978   12.596  1.00 57.56 ? 139 LYS X CD  1 
ATOM   994  C  CE  . LYS A 1 139 ? 13.646  6.945   13.783  1.00 60.27 ? 139 LYS X CE  1 
ATOM   995  N  NZ  . LYS A 1 139 ? 13.454  6.297   15.144  1.00 61.58 ? 139 LYS X NZ  1 
ATOM   996  N  N   . PRO A 1 140 ? 11.231  10.145  9.142   1.00 52.79 ? 140 PRO X N   1 
ATOM   997  C  CA  . PRO A 1 140 ? 11.483  11.163  8.103   1.00 52.88 ? 140 PRO X CA  1 
ATOM   998  C  C   . PRO A 1 140 ? 12.821  11.103  7.342   1.00 52.69 ? 140 PRO X C   1 
ATOM   999  O  O   . PRO A 1 140 ? 12.905  11.667  6.251   1.00 52.87 ? 140 PRO X O   1 
ATOM   1000 C  CB  . PRO A 1 140 ? 11.399  12.494  8.879   1.00 53.08 ? 140 PRO X CB  1 
ATOM   1001 C  CG  . PRO A 1 140 ? 10.550  12.186  10.105  1.00 53.21 ? 140 PRO X CG  1 
ATOM   1002 C  CD  . PRO A 1 140 ? 10.873  10.756  10.440  1.00 53.06 ? 140 PRO X CD  1 
ATOM   1003 N  N   . GLU A 1 141 ? 13.846  10.473  7.887   1.00 52.45 ? 141 GLU X N   1 
ATOM   1004 C  CA  . GLU A 1 141 ? 15.116  10.380  7.164   1.00 52.84 ? 141 GLU X CA  1 
ATOM   1005 C  C   . GLU A 1 141 ? 15.124  9.222   6.133   1.00 52.47 ? 141 GLU X C   1 
ATOM   1006 O  O   . GLU A 1 141 ? 16.030  9.132   5.292   1.00 52.75 ? 141 GLU X O   1 
ATOM   1007 C  CB  . GLU A 1 141 ? 16.293  10.253  8.142   1.00 53.28 ? 141 GLU X CB  1 
ATOM   1008 C  CG  . GLU A 1 141 ? 16.266  9.028   9.051   1.00 55.28 ? 141 GLU X CG  1 
ATOM   1009 C  CD  . GLU A 1 141 ? 15.835  9.343   10.482  1.00 58.33 ? 141 GLU X CD  1 
ATOM   1010 O  OE1 . GLU A 1 141 ? 14.916  10.194  10.681  1.00 59.73 ? 141 GLU X OE1 1 
ATOM   1011 O  OE2 . GLU A 1 141 ? 16.416  8.727   11.412  1.00 60.06 ? 141 GLU X OE2 1 
ATOM   1012 N  N   . GLU A 1 142 ? 14.114  8.349   6.222   1.00 51.69 ? 142 GLU X N   1 
ATOM   1013 C  CA  . GLU A 1 142 ? 13.853  7.276   5.251   1.00 50.78 ? 142 GLU X CA  1 
ATOM   1014 C  C   . GLU A 1 142 ? 13.123  7.745   3.976   1.00 50.16 ? 142 GLU X C   1 
ATOM   1015 O  O   . GLU A 1 142 ? 13.018  6.999   3.008   1.00 49.48 ? 142 GLU X O   1 
ATOM   1016 C  CB  . GLU A 1 142 ? 13.037  6.163   5.927   1.00 50.68 ? 142 GLU X CB  1 
ATOM   1017 C  CG  . GLU A 1 142 ? 13.856  5.204   6.791   1.00 49.45 ? 142 GLU X CG  1 
ATOM   1018 C  CD  . GLU A 1 142 ? 13.022  4.478   7.829   1.00 47.71 ? 142 GLU X CD  1 
ATOM   1019 O  OE1 . GLU A 1 142 ? 11.966  4.978   8.221   1.00 46.50 ? 142 GLU X OE1 1 
ATOM   1020 O  OE2 . GLU A 1 142 ? 13.425  3.401   8.265   1.00 47.52 ? 142 GLU X OE2 1 
ATOM   1021 N  N   . LEU A 1 143 ? 12.630  8.977   3.992   1.00 50.06 ? 143 LEU X N   1 
ATOM   1022 C  CA  . LEU A 1 143 ? 11.862  9.543   2.890   1.00 50.26 ? 143 LEU X CA  1 
ATOM   1023 C  C   . LEU A 1 143 ? 12.651  10.589  2.118   1.00 50.94 ? 143 LEU X C   1 
ATOM   1024 O  O   . LEU A 1 143 ? 13.358  11.407  2.690   1.00 51.10 ? 143 LEU X O   1 
ATOM   1025 C  CB  . LEU A 1 143 ? 10.559  10.167  3.395   1.00 49.72 ? 143 LEU X CB  1 
ATOM   1026 C  CG  . LEU A 1 143 ? 9.633   9.202   4.125   1.00 49.72 ? 143 LEU X CG  1 
ATOM   1027 C  CD1 . LEU A 1 143 ? 8.458   9.922   4.751   1.00 49.68 ? 143 LEU X CD1 1 
ATOM   1028 C  CD2 . LEU A 1 143 ? 9.137   8.111   3.193   1.00 49.79 ? 143 LEU X CD2 1 
ATOM   1029 N  N   . LEU A 1 144 ? 12.505  10.547  0.803   1.00 52.07 ? 144 LEU X N   1 
ATOM   1030 C  CA  . LEU A 1 144 ? 13.105  11.521  -0.089  1.00 52.98 ? 144 LEU X CA  1 
ATOM   1031 C  C   . LEU A 1 144 ? 12.484  12.894  0.127   1.00 54.27 ? 144 LEU X C   1 
ATOM   1032 O  O   . LEU A 1 144 ? 11.270  13.029  0.285   1.00 53.80 ? 144 LEU X O   1 
ATOM   1033 C  CB  . LEU A 1 144 ? 12.914  11.083  -1.546  1.00 52.76 ? 144 LEU X CB  1 
ATOM   1034 C  CG  . LEU A 1 144 ? 14.135  10.538  -2.276  1.00 52.31 ? 144 LEU X CG  1 
ATOM   1035 C  CD1 . LEU A 1 144 ? 14.917  9.498   -1.463  1.00 52.49 ? 144 LEU X CD1 1 
ATOM   1036 C  CD2 . LEU A 1 144 ? 13.669  9.957   -3.586  1.00 52.55 ? 144 LEU X CD2 1 
ATOM   1037 N  N   . THR A 1 145 ? 13.344  13.902  0.135   1.00 56.33 ? 145 THR X N   1 
ATOM   1038 C  CA  . THR A 1 145 ? 12.943  15.298  0.323   1.00 58.05 ? 145 THR X CA  1 
ATOM   1039 C  C   . THR A 1 145 ? 12.811  15.942  -1.059  1.00 59.44 ? 145 THR X C   1 
ATOM   1040 O  O   . THR A 1 145 ? 11.799  16.554  -1.387  1.00 58.89 ? 145 THR X O   1 
ATOM   1041 C  CB  . THR A 1 145 ? 13.985  16.035  1.244   1.00 58.19 ? 145 THR X CB  1 
ATOM   1042 O  OG1 . THR A 1 145 ? 15.262  16.146  0.596   1.00 58.30 ? 145 THR X OG1 1 
ATOM   1043 C  CG2 . THR A 1 145 ? 14.324  15.185  2.499   1.00 58.23 ? 145 THR X CG2 1 
ATOM   1044 N  N   . GLU A 1 146 ? 13.833  15.730  -1.883  1.00 61.77 ? 146 GLU X N   1 
ATOM   1045 C  CA  . GLU A 1 146 ? 13.892  16.266  -3.246  1.00 63.75 ? 146 GLU X CA  1 
ATOM   1046 C  C   . GLU A 1 146 ? 13.441  15.217  -4.293  1.00 64.30 ? 146 GLU X C   1 
ATOM   1047 O  O   . GLU A 1 146 ? 14.142  14.216  -4.534  1.00 64.35 ? 146 GLU X O   1 
ATOM   1048 C  CB  . GLU A 1 146 ? 15.314  16.803  -3.569  1.00 64.42 ? 146 GLU X CB  1 
ATOM   1049 C  CG  . GLU A 1 146 ? 16.492  15.824  -3.350  1.00 66.68 ? 146 GLU X CG  1 
ATOM   1050 C  CD  . GLU A 1 146 ? 17.878  16.487  -3.471  1.00 69.29 ? 146 GLU X CD  1 
ATOM   1051 O  OE1 . GLU A 1 146 ? 18.125  17.194  -4.489  1.00 69.12 ? 146 GLU X OE1 1 
ATOM   1052 O  OE2 . GLU A 1 146 ? 18.723  16.288  -2.548  1.00 70.24 ? 146 GLU X OE2 1 
ATOM   1053 N  N   . VAL A 1 147 ? 12.272  15.461  -4.896  1.00 64.83 ? 147 VAL X N   1 
ATOM   1054 C  CA  . VAL A 1 147 ? 11.732  14.621  -5.970  1.00 65.27 ? 147 VAL X CA  1 
ATOM   1055 C  C   . VAL A 1 147 ? 11.890  15.268  -7.344  1.00 65.61 ? 147 VAL X C   1 
ATOM   1056 O  O   . VAL A 1 147 ? 11.497  16.413  -7.561  1.00 65.66 ? 147 VAL X O   1 
ATOM   1057 C  CB  . VAL A 1 147 ? 10.238  14.324  -5.750  1.00 65.27 ? 147 VAL X CB  1 
ATOM   1058 C  CG1 . VAL A 1 147 ? 9.652   13.581  -6.932  1.00 65.32 ? 147 VAL X CG1 1 
ATOM   1059 C  CG2 . VAL A 1 147 ? 10.051  13.515  -4.497  1.00 65.76 ? 147 VAL X CG2 1 
ATOM   1060 N  N   . LYS A 1 148 ? 12.453  14.510  -8.276  1.00 66.19 ? 148 LYS X N   1 
ATOM   1061 C  CA  . LYS A 1 148 ? 12.561  14.942  -9.666  1.00 66.67 ? 148 LYS X CA  1 
ATOM   1062 C  C   . LYS A 1 148 ? 11.863  13.908  -10.567 1.00 66.02 ? 148 LYS X C   1 
ATOM   1063 O  O   . LYS A 1 148 ? 12.394  12.807  -10.792 1.00 66.14 ? 148 LYS X O   1 
ATOM   1064 C  CB  . LYS A 1 148 ? 14.038  15.118  -10.061 1.00 67.23 ? 148 LYS X CB  1 
ATOM   1065 C  CG  . LYS A 1 148 ? 14.700  16.390  -9.463  1.00 69.37 ? 148 LYS X CG  1 
ATOM   1066 C  CD  . LYS A 1 148 ? 15.908  16.885  -10.302 1.00 71.74 ? 148 LYS X CD  1 
ATOM   1067 C  CE  . LYS A 1 148 ? 15.597  18.155  -11.122 1.00 73.11 ? 148 LYS X CE  1 
ATOM   1068 N  NZ  . LYS A 1 148 ? 14.202  18.180  -11.689 1.00 74.36 ? 148 LYS X NZ  1 
ATOM   1069 N  N   . PRO A 1 149 ? 10.658  14.234  -11.043 1.00 65.06 ? 149 PRO X N   1 
ATOM   1070 C  CA  . PRO A 1 149 ? 9.973   13.383  -12.027 1.00 64.20 ? 149 PRO X CA  1 
ATOM   1071 C  C   . PRO A 1 149 ? 10.218  13.841  -13.476 1.00 63.08 ? 149 PRO X C   1 
ATOM   1072 O  O   . PRO A 1 149 ? 10.503  15.026  -13.725 1.00 63.28 ? 149 PRO X O   1 
ATOM   1073 C  CB  . PRO A 1 149 ? 8.486   13.556  -11.656 1.00 64.38 ? 149 PRO X CB  1 
ATOM   1074 C  CG  . PRO A 1 149 ? 8.397   14.964  -11.022 1.00 64.83 ? 149 PRO X CG  1 
ATOM   1075 C  CD  . PRO A 1 149 ? 9.832   15.403  -10.670 1.00 65.02 ? 149 PRO X CD  1 
ATOM   1076 N  N   . ASN A 1 150 ? 10.103  12.892  -14.409 1.00 61.33 ? 150 ASN X N   1 
ATOM   1077 C  CA  . ASN A 1 150 ? 9.942   13.176  -15.837 1.00 59.56 ? 150 ASN X CA  1 
ATOM   1078 C  C   . ASN A 1 150 ? 9.243   14.521  -16.107 1.00 58.18 ? 150 ASN X C   1 
ATOM   1079 O  O   . ASN A 1 150 ? 8.162   14.765  -15.583 1.00 58.18 ? 150 ASN X O   1 
ATOM   1080 C  CB  . ASN A 1 150 ? 9.114   12.061  -16.463 1.00 59.33 ? 150 ASN X CB  1 
ATOM   1081 C  CG  . ASN A 1 150 ? 9.754   11.472  -17.692 1.00 59.80 ? 150 ASN X CG  1 
ATOM   1082 O  OD1 . ASN A 1 150 ? 9.877   12.135  -18.724 1.00 61.23 ? 150 ASN X OD1 1 
ATOM   1083 N  ND2 . ASN A 1 150 ? 10.133  10.206  -17.609 1.00 59.66 ? 150 ASN X ND2 1 
ATOM   1084 N  N   . PRO A 1 151 ? 9.853   15.412  -16.894 1.00 56.70 ? 151 PRO X N   1 
ATOM   1085 C  CA  . PRO A 1 151 ? 9.141   16.636  -17.339 1.00 55.07 ? 151 PRO X CA  1 
ATOM   1086 C  C   . PRO A 1 151 ? 8.119   16.323  -18.428 1.00 53.13 ? 151 PRO X C   1 
ATOM   1087 O  O   . PRO A 1 151 ? 7.303   17.191  -18.791 1.00 53.68 ? 151 PRO X O   1 
ATOM   1088 C  CB  . PRO A 1 151 ? 10.253  17.523  -17.910 1.00 55.17 ? 151 PRO X CB  1 
ATOM   1089 C  CG  . PRO A 1 151 ? 11.359  16.527  -18.344 1.00 56.24 ? 151 PRO X CG  1 
ATOM   1090 C  CD  . PRO A 1 151 ? 11.247  15.344  -17.402 1.00 56.75 ? 151 PRO X CD  1 
ATOM   1091 N  N   . ASN A 1 152 ? 8.160   15.096  -18.951 1.00 50.16 ? 152 ASN X N   1 
ATOM   1092 C  CA  . ASN A 1 152 ? 7.182   14.667  -19.939 1.00 47.71 ? 152 ASN X CA  1 
ATOM   1093 C  C   . ASN A 1 152 ? 5.875   14.217  -19.344 1.00 46.24 ? 152 ASN X C   1 
ATOM   1094 O  O   . ASN A 1 152 ? 5.011   13.762  -20.071 1.00 46.09 ? 152 ASN X O   1 
ATOM   1095 C  CB  . ASN A 1 152 ? 7.754   13.549  -20.778 1.00 47.31 ? 152 ASN X CB  1 
ATOM   1096 C  CG  . ASN A 1 152 ? 8.956   13.979  -21.519 1.00 44.49 ? 152 ASN X CG  1 
ATOM   1097 O  OD1 . ASN A 1 152 ? 8.859   14.753  -22.449 1.00 40.13 ? 152 ASN X OD1 1 
ATOM   1098 N  ND2 . ASN A 1 152 ? 10.106  13.518  -21.091 1.00 42.00 ? 152 ASN X ND2 1 
ATOM   1099 N  N   . LEU A 1 153 ? 5.731   14.369  -18.034 1.00 44.72 ? 153 LEU X N   1 
ATOM   1100 C  CA  . LEU A 1 153 ? 4.586   13.883  -17.294 1.00 44.13 ? 153 LEU X CA  1 
ATOM   1101 C  C   . LEU A 1 153 ? 3.629   14.997  -16.890 1.00 43.37 ? 153 LEU X C   1 
ATOM   1102 O  O   . LEU A 1 153 ? 2.415   14.820  -16.916 1.00 42.88 ? 153 LEU X O   1 
ATOM   1103 C  CB  . LEU A 1 153 ? 5.084   13.185  -16.036 1.00 44.44 ? 153 LEU X CB  1 
ATOM   1104 C  CG  . LEU A 1 153 ? 5.193   11.674  -16.112 1.00 45.70 ? 153 LEU X CG  1 
ATOM   1105 C  CD1 . LEU A 1 153 ? 5.979   11.163  -14.922 1.00 46.34 ? 153 LEU X CD1 1 
ATOM   1106 C  CD2 . LEU A 1 153 ? 3.783   11.080  -16.141 1.00 46.99 ? 153 LEU X CD2 1 
ATOM   1107 N  N   . TYR A 1 154 ? 4.194   16.136  -16.486 1.00 42.96 ? 154 TYR X N   1 
ATOM   1108 C  CA  . TYR A 1 154 ? 3.417   17.300  -16.080 1.00 42.21 ? 154 TYR X CA  1 
ATOM   1109 C  C   . TYR A 1 154 ? 3.625   18.486  -17.013 1.00 42.65 ? 154 TYR X C   1 
ATOM   1110 O  O   . TYR A 1 154 ? 4.682   18.672  -17.606 1.00 42.20 ? 154 TYR X O   1 
ATOM   1111 C  CB  . TYR A 1 154 ? 3.777   17.696  -14.654 1.00 41.64 ? 154 TYR X CB  1 
ATOM   1112 C  CG  . TYR A 1 154 ? 3.452   16.629  -13.638 1.00 39.71 ? 154 TYR X CG  1 
ATOM   1113 C  CD1 . TYR A 1 154 ? 2.140   16.294  -13.335 1.00 37.30 ? 154 TYR X CD1 1 
ATOM   1114 C  CD2 . TYR A 1 154 ? 4.459   15.926  -12.999 1.00 38.80 ? 154 TYR X CD2 1 
ATOM   1115 C  CE1 . TYR A 1 154 ? 1.847   15.317  -12.390 1.00 35.07 ? 154 TYR X CE1 1 
ATOM   1116 C  CE2 . TYR A 1 154 ? 4.164   14.941  -12.073 1.00 37.15 ? 154 TYR X CE2 1 
ATOM   1117 C  CZ  . TYR A 1 154 ? 2.866   14.648  -11.781 1.00 35.27 ? 154 TYR X CZ  1 
ATOM   1118 O  OH  . TYR A 1 154 ? 2.619   13.665  -10.867 1.00 37.60 ? 154 TYR X OH  1 
ATOM   1119 N  N   . GLU A 1 155 ? 2.587   19.303  -17.101 1.00 43.59 ? 155 GLU X N   1 
ATOM   1120 C  CA  . GLU A 1 155 ? 2.535   20.433  -18.013 1.00 44.31 ? 155 GLU X CA  1 
ATOM   1121 C  C   . GLU A 1 155 ? 2.926   21.776  -17.352 1.00 43.89 ? 155 GLU X C   1 
ATOM   1122 O  O   . GLU A 1 155 ? 3.024   21.871  -16.132 1.00 43.56 ? 155 GLU X O   1 
ATOM   1123 C  CB  . GLU A 1 155 ? 1.138   20.471  -18.641 1.00 44.67 ? 155 GLU X CB  1 
ATOM   1124 C  CG  . GLU A 1 155 ? 0.194   21.590  -18.212 1.00 46.61 ? 155 GLU X CG  1 
ATOM   1125 C  CD  . GLU A 1 155 ? -0.753  21.947  -19.347 1.00 49.22 ? 155 GLU X CD  1 
ATOM   1126 O  OE1 . GLU A 1 155 ? -0.269  22.563  -20.334 1.00 49.40 ? 155 GLU X OE1 1 
ATOM   1127 O  OE2 . GLU A 1 155 ? -1.953  21.573  -19.278 1.00 50.24 ? 155 GLU X OE2 1 
HETATM 1128 SE SE  . SE  B 2 .   ? -3.020  -0.007  3.512   0.85 62.29 ? 156 SE  X SE  1 
HETATM 1129 SE SE  . SE  C 2 .   ? -6.134  -3.465  3.320   0.40 67.60 ? 157 SE  X SE  1 
HETATM 1130 O  O   . HOH D 3 .   ? -6.715  -14.581 -2.938  1.00 23.05 ? 158 HOH X O   1 
HETATM 1131 O  O   . HOH D 3 .   ? -2.847  -1.940  -11.991 1.00 18.48 ? 159 HOH X O   1 
HETATM 1132 O  O   . HOH D 3 .   ? -6.127  11.571  -4.487  1.00 29.96 ? 160 HOH X O   1 
HETATM 1133 O  O   . HOH D 3 .   ? 12.842  7.166   -6.521  1.00 19.53 ? 161 HOH X O   1 
HETATM 1134 O  O   . HOH D 3 .   ? -4.028  -10.000 2.393   1.00 32.19 ? 162 HOH X O   1 
HETATM 1135 O  O   . HOH D 3 .   ? -5.634  6.531   -12.225 1.00 27.03 ? 163 HOH X O   1 
HETATM 1136 O  O   . HOH D 3 .   ? -3.997  5.314   -1.978  1.00 22.03 ? 164 HOH X O   1 
HETATM 1137 O  O   . HOH D 3 .   ? 13.097  4.163   2.163   1.00 30.00 ? 165 HOH X O   1 
HETATM 1138 O  O   . HOH D 3 .   ? 6.935   -9.808  -8.995  1.00 21.28 ? 166 HOH X O   1 
HETATM 1139 O  O   . HOH D 3 .   ? -11.127 -4.755  -17.777 1.00 24.92 ? 167 HOH X O   1 
HETATM 1140 O  O   . HOH D 3 .   ? -4.965  15.191  -14.494 1.00 29.23 ? 168 HOH X O   1 
HETATM 1141 O  O   . HOH D 3 .   ? -2.846  15.969  -5.860  1.00 32.89 ? 169 HOH X O   1 
HETATM 1142 O  O   . HOH D 3 .   ? 10.781  6.434   -8.443  1.00 30.47 ? 170 HOH X O   1 
HETATM 1143 O  O   . HOH D 3 .   ? 4.883   12.038  -10.094 1.00 34.71 ? 171 HOH X O   1 
HETATM 1144 O  O   . HOH D 3 .   ? 11.620  4.126   -10.200 1.00 27.44 ? 172 HOH X O   1 
# 
